data_2MJI
#
_entry.id   2MJI
#
loop_
_entity.id
_entity.type
_entity.pdbx_description
1 polymer 'Fatty acid-binding protein, intestinal'
2 non-polymer '(1R)-5-benzoyl-2,3-dihydro-1H-pyrrolizine-1-carboxylic acid'
#
_entity_poly.entity_id   1
_entity_poly.type   'polypeptide(L)'
_entity_poly.pdbx_seq_one_letter_code
;AFDSTWKVDRSENYDKFMEKMGVNIVKRKLAAHDNLKLTITQEGNKFTVKESSAFRNIEVVFELGVTFNYNLADGTELRG
TWSLEGNKLIGKFKRTDNGNELNTVREIIGDELVQTYVYEGVEAKRIFKKD
;
_entity_poly.pdbx_strand_id   A
#
# COMPACT_ATOMS: atom_id res chain seq x y z
N ALA A 1 0.83 11.21 -14.16
CA ALA A 1 0.80 12.18 -13.03
C ALA A 1 0.70 11.45 -11.69
N PHE A 2 1.75 10.74 -11.32
CA PHE A 2 1.77 9.99 -10.07
C PHE A 2 2.30 10.86 -8.93
N ASP A 3 3.43 11.52 -9.17
CA ASP A 3 4.06 12.39 -8.17
C ASP A 3 3.06 13.42 -7.66
N SER A 4 2.65 13.28 -6.40
CA SER A 4 1.70 14.21 -5.79
C SER A 4 1.27 13.72 -4.42
N THR A 5 0.41 14.51 -3.77
CA THR A 5 -0.11 14.16 -2.45
C THR A 5 -1.38 13.33 -2.63
N TRP A 6 -1.38 12.12 -2.10
CA TRP A 6 -2.54 11.24 -2.25
C TRP A 6 -3.22 10.96 -0.93
N LYS A 7 -4.52 11.16 -0.92
CA LYS A 7 -5.35 10.92 0.27
C LYS A 7 -6.42 9.87 -0.04
N VAL A 8 -6.29 8.72 0.60
CA VAL A 8 -7.23 7.64 0.39
C VAL A 8 -8.63 8.02 0.89
N ASP A 9 -9.65 7.64 0.13
CA ASP A 9 -11.02 7.97 0.49
C ASP A 9 -11.73 6.77 1.13
N ARG A 10 -12.06 5.77 0.31
CA ARG A 10 -12.73 4.58 0.82
C ARG A 10 -11.88 3.34 0.59
N SER A 11 -12.18 2.27 1.32
CA SER A 11 -11.44 1.02 1.19
C SER A 11 -12.38 -0.18 1.23
N GLU A 12 -11.89 -1.32 0.76
CA GLU A 12 -12.68 -2.55 0.74
C GLU A 12 -11.82 -3.74 1.15
N ASN A 13 -12.33 -4.54 2.09
CA ASN A 13 -11.62 -5.70 2.58
C ASN A 13 -10.26 -5.32 3.17
N TYR A 14 -10.08 -4.04 3.47
CA TYR A 14 -8.83 -3.58 4.05
C TYR A 14 -8.56 -4.36 5.33
N ASP A 15 -9.60 -4.51 6.15
CA ASP A 15 -9.48 -5.26 7.40
C ASP A 15 -9.02 -6.69 7.10
N LYS A 16 -9.40 -7.17 5.92
CA LYS A 16 -9.03 -8.50 5.46
C LYS A 16 -7.54 -8.70 5.58
N PHE A 17 -6.79 -7.68 5.17
CA PHE A 17 -5.34 -7.74 5.21
C PHE A 17 -4.84 -7.70 6.65
N MET A 18 -5.58 -7.01 7.51
CA MET A 18 -5.22 -6.91 8.92
C MET A 18 -5.27 -8.27 9.60
N GLU A 19 -6.18 -9.14 9.15
CA GLU A 19 -6.32 -10.47 9.76
C GLU A 19 -5.39 -11.51 9.13
N LYS A 20 -5.55 -11.75 7.83
CA LYS A 20 -4.74 -12.75 7.14
C LYS A 20 -3.24 -12.42 7.26
N MET A 21 -2.91 -11.14 7.19
CA MET A 21 -1.53 -10.71 7.29
C MET A 21 -1.15 -10.43 8.74
N GLY A 22 -2.16 -10.26 9.60
CA GLY A 22 -1.91 -9.98 11.00
C GLY A 22 -1.37 -8.58 11.21
N VAL A 23 -2.05 -7.59 10.63
CA VAL A 23 -1.63 -6.20 10.75
C VAL A 23 -2.22 -5.57 12.01
N ASN A 24 -1.36 -5.00 12.85
CA ASN A 24 -1.79 -4.37 14.08
C ASN A 24 -2.94 -3.39 13.83
N ILE A 25 -3.71 -3.15 14.87
CA ILE A 25 -4.84 -2.23 14.78
C ILE A 25 -4.43 -0.80 15.08
N VAL A 26 -3.56 -0.64 16.09
CA VAL A 26 -3.07 0.68 16.48
C VAL A 26 -2.52 1.44 15.28
N LYS A 27 -1.73 0.77 14.46
CA LYS A 27 -1.15 1.37 13.28
C LYS A 27 -2.19 1.44 12.16
N ARG A 28 -3.08 0.45 12.14
CA ARG A 28 -4.13 0.37 11.15
C ARG A 28 -5.22 1.41 11.42
N LYS A 29 -5.29 1.89 12.66
CA LYS A 29 -6.29 2.89 13.05
C LYS A 29 -6.47 3.97 11.99
N LEU A 30 -5.39 4.63 11.63
CA LEU A 30 -5.43 5.69 10.62
C LEU A 30 -5.02 5.17 9.25
N ALA A 31 -4.27 4.07 9.25
CA ALA A 31 -3.80 3.47 8.01
C ALA A 31 -4.90 2.66 7.33
N ALA A 32 -5.97 2.35 8.06
CA ALA A 32 -7.07 1.57 7.52
C ALA A 32 -7.64 2.18 6.25
N HIS A 33 -7.92 3.48 6.28
CA HIS A 33 -8.47 4.19 5.11
C HIS A 33 -9.05 5.55 5.49
N ASP A 34 -9.70 5.61 6.65
CA ASP A 34 -10.31 6.85 7.14
C ASP A 34 -9.30 8.00 7.17
N ASN A 35 -8.22 7.82 7.93
CA ASN A 35 -7.20 8.85 8.05
C ASN A 35 -5.86 8.34 7.56
N LEU A 36 -5.79 8.02 6.26
CA LEU A 36 -4.56 7.53 5.66
C LEU A 36 -4.10 8.44 4.53
N LYS A 37 -2.84 8.87 4.61
CA LYS A 37 -2.26 9.73 3.60
C LYS A 37 -1.13 9.02 2.90
N LEU A 38 -1.27 8.86 1.60
CA LEU A 38 -0.28 8.19 0.78
C LEU A 38 0.37 9.20 -0.15
N THR A 39 1.65 9.49 0.07
CA THR A 39 2.36 10.47 -0.76
C THR A 39 3.23 9.79 -1.80
N ILE A 40 3.33 10.42 -2.97
CA ILE A 40 4.13 9.88 -4.06
C ILE A 40 5.19 10.89 -4.51
N THR A 41 6.44 10.45 -4.52
CA THR A 41 7.55 11.29 -4.94
C THR A 41 8.48 10.52 -5.87
N GLN A 42 7.98 10.19 -7.05
CA GLN A 42 8.74 9.44 -8.04
C GLN A 42 10.11 10.07 -8.29
N GLU A 43 11.15 9.31 -8.02
CA GLU A 43 12.53 9.76 -8.22
C GLU A 43 13.31 8.73 -9.01
N GLY A 44 13.48 8.98 -10.31
CA GLY A 44 14.20 8.04 -11.16
C GLY A 44 13.52 6.68 -11.19
N ASN A 45 14.28 5.62 -10.93
CA ASN A 45 13.71 4.28 -10.93
C ASN A 45 13.18 3.92 -9.55
N LYS A 46 13.04 4.93 -8.69
CA LYS A 46 12.55 4.71 -7.34
C LYS A 46 11.55 5.80 -6.93
N PHE A 47 10.47 5.38 -6.27
CA PHE A 47 9.44 6.31 -5.82
C PHE A 47 9.42 6.41 -4.30
N THR A 48 9.39 7.63 -3.78
CA THR A 48 9.35 7.85 -2.34
C THR A 48 7.91 7.90 -1.84
N VAL A 49 7.66 7.26 -0.70
CA VAL A 49 6.31 7.25 -0.14
C VAL A 49 6.28 7.88 1.25
N LYS A 50 5.64 9.04 1.35
CA LYS A 50 5.51 9.74 2.61
C LYS A 50 4.10 9.62 3.15
N GLU A 51 3.94 8.90 4.24
CA GLU A 51 2.61 8.71 4.84
C GLU A 51 2.37 9.69 5.97
N SER A 52 1.20 10.30 5.97
CA SER A 52 0.82 11.26 6.99
C SER A 52 -0.38 10.75 7.80
N SER A 53 -0.34 10.97 9.10
CA SER A 53 -1.41 10.53 9.98
C SER A 53 -1.56 11.46 11.17
N ALA A 54 -2.62 11.26 11.96
CA ALA A 54 -2.86 12.10 13.13
C ALA A 54 -1.64 12.15 14.03
N PHE A 55 -1.32 11.05 14.68
CA PHE A 55 -0.16 10.98 15.57
C PHE A 55 0.88 9.99 15.05
N ARG A 56 0.43 9.00 14.30
CA ARG A 56 1.33 7.99 13.75
C ARG A 56 1.90 8.44 12.40
N ASN A 57 3.08 7.93 12.06
CA ASN A 57 3.74 8.27 10.80
C ASN A 57 4.26 7.02 10.11
N ILE A 58 4.25 7.05 8.78
CA ILE A 58 4.72 5.92 7.98
C ILE A 58 5.40 6.40 6.70
N GLU A 59 6.28 5.57 6.15
CA GLU A 59 6.99 5.92 4.94
C GLU A 59 7.74 4.70 4.39
N VAL A 60 7.81 4.61 3.06
CA VAL A 60 8.49 3.50 2.41
C VAL A 60 8.92 3.87 0.99
N VAL A 61 10.21 3.78 0.73
CA VAL A 61 10.74 4.08 -0.59
C VAL A 61 10.44 2.94 -1.55
N PHE A 62 10.28 3.25 -2.83
CA PHE A 62 9.98 2.25 -3.84
C PHE A 62 10.99 2.28 -4.95
N GLU A 63 11.20 1.14 -5.57
CA GLU A 63 12.16 1.03 -6.66
C GLU A 63 11.72 -0.03 -7.65
N LEU A 64 11.48 0.37 -8.89
CA LEU A 64 11.04 -0.55 -9.93
C LEU A 64 12.08 -1.65 -10.14
N GLY A 65 11.77 -2.85 -9.68
CA GLY A 65 12.69 -3.97 -9.82
C GLY A 65 13.37 -4.29 -8.50
N VAL A 66 12.71 -3.95 -7.41
CA VAL A 66 13.24 -4.20 -6.08
C VAL A 66 12.15 -4.73 -5.16
N THR A 67 12.57 -5.37 -4.07
CA THR A 67 11.62 -5.95 -3.13
C THR A 67 11.10 -4.93 -2.13
N PHE A 68 9.86 -5.13 -1.70
CA PHE A 68 9.21 -4.26 -0.73
C PHE A 68 9.61 -4.67 0.68
N ASN A 69 9.56 -3.72 1.60
CA ASN A 69 9.93 -4.00 2.99
C ASN A 69 8.95 -3.37 3.96
N TYR A 70 8.42 -4.18 4.86
CA TYR A 70 7.47 -3.70 5.86
C TYR A 70 7.49 -4.60 7.10
N ASN A 71 8.69 -5.04 7.47
CA ASN A 71 8.86 -5.90 8.63
C ASN A 71 8.62 -5.14 9.93
N LEU A 72 7.54 -5.50 10.63
CA LEU A 72 7.19 -4.84 11.88
C LEU A 72 6.65 -5.85 12.88
N ALA A 73 7.52 -6.31 13.78
CA ALA A 73 7.12 -7.29 14.80
C ALA A 73 5.94 -6.78 15.61
N ASP A 74 5.82 -5.46 15.71
CA ASP A 74 4.73 -4.85 16.46
C ASP A 74 3.40 -5.04 15.74
N GLY A 75 3.45 -5.11 14.43
CA GLY A 75 2.24 -5.30 13.65
C GLY A 75 2.32 -6.49 12.72
N THR A 76 3.03 -6.31 11.60
CA THR A 76 3.18 -7.38 10.62
C THR A 76 4.40 -7.16 9.73
N GLU A 77 4.80 -8.19 9.03
CA GLU A 77 5.96 -8.11 8.13
C GLU A 77 5.57 -8.57 6.72
N LEU A 78 5.76 -7.69 5.75
CA LEU A 78 5.43 -8.01 4.36
C LEU A 78 6.54 -7.55 3.41
N ARG A 79 7.05 -8.50 2.62
CA ARG A 79 8.12 -8.21 1.65
C ARG A 79 7.74 -8.71 0.26
N GLY A 80 7.78 -7.83 -0.73
CA GLY A 80 7.44 -8.25 -2.08
C GLY A 80 8.24 -7.51 -3.15
N THR A 81 7.55 -6.81 -4.03
CA THR A 81 8.21 -6.05 -5.10
C THR A 81 7.29 -4.94 -5.61
N TRP A 82 7.82 -4.12 -6.52
CA TRP A 82 7.06 -3.02 -7.10
C TRP A 82 7.57 -2.70 -8.50
N SER A 83 6.66 -2.65 -9.46
CA SER A 83 7.01 -2.37 -10.84
C SER A 83 5.89 -1.60 -11.54
N LEU A 84 6.27 -0.75 -12.48
CA LEU A 84 5.29 0.04 -13.22
C LEU A 84 5.36 -0.27 -14.72
N GLU A 85 4.19 -0.57 -15.30
CA GLU A 85 4.10 -0.89 -16.71
C GLU A 85 3.27 0.17 -17.44
N GLY A 86 3.96 1.16 -18.01
CA GLY A 86 3.26 2.21 -18.72
C GLY A 86 2.60 3.19 -17.78
N ASN A 87 1.29 3.09 -17.65
CA ASN A 87 0.54 3.97 -16.78
C ASN A 87 -0.09 3.20 -15.61
N LYS A 88 0.47 2.03 -15.31
CA LYS A 88 -0.04 1.21 -14.22
C LYS A 88 1.09 0.68 -13.36
N LEU A 89 0.84 0.61 -12.05
CA LEU A 89 1.85 0.12 -11.10
C LEU A 89 1.35 -1.16 -10.42
N ILE A 90 2.25 -2.12 -10.25
CA ILE A 90 1.88 -3.38 -9.61
C ILE A 90 2.83 -3.74 -8.46
N GLY A 91 2.43 -3.38 -7.25
CA GLY A 91 3.23 -3.68 -6.07
C GLY A 91 2.98 -5.08 -5.55
N LYS A 92 3.82 -5.55 -4.65
CA LYS A 92 3.67 -6.88 -4.09
C LYS A 92 4.32 -6.99 -2.71
N PHE A 93 3.87 -7.98 -1.94
CA PHE A 93 4.41 -8.25 -0.62
C PHE A 93 4.41 -9.75 -0.34
N LYS A 94 5.04 -10.14 0.76
CA LYS A 94 5.11 -11.54 1.16
C LYS A 94 5.29 -11.64 2.67
N ARG A 95 4.41 -12.41 3.32
CA ARG A 95 4.48 -12.58 4.76
C ARG A 95 5.59 -13.55 5.15
N THR A 96 6.21 -13.27 6.29
CA THR A 96 7.29 -14.10 6.80
C THR A 96 6.75 -15.37 7.46
N ASP A 97 5.47 -15.34 7.85
CA ASP A 97 4.84 -16.48 8.49
C ASP A 97 5.06 -17.76 7.68
N ASN A 98 4.79 -17.69 6.39
CA ASN A 98 4.97 -18.85 5.51
C ASN A 98 5.17 -18.40 4.06
N GLY A 99 5.77 -17.23 3.89
CA GLY A 99 6.02 -16.72 2.56
C GLY A 99 4.75 -16.59 1.74
N ASN A 100 3.73 -15.97 2.31
CA ASN A 100 2.46 -15.79 1.63
C ASN A 100 2.60 -14.71 0.55
N GLU A 101 2.02 -14.96 -0.61
CA GLU A 101 2.09 -14.03 -1.73
C GLU A 101 1.04 -12.95 -1.63
N LEU A 102 1.46 -11.74 -1.98
CA LEU A 102 0.57 -10.58 -1.94
C LEU A 102 0.73 -9.73 -3.20
N ASN A 103 -0.39 -9.45 -3.86
CA ASN A 103 -0.37 -8.66 -5.10
C ASN A 103 -1.22 -7.40 -4.97
N THR A 104 -0.82 -6.35 -5.67
CA THR A 104 -1.54 -5.09 -5.65
C THR A 104 -1.45 -4.39 -7.00
N VAL A 105 -2.60 -4.00 -7.55
CA VAL A 105 -2.63 -3.32 -8.83
C VAL A 105 -3.39 -2.01 -8.73
N ARG A 106 -2.68 -0.90 -8.94
CA ARG A 106 -3.28 0.42 -8.87
C ARG A 106 -3.45 1.01 -10.26
N GLU A 107 -4.70 1.24 -10.66
CA GLU A 107 -5.00 1.80 -11.97
C GLU A 107 -5.60 3.20 -11.84
N ILE A 108 -5.46 4.00 -12.89
CA ILE A 108 -5.99 5.36 -12.88
C ILE A 108 -7.41 5.38 -13.45
N ILE A 109 -8.39 5.29 -12.57
CA ILE A 109 -9.79 5.29 -12.97
C ILE A 109 -10.29 6.71 -13.16
N GLY A 110 -9.65 7.42 -14.06
CA GLY A 110 -10.03 8.78 -14.30
C GLY A 110 -9.39 9.74 -13.33
N ASP A 111 -10.21 10.56 -12.71
CA ASP A 111 -9.73 11.53 -11.73
C ASP A 111 -9.40 10.85 -10.40
N GLU A 112 -9.67 9.55 -10.30
CA GLU A 112 -9.39 8.80 -9.08
C GLU A 112 -8.58 7.55 -9.36
N LEU A 113 -8.20 6.85 -8.30
CA LEU A 113 -7.42 5.63 -8.43
C LEU A 113 -8.15 4.45 -7.80
N VAL A 114 -8.25 3.34 -8.54
CA VAL A 114 -8.90 2.14 -8.04
C VAL A 114 -7.84 1.10 -7.70
N GLN A 115 -7.65 0.85 -6.41
CA GLN A 115 -6.65 -0.10 -5.95
C GLN A 115 -7.25 -1.46 -5.63
N THR A 116 -6.54 -2.51 -6.00
CA THR A 116 -6.98 -3.87 -5.75
C THR A 116 -5.80 -4.71 -5.27
N TYR A 117 -5.86 -5.16 -4.03
CA TYR A 117 -4.78 -5.96 -3.45
C TYR A 117 -5.27 -7.37 -3.15
N VAL A 118 -4.37 -8.33 -3.24
CA VAL A 118 -4.70 -9.72 -2.94
C VAL A 118 -3.59 -10.38 -2.15
N TYR A 119 -3.98 -11.25 -1.22
CA TYR A 119 -3.02 -11.96 -0.38
C TYR A 119 -3.63 -13.25 0.12
N GLU A 120 -3.20 -14.36 -0.49
CA GLU A 120 -3.69 -15.70 -0.14
C GLU A 120 -5.09 -15.66 0.44
N GLY A 121 -6.09 -15.72 -0.43
CA GLY A 121 -7.48 -15.71 0.02
C GLY A 121 -8.01 -14.34 0.41
N VAL A 122 -7.11 -13.40 0.69
CA VAL A 122 -7.53 -12.06 1.09
C VAL A 122 -7.30 -11.02 -0.01
N GLU A 123 -8.40 -10.56 -0.59
CA GLU A 123 -8.35 -9.55 -1.63
C GLU A 123 -9.04 -8.28 -1.16
N ALA A 124 -8.30 -7.19 -1.06
CA ALA A 124 -8.85 -5.93 -0.60
C ALA A 124 -8.73 -4.86 -1.66
N LYS A 125 -9.79 -4.09 -1.86
CA LYS A 125 -9.80 -3.03 -2.84
C LYS A 125 -9.75 -1.69 -2.13
N ARG A 126 -9.45 -0.62 -2.85
CA ARG A 126 -9.37 0.69 -2.22
C ARG A 126 -9.49 1.83 -3.23
N ILE A 127 -10.58 2.60 -3.10
CA ILE A 127 -10.79 3.75 -3.97
C ILE A 127 -9.99 4.92 -3.44
N PHE A 128 -9.37 5.67 -4.33
CA PHE A 128 -8.53 6.78 -3.92
C PHE A 128 -9.05 8.14 -4.41
N LYS A 129 -8.65 9.18 -3.68
CA LYS A 129 -9.01 10.56 -4.00
C LYS A 129 -7.83 11.47 -3.69
N LYS A 130 -7.83 12.65 -4.26
CA LYS A 130 -6.74 13.59 -4.03
C LYS A 130 -7.18 14.76 -3.15
N ASP A 131 -6.22 15.31 -2.41
CA ASP A 131 -6.48 16.44 -1.53
C ASP A 131 -6.85 17.69 -2.33
N ALA A 1 0.93 11.63 -13.41
CA ALA A 1 0.87 12.38 -12.13
C ALA A 1 0.78 11.44 -10.94
N PHE A 2 1.85 10.67 -10.71
CA PHE A 2 1.89 9.73 -9.61
C PHE A 2 2.46 10.38 -8.35
N ASP A 3 3.66 10.95 -8.48
CA ASP A 3 4.31 11.62 -7.35
C ASP A 3 3.45 12.76 -6.84
N SER A 4 2.89 12.58 -5.65
CA SER A 4 2.03 13.61 -5.05
C SER A 4 1.46 13.15 -3.71
N THR A 5 0.59 13.96 -3.13
CA THR A 5 -0.06 13.63 -1.86
C THR A 5 -1.35 12.87 -2.14
N TRP A 6 -1.41 11.62 -1.69
CA TRP A 6 -2.58 10.80 -1.94
C TRP A 6 -3.32 10.45 -0.66
N LYS A 7 -4.60 10.76 -0.66
CA LYS A 7 -5.46 10.46 0.48
C LYS A 7 -6.54 9.47 0.06
N VAL A 8 -6.60 8.36 0.76
CA VAL A 8 -7.57 7.32 0.46
C VAL A 8 -8.98 7.73 0.88
N ASP A 9 -9.95 7.48 0.01
CA ASP A 9 -11.34 7.83 0.28
C ASP A 9 -12.10 6.65 0.86
N ARG A 10 -12.44 5.68 0.02
CA ARG A 10 -13.17 4.51 0.47
C ARG A 10 -12.32 3.25 0.34
N SER A 11 -12.62 2.25 1.14
CA SER A 11 -11.86 1.00 1.11
C SER A 11 -12.79 -0.19 1.02
N GLU A 12 -12.29 -1.29 0.45
CA GLU A 12 -13.07 -2.50 0.29
C GLU A 12 -12.25 -3.72 0.70
N ASN A 13 -12.78 -4.50 1.64
CA ASN A 13 -12.11 -5.69 2.13
C ASN A 13 -10.75 -5.36 2.75
N TYR A 14 -10.51 -4.09 3.03
CA TYR A 14 -9.26 -3.68 3.63
C TYR A 14 -9.07 -4.43 4.94
N ASP A 15 -10.15 -4.53 5.72
CA ASP A 15 -10.12 -5.27 6.97
C ASP A 15 -9.68 -6.70 6.72
N LYS A 16 -10.01 -7.20 5.54
CA LYS A 16 -9.64 -8.56 5.13
C LYS A 16 -8.14 -8.76 5.28
N PHE A 17 -7.39 -7.77 4.85
CA PHE A 17 -5.93 -7.83 4.94
C PHE A 17 -5.47 -7.69 6.38
N MET A 18 -6.30 -7.07 7.20
CA MET A 18 -6.00 -6.89 8.61
C MET A 18 -6.06 -8.22 9.35
N GLU A 19 -7.00 -9.07 8.95
CA GLU A 19 -7.19 -10.36 9.61
C GLU A 19 -6.30 -11.45 9.00
N LYS A 20 -6.50 -11.74 7.71
CA LYS A 20 -5.74 -12.78 7.03
C LYS A 20 -4.24 -12.57 7.21
N MET A 21 -3.78 -11.34 7.00
CA MET A 21 -2.37 -11.02 7.16
C MET A 21 -2.03 -10.89 8.64
N GLY A 22 -3.01 -10.51 9.44
CA GLY A 22 -2.79 -10.35 10.87
C GLY A 22 -1.95 -9.13 11.20
N VAL A 23 -2.53 -7.96 11.05
CA VAL A 23 -1.82 -6.72 11.34
C VAL A 23 -2.15 -6.22 12.75
N ASN A 24 -1.56 -5.08 13.11
CA ASN A 24 -1.81 -4.49 14.42
C ASN A 24 -2.80 -3.33 14.31
N ILE A 25 -3.91 -3.45 15.01
CA ILE A 25 -4.94 -2.42 15.00
C ILE A 25 -4.36 -1.05 15.35
N VAL A 26 -3.33 -1.06 16.20
CA VAL A 26 -2.68 0.17 16.63
C VAL A 26 -2.29 1.05 15.45
N LYS A 27 -1.62 0.45 14.45
CA LYS A 27 -1.20 1.19 13.27
C LYS A 27 -2.32 1.25 12.25
N ARG A 28 -3.13 0.20 12.21
CA ARG A 28 -4.24 0.12 11.28
C ARG A 28 -5.27 1.21 11.56
N LYS A 29 -5.27 1.74 12.77
CA LYS A 29 -6.21 2.79 13.15
C LYS A 29 -6.24 3.90 12.12
N LEU A 30 -5.07 4.24 11.59
CA LEU A 30 -4.97 5.30 10.58
C LEU A 30 -4.66 4.71 9.20
N ALA A 31 -4.27 3.44 9.17
CA ALA A 31 -3.95 2.76 7.91
C ALA A 31 -5.15 2.01 7.35
N ALA A 32 -6.19 1.82 8.17
CA ALA A 32 -7.38 1.10 7.74
C ALA A 32 -8.00 1.72 6.49
N HIS A 33 -8.15 3.04 6.47
CA HIS A 33 -8.73 3.75 5.33
C HIS A 33 -9.24 5.13 5.72
N ASP A 34 -9.83 5.22 6.91
CA ASP A 34 -10.39 6.48 7.40
C ASP A 34 -9.34 7.58 7.43
N ASN A 35 -8.26 7.35 8.15
CA ASN A 35 -7.19 8.32 8.26
C ASN A 35 -5.89 7.81 7.66
N LEU A 36 -5.98 7.28 6.45
CA LEU A 36 -4.81 6.74 5.76
C LEU A 36 -4.31 7.71 4.71
N LYS A 37 -3.04 8.10 4.84
CA LYS A 37 -2.42 9.03 3.90
C LYS A 37 -1.31 8.32 3.13
N LEU A 38 -1.51 8.23 1.84
CA LEU A 38 -0.55 7.59 0.95
C LEU A 38 0.09 8.66 0.06
N THR A 39 1.42 8.69 0.01
CA THR A 39 2.12 9.69 -0.78
C THR A 39 3.06 9.06 -1.80
N ILE A 40 3.45 9.84 -2.80
CA ILE A 40 4.34 9.37 -3.84
C ILE A 40 5.37 10.44 -4.23
N THR A 41 6.64 10.07 -4.21
CA THR A 41 7.72 10.98 -4.56
C THR A 41 8.53 10.41 -5.73
N GLN A 42 9.60 11.10 -6.12
CA GLN A 42 10.41 10.62 -7.24
C GLN A 42 11.91 10.76 -6.98
N GLU A 43 12.64 9.66 -7.20
CA GLU A 43 14.08 9.61 -7.04
C GLU A 43 14.64 8.51 -7.91
N GLY A 44 15.11 8.87 -9.10
CA GLY A 44 15.64 7.88 -10.02
C GLY A 44 14.60 6.82 -10.36
N ASN A 45 15.00 5.56 -10.42
CA ASN A 45 14.06 4.49 -10.73
C ASN A 45 13.30 4.06 -9.48
N LYS A 46 13.58 4.72 -8.35
CA LYS A 46 12.91 4.39 -7.09
C LYS A 46 11.94 5.48 -6.69
N PHE A 47 10.80 5.06 -6.14
CA PHE A 47 9.76 6.00 -5.71
C PHE A 47 9.65 6.06 -4.20
N THR A 48 9.31 7.23 -3.67
CA THR A 48 9.19 7.41 -2.23
C THR A 48 7.73 7.51 -1.80
N VAL A 49 7.31 6.59 -0.95
CA VAL A 49 5.94 6.59 -0.45
C VAL A 49 5.90 7.14 0.97
N LYS A 50 5.30 8.31 1.12
CA LYS A 50 5.19 8.95 2.43
C LYS A 50 3.81 8.69 3.03
N GLU A 51 3.79 7.90 4.10
CA GLU A 51 2.55 7.57 4.77
C GLU A 51 2.32 8.46 5.99
N SER A 52 1.24 9.23 5.97
CA SER A 52 0.93 10.13 7.07
C SER A 52 -0.17 9.55 7.96
N SER A 53 -0.04 9.77 9.27
CA SER A 53 -1.02 9.27 10.22
C SER A 53 -1.13 10.21 11.42
N ALA A 54 -2.33 10.27 12.00
CA ALA A 54 -2.62 11.12 13.16
C ALA A 54 -1.46 12.05 13.53
N PHE A 55 -0.54 11.57 14.35
CA PHE A 55 0.61 12.38 14.77
C PHE A 55 1.92 11.68 14.42
N ARG A 56 1.90 10.36 14.35
CA ARG A 56 3.09 9.59 14.02
C ARG A 56 3.57 9.89 12.60
N ASN A 57 4.63 9.23 12.18
CA ASN A 57 5.18 9.43 10.85
C ASN A 57 5.55 8.10 10.19
N ILE A 58 5.02 7.88 8.99
CA ILE A 58 5.28 6.66 8.25
C ILE A 58 5.83 6.98 6.86
N GLU A 59 6.70 6.10 6.35
CA GLU A 59 7.28 6.30 5.03
C GLU A 59 7.81 4.98 4.46
N VAL A 60 8.03 4.96 3.14
CA VAL A 60 8.52 3.75 2.47
C VAL A 60 9.13 4.10 1.10
N VAL A 61 9.96 3.19 0.61
CA VAL A 61 10.60 3.35 -0.69
C VAL A 61 10.34 2.12 -1.55
N PHE A 62 10.24 2.32 -2.87
CA PHE A 62 10.00 1.22 -3.79
C PHE A 62 10.48 1.55 -5.18
N GLU A 63 11.33 0.68 -5.68
CA GLU A 63 11.91 0.85 -6.99
C GLU A 63 11.32 -0.14 -7.98
N LEU A 64 11.12 0.33 -9.20
CA LEU A 64 10.55 -0.50 -10.26
C LEU A 64 11.44 -1.72 -10.51
N GLY A 65 10.99 -2.88 -10.02
CA GLY A 65 11.76 -4.09 -10.19
C GLY A 65 12.56 -4.43 -8.95
N VAL A 66 12.19 -3.82 -7.83
CA VAL A 66 12.88 -4.04 -6.57
C VAL A 66 11.87 -4.32 -5.46
N THR A 67 12.11 -5.37 -4.71
CA THR A 67 11.25 -5.79 -3.62
C THR A 67 10.73 -4.61 -2.80
N PHE A 68 9.48 -4.71 -2.36
CA PHE A 68 8.85 -3.69 -1.52
C PHE A 68 9.28 -3.89 -0.08
N ASN A 69 9.32 -2.81 0.68
CA ASN A 69 9.74 -2.88 2.07
C ASN A 69 8.68 -2.32 3.01
N TYR A 70 8.18 -3.17 3.90
CA TYR A 70 7.18 -2.78 4.88
C TYR A 70 7.16 -3.78 6.03
N ASN A 71 8.34 -4.04 6.60
CA ASN A 71 8.47 -4.98 7.70
C ASN A 71 8.91 -4.29 8.97
N LEU A 72 7.99 -4.11 9.91
CA LEU A 72 8.29 -3.47 11.18
C LEU A 72 7.35 -3.97 12.27
N ALA A 73 7.78 -3.81 13.52
CA ALA A 73 6.99 -4.25 14.67
C ALA A 73 5.58 -3.64 14.63
N ASP A 74 5.46 -2.47 14.01
CA ASP A 74 4.19 -1.79 13.90
C ASP A 74 3.55 -2.05 12.53
N GLY A 75 3.85 -3.21 11.96
CA GLY A 75 3.31 -3.57 10.67
C GLY A 75 3.83 -4.90 10.16
N THR A 76 4.05 -5.84 11.07
CA THR A 76 4.53 -7.17 10.73
C THR A 76 5.67 -7.09 9.70
N GLU A 77 5.91 -8.19 9.02
CA GLU A 77 6.97 -8.26 8.01
C GLU A 77 6.40 -8.64 6.65
N LEU A 78 6.40 -7.68 5.72
CA LEU A 78 5.90 -7.92 4.37
C LEU A 78 6.96 -7.55 3.34
N ARG A 79 7.40 -8.56 2.59
CA ARG A 79 8.43 -8.37 1.55
C ARG A 79 7.93 -8.87 0.20
N GLY A 80 7.91 -7.98 -0.80
CA GLY A 80 7.45 -8.38 -2.12
C GLY A 80 8.21 -7.68 -3.24
N THR A 81 7.48 -6.99 -4.12
CA THR A 81 8.08 -6.25 -5.24
C THR A 81 7.16 -5.15 -5.73
N TRP A 82 7.75 -4.09 -6.25
CA TRP A 82 6.98 -2.96 -6.78
C TRP A 82 7.41 -2.64 -8.20
N SER A 83 6.46 -2.58 -9.12
CA SER A 83 6.74 -2.29 -10.51
C SER A 83 5.63 -1.45 -11.13
N LEU A 84 6.00 -0.61 -12.10
CA LEU A 84 5.03 0.25 -12.77
C LEU A 84 5.00 -0.04 -14.27
N GLU A 85 3.80 -0.24 -14.80
CA GLU A 85 3.63 -0.52 -16.22
C GLU A 85 2.76 0.54 -16.87
N GLY A 86 3.41 1.49 -17.55
CA GLY A 86 2.68 2.56 -18.20
C GLY A 86 2.16 3.59 -17.22
N ASN A 87 0.85 3.58 -17.00
CA ASN A 87 0.23 4.51 -16.07
C ASN A 87 -0.36 3.80 -14.85
N LYS A 88 0.13 2.59 -14.58
CA LYS A 88 -0.36 1.81 -13.45
C LYS A 88 0.80 1.19 -12.68
N LEU A 89 0.64 1.11 -11.36
CA LEU A 89 1.68 0.54 -10.50
C LEU A 89 1.17 -0.74 -9.84
N ILE A 90 2.05 -1.74 -9.74
CA ILE A 90 1.67 -3.02 -9.13
C ILE A 90 2.66 -3.43 -8.04
N GLY A 91 2.33 -3.12 -6.80
CA GLY A 91 3.19 -3.46 -5.68
C GLY A 91 2.94 -4.88 -5.20
N LYS A 92 3.84 -5.39 -4.37
CA LYS A 92 3.71 -6.75 -3.86
C LYS A 92 4.41 -6.90 -2.51
N PHE A 93 3.96 -7.87 -1.72
CA PHE A 93 4.56 -8.16 -0.42
C PHE A 93 4.50 -9.65 -0.13
N LYS A 94 5.18 -10.05 0.93
CA LYS A 94 5.19 -11.43 1.37
C LYS A 94 5.43 -11.50 2.87
N ARG A 95 4.60 -12.27 3.56
CA ARG A 95 4.71 -12.42 5.00
C ARG A 95 5.88 -13.34 5.37
N THR A 96 6.59 -12.97 6.43
CA THR A 96 7.72 -13.74 6.89
C THR A 96 7.27 -15.07 7.52
N ASP A 97 6.01 -15.10 7.97
CA ASP A 97 5.46 -16.30 8.59
C ASP A 97 5.70 -17.53 7.73
N ASN A 98 5.52 -17.38 6.42
CA ASN A 98 5.73 -18.47 5.49
C ASN A 98 5.67 -17.97 4.04
N GLY A 99 6.17 -16.77 3.83
CA GLY A 99 6.16 -16.17 2.51
C GLY A 99 4.80 -16.22 1.84
N ASN A 100 3.83 -15.56 2.45
CA ASN A 100 2.48 -15.53 1.89
C ASN A 100 2.39 -14.53 0.75
N GLU A 101 1.80 -14.96 -0.35
CA GLU A 101 1.67 -14.12 -1.53
C GLU A 101 0.74 -12.95 -1.29
N LEU A 102 1.20 -11.77 -1.68
CA LEU A 102 0.43 -10.54 -1.50
C LEU A 102 0.58 -9.65 -2.73
N ASN A 103 -0.49 -9.49 -3.49
CA ASN A 103 -0.47 -8.66 -4.69
C ASN A 103 -1.16 -7.33 -4.47
N THR A 104 -0.70 -6.32 -5.19
CA THR A 104 -1.28 -4.98 -5.09
C THR A 104 -1.31 -4.33 -6.48
N VAL A 105 -2.52 -4.03 -6.96
CA VAL A 105 -2.68 -3.42 -8.27
C VAL A 105 -3.44 -2.11 -8.17
N ARG A 106 -2.83 -1.04 -8.68
CA ARG A 106 -3.45 0.28 -8.66
C ARG A 106 -3.51 0.86 -10.06
N GLU A 107 -4.73 1.08 -10.55
CA GLU A 107 -4.94 1.63 -11.88
C GLU A 107 -5.51 3.04 -11.80
N ILE A 108 -5.29 3.82 -12.86
CA ILE A 108 -5.80 5.19 -12.90
C ILE A 108 -7.18 5.24 -13.52
N ILE A 109 -8.20 5.23 -12.68
CA ILE A 109 -9.59 5.27 -13.14
C ILE A 109 -10.02 6.70 -13.38
N GLY A 110 -9.31 7.38 -14.25
CA GLY A 110 -9.63 8.74 -14.54
C GLY A 110 -9.00 9.69 -13.56
N ASP A 111 -9.80 10.57 -12.99
CA ASP A 111 -9.32 11.53 -12.02
C ASP A 111 -9.06 10.85 -10.67
N GLU A 112 -9.40 9.58 -10.56
CA GLU A 112 -9.20 8.83 -9.32
C GLU A 112 -8.46 7.53 -9.57
N LEU A 113 -8.15 6.82 -8.49
CA LEU A 113 -7.44 5.55 -8.58
C LEU A 113 -8.25 4.41 -7.97
N VAL A 114 -8.20 3.26 -8.62
CA VAL A 114 -8.88 2.07 -8.13
C VAL A 114 -7.87 1.01 -7.73
N GLN A 115 -7.72 0.80 -6.43
CA GLN A 115 -6.75 -0.16 -5.92
C GLN A 115 -7.36 -1.54 -5.70
N THR A 116 -6.58 -2.57 -6.04
CA THR A 116 -7.01 -3.95 -5.88
C THR A 116 -5.85 -4.77 -5.33
N TYR A 117 -5.99 -5.27 -4.11
CA TYR A 117 -4.94 -6.05 -3.48
C TYR A 117 -5.43 -7.46 -3.20
N VAL A 118 -4.49 -8.38 -3.03
CA VAL A 118 -4.82 -9.76 -2.75
C VAL A 118 -3.73 -10.44 -1.92
N TYR A 119 -4.11 -11.25 -0.96
CA TYR A 119 -3.16 -11.96 -0.11
C TYR A 119 -3.77 -13.23 0.45
N GLU A 120 -3.37 -14.36 -0.12
CA GLU A 120 -3.85 -15.68 0.30
C GLU A 120 -5.35 -15.66 0.62
N GLY A 121 -6.16 -15.90 -0.40
CA GLY A 121 -7.61 -15.94 -0.21
C GLY A 121 -8.25 -14.60 0.11
N VAL A 122 -7.45 -13.60 0.47
CA VAL A 122 -8.00 -12.29 0.83
C VAL A 122 -7.70 -11.23 -0.24
N GLU A 123 -8.77 -10.79 -0.92
CA GLU A 123 -8.66 -9.76 -1.94
C GLU A 123 -9.39 -8.50 -1.49
N ALA A 124 -8.66 -7.40 -1.38
CA ALA A 124 -9.25 -6.13 -0.95
C ALA A 124 -9.06 -5.03 -1.97
N LYS A 125 -10.12 -4.25 -2.19
CA LYS A 125 -10.08 -3.14 -3.13
C LYS A 125 -10.08 -1.83 -2.37
N ARG A 126 -9.76 -0.73 -3.03
CA ARG A 126 -9.73 0.56 -2.37
C ARG A 126 -9.78 1.72 -3.36
N ILE A 127 -10.86 2.50 -3.29
CA ILE A 127 -11.02 3.67 -4.15
C ILE A 127 -10.18 4.81 -3.59
N PHE A 128 -9.51 5.55 -4.46
CA PHE A 128 -8.65 6.63 -4.02
C PHE A 128 -9.08 7.98 -4.58
N LYS A 129 -8.68 9.03 -3.86
CA LYS A 129 -8.95 10.41 -4.25
C LYS A 129 -7.75 11.28 -3.88
N LYS A 130 -7.59 12.39 -4.58
CA LYS A 130 -6.45 13.28 -4.30
C LYS A 130 -6.90 14.57 -3.63
N ASP A 131 -6.01 15.14 -2.84
CA ASP A 131 -6.28 16.37 -2.11
C ASP A 131 -6.27 17.57 -3.06
N ALA A 1 2.09 11.76 -13.54
CA ALA A 1 1.53 12.69 -12.53
C ALA A 1 1.26 11.96 -11.21
N PHE A 2 2.14 11.03 -10.87
CA PHE A 2 1.98 10.27 -9.63
C PHE A 2 2.60 11.01 -8.45
N ASP A 3 3.82 11.51 -8.64
CA ASP A 3 4.52 12.24 -7.59
C ASP A 3 3.64 13.38 -7.06
N SER A 4 3.03 13.17 -5.90
CA SER A 4 2.16 14.16 -5.30
C SER A 4 1.55 13.66 -4.00
N THR A 5 0.64 14.45 -3.44
CA THR A 5 -0.05 14.07 -2.21
C THR A 5 -1.30 13.28 -2.55
N TRP A 6 -1.36 12.03 -2.10
CA TRP A 6 -2.49 11.18 -2.39
C TRP A 6 -3.22 10.75 -1.12
N LYS A 7 -4.49 11.10 -1.06
CA LYS A 7 -5.33 10.75 0.08
C LYS A 7 -6.45 9.83 -0.36
N VAL A 8 -6.47 8.64 0.24
CA VAL A 8 -7.46 7.64 -0.09
C VAL A 8 -8.87 8.09 0.30
N ASP A 9 -9.83 7.87 -0.60
CA ASP A 9 -11.21 8.25 -0.35
C ASP A 9 -11.92 7.20 0.51
N ARG A 10 -12.02 5.98 -0.01
CA ARG A 10 -12.66 4.89 0.72
C ARG A 10 -11.85 3.61 0.63
N SER A 11 -12.07 2.71 1.58
CA SER A 11 -11.35 1.45 1.63
C SER A 11 -12.33 0.27 1.53
N GLU A 12 -11.85 -0.82 0.93
CA GLU A 12 -12.68 -2.02 0.75
C GLU A 12 -11.89 -3.27 1.14
N ASN A 13 -12.47 -4.09 2.01
CA ASN A 13 -11.83 -5.31 2.45
C ASN A 13 -10.49 -5.02 3.12
N TYR A 14 -10.24 -3.76 3.47
CA TYR A 14 -9.01 -3.39 4.12
C TYR A 14 -8.86 -4.21 5.40
N ASP A 15 -9.92 -4.26 6.19
CA ASP A 15 -9.93 -5.04 7.43
C ASP A 15 -9.52 -6.48 7.15
N LYS A 16 -9.83 -6.94 5.94
CA LYS A 16 -9.49 -8.29 5.51
C LYS A 16 -8.01 -8.53 5.66
N PHE A 17 -7.22 -7.55 5.29
CA PHE A 17 -5.77 -7.67 5.38
C PHE A 17 -5.31 -7.61 6.83
N MET A 18 -6.11 -6.98 7.68
CA MET A 18 -5.77 -6.89 9.09
C MET A 18 -5.82 -8.26 9.74
N GLU A 19 -6.75 -9.11 9.27
CA GLU A 19 -6.92 -10.44 9.84
C GLU A 19 -5.94 -11.47 9.27
N LYS A 20 -6.01 -11.72 7.97
CA LYS A 20 -5.13 -12.69 7.34
C LYS A 20 -3.67 -12.27 7.42
N MET A 21 -3.41 -11.02 7.08
CA MET A 21 -2.06 -10.49 7.11
C MET A 21 -1.59 -10.28 8.56
N GLY A 22 -2.55 -10.08 9.47
CA GLY A 22 -2.20 -9.87 10.85
C GLY A 22 -1.71 -8.46 11.10
N VAL A 23 -2.59 -7.49 10.87
CA VAL A 23 -2.24 -6.09 11.06
C VAL A 23 -2.89 -5.52 12.30
N ASN A 24 -2.08 -5.20 13.30
CA ASN A 24 -2.57 -4.66 14.57
C ASN A 24 -3.47 -3.45 14.34
N ILE A 25 -4.09 -3.00 15.43
CA ILE A 25 -4.98 -1.85 15.39
C ILE A 25 -4.21 -0.56 15.62
N VAL A 26 -3.18 -0.63 16.45
CA VAL A 26 -2.36 0.53 16.77
C VAL A 26 -1.93 1.28 15.51
N LYS A 27 -1.34 0.55 14.56
CA LYS A 27 -0.89 1.15 13.31
C LYS A 27 -2.03 1.23 12.30
N ARG A 28 -2.96 0.28 12.37
CA ARG A 28 -4.10 0.24 11.47
C ARG A 28 -5.13 1.33 11.81
N LYS A 29 -5.10 1.80 13.04
CA LYS A 29 -6.03 2.83 13.50
C LYS A 29 -6.20 3.94 12.47
N LEU A 30 -5.11 4.27 11.79
CA LEU A 30 -5.13 5.31 10.77
C LEU A 30 -5.11 4.70 9.37
N ALA A 31 -4.23 3.72 9.18
CA ALA A 31 -4.09 3.04 7.91
C ALA A 31 -5.37 2.29 7.52
N ALA A 32 -6.27 2.11 8.49
CA ALA A 32 -7.52 1.39 8.23
C ALA A 32 -8.29 1.95 7.03
N HIS A 33 -8.42 3.27 6.96
CA HIS A 33 -9.17 3.88 5.85
C HIS A 33 -9.26 5.40 5.96
N ASP A 34 -10.10 5.85 6.88
CA ASP A 34 -10.34 7.28 7.09
C ASP A 34 -9.04 8.07 7.20
N ASN A 35 -8.13 7.62 8.04
CA ASN A 35 -6.87 8.32 8.24
C ASN A 35 -5.73 7.66 7.49
N LEU A 36 -5.86 7.58 6.17
CA LEU A 36 -4.83 6.97 5.34
C LEU A 36 -4.31 7.96 4.30
N LYS A 37 -3.03 8.31 4.41
CA LYS A 37 -2.40 9.23 3.48
C LYS A 37 -1.29 8.52 2.72
N LEU A 38 -1.49 8.44 1.41
CA LEU A 38 -0.54 7.78 0.54
C LEU A 38 0.19 8.83 -0.30
N THR A 39 1.48 8.99 -0.07
CA THR A 39 2.27 10.00 -0.79
C THR A 39 3.13 9.35 -1.87
N ILE A 40 3.42 10.14 -2.91
CA ILE A 40 4.24 9.67 -4.02
C ILE A 40 5.29 10.71 -4.40
N THR A 41 6.54 10.27 -4.55
CA THR A 41 7.63 11.17 -4.91
C THR A 41 8.34 10.67 -6.17
N GLN A 42 9.00 11.59 -6.87
CA GLN A 42 9.72 11.25 -8.09
C GLN A 42 11.23 11.35 -7.90
N GLU A 43 11.90 10.20 -8.00
CA GLU A 43 13.35 10.14 -7.84
C GLU A 43 13.93 9.04 -8.71
N GLY A 44 14.27 9.38 -9.95
CA GLY A 44 14.83 8.40 -10.86
C GLY A 44 13.92 7.19 -11.00
N ASN A 45 14.49 6.00 -11.04
CA ASN A 45 13.69 4.78 -11.16
C ASN A 45 13.11 4.38 -9.79
N LYS A 46 13.36 5.21 -8.77
CA LYS A 46 12.86 4.92 -7.44
C LYS A 46 11.84 5.95 -6.99
N PHE A 47 10.76 5.48 -6.39
CA PHE A 47 9.70 6.35 -5.89
C PHE A 47 9.71 6.38 -4.37
N THR A 48 9.43 7.54 -3.80
CA THR A 48 9.42 7.71 -2.35
C THR A 48 8.00 7.69 -1.82
N VAL A 49 7.70 6.74 -0.94
CA VAL A 49 6.37 6.61 -0.36
C VAL A 49 6.32 7.24 1.03
N LYS A 50 5.46 8.24 1.19
CA LYS A 50 5.31 8.91 2.47
C LYS A 50 3.88 8.73 2.99
N GLU A 51 3.75 7.98 4.08
CA GLU A 51 2.44 7.73 4.67
C GLU A 51 2.18 8.68 5.84
N SER A 52 1.13 9.49 5.70
CA SER A 52 0.77 10.45 6.74
C SER A 52 -0.41 9.94 7.57
N SER A 53 -0.41 10.29 8.85
CA SER A 53 -1.48 9.88 9.76
C SER A 53 -1.69 10.93 10.84
N ALA A 54 -2.51 10.59 11.83
CA ALA A 54 -2.79 11.50 12.94
C ALA A 54 -1.53 11.86 13.69
N PHE A 55 -0.96 10.88 14.39
CA PHE A 55 0.26 11.10 15.17
C PHE A 55 1.39 10.18 14.68
N ARG A 56 1.03 9.04 14.11
CA ARG A 56 2.02 8.09 13.62
C ARG A 56 2.57 8.51 12.27
N ASN A 57 3.69 7.92 11.86
CA ASN A 57 4.32 8.24 10.59
C ASN A 57 4.88 6.99 9.92
N ILE A 58 4.57 6.81 8.64
CA ILE A 58 5.04 5.65 7.89
C ILE A 58 5.53 6.06 6.51
N GLU A 59 6.38 5.23 5.92
CA GLU A 59 6.93 5.51 4.60
C GLU A 59 7.80 4.35 4.11
N VAL A 60 8.03 4.30 2.80
CA VAL A 60 8.85 3.24 2.23
C VAL A 60 9.34 3.59 0.83
N VAL A 61 10.63 3.89 0.70
CA VAL A 61 11.19 4.19 -0.61
C VAL A 61 11.09 2.97 -1.49
N PHE A 62 10.91 3.16 -2.79
CA PHE A 62 10.77 2.05 -3.71
C PHE A 62 11.43 2.32 -5.04
N GLU A 63 11.59 1.24 -5.79
CA GLU A 63 12.21 1.31 -7.11
C GLU A 63 11.65 0.22 -8.00
N LEU A 64 11.31 0.59 -9.23
CA LEU A 64 10.75 -0.35 -10.18
C LEU A 64 11.71 -1.49 -10.43
N GLY A 65 11.39 -2.66 -9.86
CA GLY A 65 12.24 -3.82 -10.00
C GLY A 65 12.98 -4.15 -8.72
N VAL A 66 12.43 -3.67 -7.60
CA VAL A 66 13.02 -3.91 -6.30
C VAL A 66 11.96 -4.37 -5.31
N THR A 67 12.37 -5.21 -4.38
CA THR A 67 11.47 -5.77 -3.39
C THR A 67 10.85 -4.70 -2.49
N PHE A 68 9.60 -4.94 -2.11
CA PHE A 68 8.86 -4.04 -1.23
C PHE A 68 9.23 -4.34 0.22
N ASN A 69 8.95 -3.40 1.12
CA ASN A 69 9.28 -3.59 2.52
C ASN A 69 8.20 -3.03 3.44
N TYR A 70 7.93 -3.74 4.54
CA TYR A 70 6.93 -3.33 5.50
C TYR A 70 6.94 -4.26 6.71
N ASN A 71 8.10 -4.36 7.35
CA ASN A 71 8.25 -5.22 8.52
C ASN A 71 8.51 -4.41 9.78
N LEU A 72 7.75 -4.68 10.83
CA LEU A 72 7.91 -3.96 12.09
C LEU A 72 6.95 -4.49 13.15
N ALA A 73 7.03 -3.90 14.34
CA ALA A 73 6.18 -4.29 15.45
C ALA A 73 4.71 -4.22 15.07
N ASP A 74 3.84 -4.27 16.08
CA ASP A 74 2.39 -4.23 15.84
C ASP A 74 1.94 -5.51 15.18
N GLY A 75 2.40 -5.73 13.95
CA GLY A 75 2.04 -6.93 13.23
C GLY A 75 2.23 -6.79 11.74
N THR A 76 3.48 -6.87 11.29
CA THR A 76 3.77 -6.75 9.88
C THR A 76 5.20 -7.14 9.55
N GLU A 77 5.31 -7.89 8.47
CA GLU A 77 6.61 -8.38 7.98
C GLU A 77 6.42 -8.80 6.52
N LEU A 78 5.92 -7.88 5.72
CA LEU A 78 5.65 -8.15 4.32
C LEU A 78 6.77 -7.68 3.39
N ARG A 79 7.22 -8.59 2.54
CA ARG A 79 8.28 -8.31 1.57
C ARG A 79 7.89 -8.82 0.19
N GLY A 80 7.80 -7.92 -0.78
CA GLY A 80 7.43 -8.31 -2.13
C GLY A 80 8.19 -7.54 -3.19
N THR A 81 7.48 -6.81 -4.04
CA THR A 81 8.10 -6.02 -5.10
C THR A 81 7.16 -4.90 -5.57
N TRP A 82 7.67 -4.06 -6.47
CA TRP A 82 6.89 -2.95 -7.02
C TRP A 82 7.24 -2.74 -8.49
N SER A 83 6.21 -2.70 -9.34
CA SER A 83 6.41 -2.52 -10.76
C SER A 83 5.48 -1.46 -11.34
N LEU A 84 5.95 -0.78 -12.37
CA LEU A 84 5.15 0.26 -13.02
C LEU A 84 5.05 0.01 -14.52
N GLU A 85 3.83 0.04 -15.04
CA GLU A 85 3.59 -0.19 -16.46
C GLU A 85 2.71 0.91 -17.03
N GLY A 86 3.34 1.94 -17.61
CA GLY A 86 2.59 3.03 -18.18
C GLY A 86 1.86 3.84 -17.14
N ASN A 87 0.54 3.68 -17.09
CA ASN A 87 -0.29 4.39 -16.13
C ASN A 87 -0.83 3.46 -15.06
N LYS A 88 -0.17 2.31 -14.88
CA LYS A 88 -0.59 1.33 -13.88
C LYS A 88 0.62 0.77 -13.14
N LEU A 89 0.46 0.61 -11.83
CA LEU A 89 1.53 0.08 -10.98
C LEU A 89 1.10 -1.24 -10.34
N ILE A 90 2.06 -2.15 -10.15
CA ILE A 90 1.74 -3.44 -9.54
C ILE A 90 2.69 -3.75 -8.38
N GLY A 91 2.23 -3.42 -7.17
CA GLY A 91 3.02 -3.69 -5.99
C GLY A 91 2.80 -5.10 -5.47
N LYS A 92 3.70 -5.56 -4.61
CA LYS A 92 3.60 -6.91 -4.06
C LYS A 92 4.27 -7.02 -2.70
N PHE A 93 3.83 -8.00 -1.92
CA PHE A 93 4.40 -8.27 -0.61
C PHE A 93 4.45 -9.77 -0.36
N LYS A 94 5.11 -10.14 0.73
CA LYS A 94 5.21 -11.54 1.12
C LYS A 94 5.44 -11.64 2.63
N ARG A 95 4.64 -12.47 3.29
CA ARG A 95 4.77 -12.64 4.73
C ARG A 95 5.95 -13.55 5.06
N THR A 96 6.50 -13.35 6.26
CA THR A 96 7.63 -14.12 6.72
C THR A 96 7.20 -15.50 7.22
N ASP A 97 5.93 -15.61 7.62
CA ASP A 97 5.38 -16.87 8.12
C ASP A 97 5.74 -18.02 7.20
N ASN A 98 5.78 -17.75 5.90
CA ASN A 98 6.12 -18.77 4.91
C ASN A 98 6.03 -18.18 3.50
N GLY A 99 6.50 -16.95 3.35
CA GLY A 99 6.47 -16.28 2.06
C GLY A 99 5.11 -16.37 1.40
N ASN A 100 4.10 -15.77 2.03
CA ASN A 100 2.75 -15.78 1.49
C ASN A 100 2.66 -14.79 0.33
N GLU A 101 1.98 -15.19 -0.73
CA GLU A 101 1.84 -14.36 -1.90
C GLU A 101 0.85 -13.22 -1.67
N LEU A 102 1.28 -12.03 -2.06
CA LEU A 102 0.46 -10.84 -1.91
C LEU A 102 0.58 -9.96 -3.15
N ASN A 103 -0.52 -9.87 -3.91
CA ASN A 103 -0.53 -9.09 -5.15
C ASN A 103 -1.34 -7.81 -5.00
N THR A 104 -0.87 -6.75 -5.65
CA THR A 104 -1.56 -5.46 -5.62
C THR A 104 -1.40 -4.72 -6.93
N VAL A 105 -2.52 -4.29 -7.50
CA VAL A 105 -2.51 -3.57 -8.77
C VAL A 105 -3.21 -2.22 -8.65
N ARG A 106 -2.49 -1.15 -8.97
CA ARG A 106 -3.06 0.19 -8.91
C ARG A 106 -3.11 0.82 -10.29
N GLU A 107 -4.33 1.10 -10.76
CA GLU A 107 -4.54 1.71 -12.06
C GLU A 107 -5.35 3.00 -11.93
N ILE A 108 -4.87 4.06 -12.55
CA ILE A 108 -5.56 5.35 -12.50
C ILE A 108 -6.96 5.26 -13.10
N ILE A 109 -7.93 4.83 -12.28
CA ILE A 109 -9.29 4.73 -12.74
C ILE A 109 -9.93 6.11 -12.78
N GLY A 110 -10.30 6.56 -13.98
CA GLY A 110 -10.89 7.88 -14.10
C GLY A 110 -10.03 8.93 -13.43
N ASP A 111 -10.63 9.69 -12.54
CA ASP A 111 -9.92 10.74 -11.80
C ASP A 111 -9.50 10.21 -10.43
N GLU A 112 -9.58 8.89 -10.25
CA GLU A 112 -9.23 8.25 -9.00
C GLU A 112 -8.31 7.05 -9.22
N LEU A 113 -7.86 6.43 -8.14
CA LEU A 113 -6.99 5.27 -8.24
C LEU A 113 -7.65 4.06 -7.59
N VAL A 114 -7.70 2.96 -8.32
CA VAL A 114 -8.28 1.73 -7.80
C VAL A 114 -7.17 0.76 -7.42
N GLN A 115 -6.97 0.59 -6.12
CA GLN A 115 -5.93 -0.29 -5.63
C GLN A 115 -6.50 -1.60 -5.10
N THR A 116 -6.31 -2.66 -5.88
CA THR A 116 -6.79 -3.99 -5.50
C THR A 116 -5.62 -4.84 -4.99
N TYR A 117 -5.65 -5.12 -3.69
CA TYR A 117 -4.61 -5.95 -3.09
C TYR A 117 -5.15 -7.35 -2.86
N VAL A 118 -4.26 -8.33 -2.77
CA VAL A 118 -4.68 -9.69 -2.54
C VAL A 118 -3.60 -10.47 -1.77
N TYR A 119 -4.02 -11.30 -0.84
CA TYR A 119 -3.11 -12.11 -0.05
C TYR A 119 -3.80 -13.34 0.49
N GLU A 120 -3.30 -14.52 0.08
CA GLU A 120 -3.86 -15.80 0.50
C GLU A 120 -5.33 -15.70 0.88
N GLY A 121 -6.21 -15.88 -0.12
CA GLY A 121 -7.64 -15.81 0.14
C GLY A 121 -8.15 -14.42 0.49
N VAL A 122 -7.24 -13.47 0.62
CA VAL A 122 -7.62 -12.11 0.97
C VAL A 122 -7.50 -11.16 -0.21
N GLU A 123 -8.39 -10.18 -0.28
CA GLU A 123 -8.36 -9.21 -1.36
C GLU A 123 -9.05 -7.93 -0.93
N ALA A 124 -8.32 -6.82 -0.96
CA ALA A 124 -8.87 -5.54 -0.57
C ALA A 124 -8.81 -4.54 -1.71
N LYS A 125 -9.90 -3.80 -1.89
CA LYS A 125 -9.99 -2.79 -2.94
C LYS A 125 -9.97 -1.41 -2.31
N ARG A 126 -9.09 -0.56 -2.80
CA ARG A 126 -8.96 0.78 -2.23
C ARG A 126 -9.21 1.87 -3.27
N ILE A 127 -10.28 2.63 -3.06
CA ILE A 127 -10.60 3.74 -3.93
C ILE A 127 -9.76 4.93 -3.53
N PHE A 128 -9.25 5.68 -4.50
CA PHE A 128 -8.40 6.81 -4.19
C PHE A 128 -8.89 8.13 -4.77
N LYS A 129 -8.50 9.21 -4.12
CA LYS A 129 -8.83 10.57 -4.54
C LYS A 129 -7.65 11.49 -4.23
N LYS A 130 -7.55 12.59 -4.96
CA LYS A 130 -6.46 13.53 -4.73
C LYS A 130 -6.93 14.82 -4.08
N ASP A 131 -6.03 15.44 -3.33
CA ASP A 131 -6.33 16.70 -2.64
C ASP A 131 -6.28 17.88 -3.60
N ALA A 1 1.11 11.84 -13.62
CA ALA A 1 0.78 12.69 -12.45
C ALA A 1 0.73 11.86 -11.17
N PHE A 2 1.64 10.88 -11.08
CA PHE A 2 1.71 10.02 -9.90
C PHE A 2 2.33 10.76 -8.72
N ASP A 3 3.47 11.39 -8.95
CA ASP A 3 4.16 12.15 -7.91
C ASP A 3 3.24 13.19 -7.29
N SER A 4 2.84 12.96 -6.04
CA SER A 4 1.94 13.89 -5.35
C SER A 4 1.53 13.37 -3.99
N THR A 5 0.71 14.15 -3.28
CA THR A 5 0.19 13.75 -1.98
C THR A 5 -1.09 12.98 -2.19
N TRP A 6 -1.14 11.74 -1.72
CA TRP A 6 -2.31 10.90 -1.93
C TRP A 6 -3.04 10.60 -0.62
N LYS A 7 -4.33 10.90 -0.63
CA LYS A 7 -5.18 10.63 0.52
C LYS A 7 -6.33 9.71 0.11
N VAL A 8 -6.32 8.53 0.68
CA VAL A 8 -7.33 7.53 0.38
C VAL A 8 -8.69 7.95 0.93
N ASP A 9 -9.73 7.80 0.10
CA ASP A 9 -11.08 8.17 0.49
C ASP A 9 -11.79 7.00 1.17
N ARG A 10 -12.11 5.97 0.39
CA ARG A 10 -12.78 4.79 0.93
C ARG A 10 -11.98 3.54 0.65
N SER A 11 -12.37 2.44 1.28
CA SER A 11 -11.66 1.18 1.10
C SER A 11 -12.62 0.00 1.08
N GLU A 12 -12.15 -1.13 0.59
CA GLU A 12 -12.96 -2.34 0.51
C GLU A 12 -12.15 -3.56 0.97
N ASN A 13 -12.71 -4.31 1.91
CA ASN A 13 -12.06 -5.49 2.44
C ASN A 13 -10.71 -5.13 3.06
N TYR A 14 -10.50 -3.84 3.34
CA TYR A 14 -9.26 -3.41 3.95
C TYR A 14 -9.05 -4.16 5.26
N ASP A 15 -10.14 -4.33 5.99
CA ASP A 15 -10.11 -5.07 7.25
C ASP A 15 -9.69 -6.51 6.99
N LYS A 16 -10.07 -7.01 5.82
CA LYS A 16 -9.74 -8.37 5.40
C LYS A 16 -8.26 -8.63 5.60
N PHE A 17 -7.44 -7.66 5.24
CA PHE A 17 -6.01 -7.80 5.39
C PHE A 17 -5.62 -7.77 6.87
N MET A 18 -6.29 -6.91 7.63
CA MET A 18 -6.03 -6.81 9.05
C MET A 18 -6.14 -8.18 9.72
N GLU A 19 -7.03 -9.03 9.22
CA GLU A 19 -7.22 -10.36 9.80
C GLU A 19 -6.26 -11.39 9.19
N LYS A 20 -6.35 -11.59 7.88
CA LYS A 20 -5.50 -12.55 7.19
C LYS A 20 -4.03 -12.15 7.27
N MET A 21 -3.77 -10.88 7.55
CA MET A 21 -2.41 -10.39 7.66
C MET A 21 -2.04 -10.11 9.12
N GLY A 22 -3.04 -10.15 10.01
CA GLY A 22 -2.77 -9.88 11.41
C GLY A 22 -2.23 -8.49 11.62
N VAL A 23 -2.92 -7.50 11.06
CA VAL A 23 -2.49 -6.11 11.18
C VAL A 23 -3.10 -5.46 12.41
N ASN A 24 -2.24 -4.92 13.27
CA ASN A 24 -2.68 -4.25 14.49
C ASN A 24 -3.67 -3.13 14.19
N ILE A 25 -4.59 -2.90 15.12
CA ILE A 25 -5.59 -1.86 14.97
C ILE A 25 -5.00 -0.48 15.26
N VAL A 26 -4.02 -0.46 16.16
CA VAL A 26 -3.36 0.79 16.56
C VAL A 26 -2.83 1.54 15.33
N LYS A 27 -2.15 0.82 14.46
CA LYS A 27 -1.59 1.41 13.24
C LYS A 27 -2.64 1.46 12.14
N ARG A 28 -3.56 0.51 12.17
CA ARG A 28 -4.62 0.44 11.18
C ARG A 28 -5.66 1.53 11.40
N LYS A 29 -5.77 2.02 12.63
CA LYS A 29 -6.72 3.07 12.97
C LYS A 29 -6.69 4.20 11.95
N LEU A 30 -5.48 4.59 11.55
CA LEU A 30 -5.31 5.66 10.58
C LEU A 30 -4.86 5.11 9.22
N ALA A 31 -4.45 3.85 9.20
CA ALA A 31 -3.97 3.22 7.97
C ALA A 31 -5.09 2.48 7.24
N ALA A 32 -6.20 2.22 7.94
CA ALA A 32 -7.31 1.50 7.34
C ALA A 32 -7.83 2.19 6.08
N HIS A 33 -8.06 3.49 6.15
CA HIS A 33 -8.56 4.25 5.01
C HIS A 33 -9.01 5.66 5.41
N ASP A 34 -9.63 5.76 6.57
CA ASP A 34 -10.14 7.03 7.07
C ASP A 34 -9.06 8.11 7.11
N ASN A 35 -7.98 7.83 7.85
CA ASN A 35 -6.90 8.79 7.98
C ASN A 35 -5.61 8.24 7.37
N LEU A 36 -5.74 7.43 6.33
CA LEU A 36 -4.58 6.84 5.67
C LEU A 36 -4.02 7.80 4.63
N LYS A 37 -2.78 8.25 4.84
CA LYS A 37 -2.12 9.17 3.92
C LYS A 37 -1.01 8.45 3.18
N LEU A 38 -1.16 8.37 1.88
CA LEU A 38 -0.19 7.72 1.01
C LEU A 38 0.44 8.77 0.10
N THR A 39 1.76 8.81 0.04
CA THR A 39 2.45 9.82 -0.78
C THR A 39 3.34 9.18 -1.84
N ILE A 40 3.55 9.91 -2.93
CA ILE A 40 4.37 9.43 -4.03
C ILE A 40 5.43 10.47 -4.42
N THR A 41 6.67 10.00 -4.58
CA THR A 41 7.77 10.88 -4.97
C THR A 41 8.51 10.31 -6.17
N GLN A 42 9.24 11.17 -6.88
CA GLN A 42 9.98 10.75 -8.07
C GLN A 42 11.49 10.87 -7.85
N GLU A 43 12.20 9.81 -8.26
CA GLU A 43 13.66 9.78 -8.14
C GLU A 43 14.22 8.61 -8.93
N GLY A 44 14.53 8.86 -10.20
CA GLY A 44 15.06 7.80 -11.04
C GLY A 44 14.10 6.64 -11.15
N ASN A 45 14.62 5.41 -11.05
CA ASN A 45 13.76 4.23 -11.12
C ASN A 45 13.22 3.88 -9.75
N LYS A 46 13.33 4.81 -8.80
CA LYS A 46 12.86 4.60 -7.45
C LYS A 46 11.98 5.75 -6.97
N PHE A 47 10.91 5.41 -6.27
CA PHE A 47 9.99 6.41 -5.74
C PHE A 47 10.10 6.46 -4.22
N THR A 48 9.41 7.42 -3.61
CA THR A 48 9.44 7.56 -2.16
C THR A 48 8.02 7.59 -1.60
N VAL A 49 7.70 6.62 -0.73
CA VAL A 49 6.38 6.55 -0.13
C VAL A 49 6.34 7.26 1.22
N LYS A 50 5.63 8.37 1.28
CA LYS A 50 5.52 9.13 2.51
C LYS A 50 4.12 9.00 3.10
N GLU A 51 4.02 8.32 4.24
CA GLU A 51 2.73 8.12 4.88
C GLU A 51 2.57 9.05 6.07
N SER A 52 1.32 9.41 6.36
CA SER A 52 1.01 10.31 7.46
C SER A 52 -0.24 9.86 8.20
N SER A 53 -0.31 10.20 9.48
CA SER A 53 -1.45 9.84 10.31
C SER A 53 -1.68 10.89 11.40
N ALA A 54 -2.57 10.59 12.33
CA ALA A 54 -2.87 11.51 13.42
C ALA A 54 -1.62 11.85 14.22
N PHE A 55 -1.10 10.87 14.94
CA PHE A 55 0.10 11.06 15.76
C PHE A 55 1.24 10.16 15.27
N ARG A 56 0.90 9.03 14.67
CA ARG A 56 1.90 8.10 14.17
C ARG A 56 2.45 8.54 12.82
N ASN A 57 3.50 7.87 12.37
CA ASN A 57 4.13 8.20 11.09
C ASN A 57 4.57 6.93 10.37
N ILE A 58 4.50 6.96 9.04
CA ILE A 58 4.89 5.81 8.22
C ILE A 58 5.40 6.26 6.86
N GLU A 59 6.24 5.43 6.25
CA GLU A 59 6.80 5.74 4.93
C GLU A 59 7.70 4.62 4.45
N VAL A 60 8.13 4.71 3.19
CA VAL A 60 9.01 3.70 2.61
C VAL A 60 9.36 4.02 1.16
N VAL A 61 10.63 3.79 0.81
CA VAL A 61 11.09 4.05 -0.55
C VAL A 61 10.60 2.96 -1.50
N PHE A 62 10.62 3.26 -2.79
CA PHE A 62 10.17 2.31 -3.80
C PHE A 62 11.13 2.27 -4.98
N GLU A 63 11.22 1.12 -5.63
CA GLU A 63 12.10 0.96 -6.77
C GLU A 63 11.53 -0.04 -7.76
N LEU A 64 11.28 0.42 -8.98
CA LEU A 64 10.72 -0.44 -10.02
C LEU A 64 11.65 -1.61 -10.31
N GLY A 65 11.19 -2.82 -10.01
CA GLY A 65 11.99 -4.01 -10.22
C GLY A 65 12.75 -4.41 -8.98
N VAL A 66 12.24 -4.01 -7.82
CA VAL A 66 12.86 -4.31 -6.55
C VAL A 66 11.81 -4.76 -5.54
N THR A 67 12.26 -5.44 -4.51
CA THR A 67 11.37 -5.95 -3.48
C THR A 67 10.95 -4.87 -2.49
N PHE A 68 9.69 -4.92 -2.07
CA PHE A 68 9.16 -3.97 -1.11
C PHE A 68 9.56 -4.40 0.29
N ASN A 69 9.63 -3.45 1.21
CA ASN A 69 10.03 -3.76 2.59
C ASN A 69 9.02 -3.26 3.61
N TYR A 70 8.65 -4.14 4.53
CA TYR A 70 7.71 -3.81 5.59
C TYR A 70 7.90 -4.77 6.77
N ASN A 71 9.16 -5.03 7.11
CA ASN A 71 9.50 -5.92 8.21
C ASN A 71 8.65 -5.64 9.45
N LEU A 72 9.10 -4.72 10.30
CA LEU A 72 8.37 -4.38 11.52
C LEU A 72 8.08 -5.64 12.34
N ALA A 73 9.03 -6.01 13.19
CA ALA A 73 8.90 -7.19 14.04
C ALA A 73 7.52 -7.25 14.70
N ASP A 74 7.02 -6.10 15.14
CA ASP A 74 5.72 -6.03 15.79
C ASP A 74 4.70 -5.35 14.86
N GLY A 75 4.80 -5.63 13.56
CA GLY A 75 3.89 -5.05 12.61
C GLY A 75 3.23 -6.08 11.73
N THR A 76 3.98 -6.63 10.78
CA THR A 76 3.44 -7.62 9.86
C THR A 76 4.55 -8.43 9.20
N GLU A 77 5.60 -7.74 8.75
CA GLU A 77 6.72 -8.40 8.08
C GLU A 77 6.31 -8.92 6.71
N LEU A 78 6.37 -8.06 5.71
CA LEU A 78 5.99 -8.43 4.35
C LEU A 78 7.06 -7.97 3.35
N ARG A 79 7.48 -8.90 2.47
CA ARG A 79 8.49 -8.62 1.46
C ARG A 79 8.05 -9.08 0.08
N GLY A 80 7.91 -8.15 -0.86
CA GLY A 80 7.50 -8.52 -2.21
C GLY A 80 8.22 -7.74 -3.29
N THR A 81 7.48 -6.95 -4.06
CA THR A 81 8.06 -6.15 -5.14
C THR A 81 7.15 -4.98 -5.50
N TRP A 82 7.63 -4.14 -6.39
CA TRP A 82 6.87 -2.96 -6.85
C TRP A 82 7.36 -2.55 -8.23
N SER A 83 6.46 -2.42 -9.18
CA SER A 83 6.83 -2.03 -10.54
C SER A 83 5.77 -1.15 -11.18
N LEU A 84 6.20 -0.25 -12.06
CA LEU A 84 5.28 0.64 -12.74
C LEU A 84 5.02 0.16 -14.17
N GLU A 85 3.75 0.12 -14.54
CA GLU A 85 3.36 -0.33 -15.87
C GLU A 85 2.53 0.74 -16.59
N GLY A 86 3.20 1.52 -17.43
CA GLY A 86 2.52 2.56 -18.17
C GLY A 86 2.00 3.66 -17.26
N ASN A 87 0.69 3.72 -17.09
CA ASN A 87 0.08 4.74 -16.24
C ASN A 87 -0.44 4.12 -14.93
N LYS A 88 0.12 2.97 -14.57
CA LYS A 88 -0.28 2.28 -13.34
C LYS A 88 0.93 1.70 -12.63
N LEU A 89 0.79 1.47 -11.33
CA LEU A 89 1.88 0.91 -10.53
C LEU A 89 1.41 -0.33 -9.77
N ILE A 90 2.27 -1.34 -9.73
CA ILE A 90 1.95 -2.59 -9.05
C ILE A 90 2.84 -2.81 -7.84
N GLY A 91 2.24 -3.27 -6.75
CA GLY A 91 2.98 -3.54 -5.53
C GLY A 91 2.75 -4.97 -5.08
N LYS A 92 3.75 -5.56 -4.43
CA LYS A 92 3.65 -6.93 -3.97
C LYS A 92 4.38 -7.13 -2.65
N PHE A 93 3.98 -8.15 -1.91
CA PHE A 93 4.60 -8.48 -0.64
C PHE A 93 4.68 -9.99 -0.47
N LYS A 94 5.39 -10.41 0.57
CA LYS A 94 5.51 -11.82 0.90
C LYS A 94 5.85 -11.98 2.37
N ARG A 95 5.11 -12.82 3.05
CA ARG A 95 5.32 -13.05 4.47
C ARG A 95 6.53 -13.94 4.71
N THR A 96 7.21 -13.69 5.82
CA THR A 96 8.40 -14.44 6.19
C THR A 96 8.04 -15.85 6.68
N ASP A 97 6.80 -16.02 7.14
CA ASP A 97 6.33 -17.31 7.65
C ASP A 97 6.65 -18.44 6.66
N ASN A 98 6.47 -18.15 5.37
CA ASN A 98 6.73 -19.14 4.33
C ASN A 98 6.48 -18.54 2.95
N GLY A 99 6.90 -17.29 2.78
CA GLY A 99 6.72 -16.60 1.52
C GLY A 99 5.28 -16.66 1.01
N ASN A 100 4.38 -16.03 1.76
CA ASN A 100 2.98 -16.00 1.37
C ASN A 100 2.76 -14.97 0.27
N GLU A 101 1.91 -15.30 -0.70
CA GLU A 101 1.65 -14.43 -1.83
C GLU A 101 0.69 -13.29 -1.51
N LEU A 102 1.15 -12.09 -1.83
CA LEU A 102 0.38 -10.87 -1.61
C LEU A 102 0.53 -9.94 -2.81
N ASN A 103 -0.55 -9.75 -3.56
CA ASN A 103 -0.52 -8.92 -4.75
C ASN A 103 -1.26 -7.59 -4.54
N THR A 104 -0.83 -6.58 -5.30
CA THR A 104 -1.44 -5.26 -5.22
C THR A 104 -1.43 -4.57 -6.59
N VAL A 105 -2.61 -4.30 -7.12
CA VAL A 105 -2.74 -3.65 -8.41
C VAL A 105 -3.53 -2.34 -8.30
N ARG A 106 -2.97 -1.27 -8.84
CA ARG A 106 -3.62 0.04 -8.79
C ARG A 106 -3.64 0.71 -10.16
N GLU A 107 -4.83 0.92 -10.69
CA GLU A 107 -4.99 1.56 -12.00
C GLU A 107 -5.60 2.94 -11.84
N ILE A 108 -5.34 3.82 -12.81
CA ILE A 108 -5.88 5.18 -12.76
C ILE A 108 -7.30 5.23 -13.28
N ILE A 109 -8.27 5.00 -12.40
CA ILE A 109 -9.66 5.05 -12.77
C ILE A 109 -10.13 6.50 -12.84
N GLY A 110 -10.54 6.94 -14.02
CA GLY A 110 -10.97 8.32 -14.16
C GLY A 110 -9.96 9.30 -13.59
N ASP A 111 -10.41 10.11 -12.66
CA ASP A 111 -9.56 11.09 -12.00
C ASP A 111 -9.17 10.60 -10.61
N GLU A 112 -9.38 9.31 -10.36
CA GLU A 112 -9.08 8.68 -9.08
C GLU A 112 -8.31 7.39 -9.29
N LEU A 113 -7.94 6.75 -8.19
CA LEU A 113 -7.20 5.50 -8.26
C LEU A 113 -7.95 4.37 -7.58
N VAL A 114 -8.08 3.25 -8.29
CA VAL A 114 -8.77 2.08 -7.77
C VAL A 114 -7.74 0.99 -7.47
N GLN A 115 -7.48 0.74 -6.20
CA GLN A 115 -6.50 -0.25 -5.80
C GLN A 115 -7.14 -1.58 -5.45
N THR A 116 -6.49 -2.66 -5.86
CA THR A 116 -6.96 -4.02 -5.59
C THR A 116 -5.82 -4.86 -5.06
N TYR A 117 -5.92 -5.29 -3.82
CA TYR A 117 -4.89 -6.10 -3.20
C TYR A 117 -5.41 -7.50 -2.93
N VAL A 118 -4.52 -8.49 -2.94
CA VAL A 118 -4.91 -9.86 -2.67
C VAL A 118 -3.79 -10.62 -1.96
N TYR A 119 -4.18 -11.48 -1.02
CA TYR A 119 -3.23 -12.27 -0.27
C TYR A 119 -3.89 -13.54 0.26
N GLU A 120 -3.51 -14.68 -0.31
CA GLU A 120 -4.07 -15.98 0.07
C GLU A 120 -5.51 -15.86 0.58
N GLY A 121 -6.47 -15.97 -0.34
CA GLY A 121 -7.86 -15.89 0.05
C GLY A 121 -8.39 -14.48 0.19
N VAL A 122 -7.69 -13.65 0.97
CA VAL A 122 -8.12 -12.28 1.20
C VAL A 122 -7.80 -11.35 0.03
N GLU A 123 -8.79 -10.57 -0.35
CA GLU A 123 -8.65 -9.60 -1.43
C GLU A 123 -9.34 -8.30 -1.04
N ALA A 124 -8.56 -7.23 -0.93
CA ALA A 124 -9.12 -5.94 -0.53
C ALA A 124 -8.89 -4.88 -1.58
N LYS A 125 -9.93 -4.08 -1.83
CA LYS A 125 -9.87 -3.01 -2.80
C LYS A 125 -9.81 -1.67 -2.08
N ARG A 126 -9.45 -0.62 -2.79
CA ARG A 126 -9.34 0.69 -2.16
C ARG A 126 -9.52 1.84 -3.15
N ILE A 127 -10.55 2.65 -2.91
CA ILE A 127 -10.81 3.81 -3.75
C ILE A 127 -9.95 4.96 -3.26
N PHE A 128 -9.27 5.63 -4.18
CA PHE A 128 -8.38 6.72 -3.81
C PHE A 128 -8.86 8.08 -4.32
N LYS A 129 -8.44 9.12 -3.60
CA LYS A 129 -8.76 10.50 -3.96
C LYS A 129 -7.57 11.38 -3.63
N LYS A 130 -7.52 12.58 -4.20
CA LYS A 130 -6.40 13.48 -3.94
C LYS A 130 -6.81 14.64 -3.05
N ASP A 131 -5.84 15.15 -2.29
CA ASP A 131 -6.08 16.27 -1.39
C ASP A 131 -6.39 17.54 -2.17
N ALA A 1 1.52 11.58 -13.82
CA ALA A 1 1.41 12.46 -12.63
C ALA A 1 1.24 11.64 -11.36
N PHE A 2 2.24 10.82 -11.05
CA PHE A 2 2.18 9.97 -9.86
C PHE A 2 2.77 10.70 -8.65
N ASP A 3 4.00 11.18 -8.79
CA ASP A 3 4.68 11.91 -7.71
C ASP A 3 3.78 13.02 -7.18
N SER A 4 3.23 12.81 -5.98
CA SER A 4 2.34 13.81 -5.37
C SER A 4 1.77 13.30 -4.05
N THR A 5 0.92 14.12 -3.43
CA THR A 5 0.27 13.75 -2.18
C THR A 5 -1.03 13.01 -2.47
N TRP A 6 -1.16 11.80 -1.95
CA TRP A 6 -2.34 11.00 -2.21
C TRP A 6 -3.12 10.72 -0.93
N LYS A 7 -4.40 11.04 -0.97
CA LYS A 7 -5.29 10.81 0.16
C LYS A 7 -6.43 9.90 -0.27
N VAL A 8 -6.49 8.72 0.34
CA VAL A 8 -7.50 7.74 0.02
C VAL A 8 -8.90 8.23 0.37
N ASP A 9 -9.86 7.94 -0.50
CA ASP A 9 -11.24 8.35 -0.28
C ASP A 9 -12.01 7.26 0.48
N ARG A 10 -11.94 6.03 -0.04
CA ARG A 10 -12.63 4.90 0.59
C ARG A 10 -11.82 3.62 0.41
N SER A 11 -12.26 2.57 1.09
CA SER A 11 -11.57 1.28 1.01
C SER A 11 -12.56 0.13 1.06
N GLU A 12 -12.08 -1.07 0.71
CA GLU A 12 -12.92 -2.26 0.73
C GLU A 12 -12.09 -3.47 1.15
N ASN A 13 -12.58 -4.19 2.16
CA ASN A 13 -11.89 -5.37 2.66
C ASN A 13 -10.51 -5.02 3.20
N TYR A 14 -10.28 -3.73 3.43
CA TYR A 14 -8.99 -3.30 3.96
C TYR A 14 -8.71 -4.03 5.27
N ASP A 15 -9.73 -4.13 6.11
CA ASP A 15 -9.61 -4.83 7.37
C ASP A 15 -9.17 -6.27 7.11
N LYS A 16 -9.62 -6.80 5.98
CA LYS A 16 -9.29 -8.15 5.57
C LYS A 16 -7.79 -8.37 5.61
N PHE A 17 -7.05 -7.35 5.21
CA PHE A 17 -5.60 -7.42 5.19
C PHE A 17 -5.03 -7.26 6.59
N MET A 18 -5.79 -6.61 7.47
CA MET A 18 -5.33 -6.42 8.83
C MET A 18 -5.46 -7.71 9.63
N GLU A 19 -6.40 -8.57 9.24
CA GLU A 19 -6.61 -9.84 9.95
C GLU A 19 -5.72 -10.96 9.41
N LYS A 20 -5.86 -11.29 8.14
CA LYS A 20 -5.07 -12.36 7.53
C LYS A 20 -3.58 -12.09 7.64
N MET A 21 -3.17 -10.87 7.29
CA MET A 21 -1.76 -10.50 7.35
C MET A 21 -1.31 -10.30 8.79
N GLY A 22 -2.22 -9.83 9.64
CA GLY A 22 -1.88 -9.60 11.03
C GLY A 22 -1.42 -8.18 11.29
N VAL A 23 -2.17 -7.22 10.74
CA VAL A 23 -1.83 -5.81 10.91
C VAL A 23 -2.48 -5.26 12.17
N ASN A 24 -1.65 -4.94 13.16
CA ASN A 24 -2.13 -4.42 14.43
C ASN A 24 -3.13 -3.29 14.22
N ILE A 25 -4.35 -3.51 14.72
CA ILE A 25 -5.43 -2.52 14.60
C ILE A 25 -4.92 -1.11 14.90
N VAL A 26 -4.04 -1.00 15.90
CA VAL A 26 -3.47 0.30 16.27
C VAL A 26 -2.98 1.05 15.03
N LYS A 27 -2.15 0.39 14.24
CA LYS A 27 -1.61 0.99 13.03
C LYS A 27 -2.65 0.91 11.90
N ARG A 28 -3.47 -0.14 11.96
CA ARG A 28 -4.52 -0.34 10.96
C ARG A 28 -5.52 0.81 11.00
N LYS A 29 -5.75 1.36 12.18
CA LYS A 29 -6.68 2.47 12.36
C LYS A 29 -6.46 3.55 11.31
N LEU A 30 -5.20 3.89 11.05
CA LEU A 30 -4.87 4.91 10.07
C LEU A 30 -4.63 4.29 8.69
N ALA A 31 -4.50 2.98 8.65
CA ALA A 31 -4.27 2.27 7.40
C ALA A 31 -5.57 1.80 6.75
N ALA A 32 -6.61 1.66 7.56
CA ALA A 32 -7.90 1.18 7.04
C ALA A 32 -8.39 2.04 5.88
N HIS A 33 -8.38 3.37 6.05
CA HIS A 33 -8.83 4.28 4.98
C HIS A 33 -9.07 5.69 5.52
N ASP A 34 -9.83 5.78 6.60
CA ASP A 34 -10.17 7.07 7.21
C ASP A 34 -8.94 7.95 7.39
N ASN A 35 -7.96 7.45 8.13
CA ASN A 35 -6.75 8.19 8.38
C ASN A 35 -5.57 7.61 7.58
N LEU A 36 -5.82 7.35 6.30
CA LEU A 36 -4.79 6.78 5.44
C LEU A 36 -4.34 7.79 4.38
N LYS A 37 -3.07 8.16 4.44
CA LYS A 37 -2.49 9.09 3.48
C LYS A 37 -1.36 8.42 2.73
N LEU A 38 -1.53 8.27 1.44
CA LEU A 38 -0.53 7.64 0.60
C LEU A 38 0.18 8.70 -0.23
N THR A 39 1.51 8.66 -0.30
CA THR A 39 2.25 9.68 -1.04
C THR A 39 3.17 9.06 -2.08
N ILE A 40 3.42 9.82 -3.15
CA ILE A 40 4.28 9.38 -4.23
C ILE A 40 5.37 10.42 -4.52
N THR A 41 6.61 9.95 -4.65
CA THR A 41 7.73 10.84 -4.93
C THR A 41 8.52 10.37 -6.14
N GLN A 42 9.17 11.29 -6.82
CA GLN A 42 9.97 10.96 -8.01
C GLN A 42 11.45 10.85 -7.67
N GLU A 43 12.09 9.83 -8.23
CA GLU A 43 13.52 9.60 -8.00
C GLU A 43 14.05 8.56 -8.98
N GLY A 44 14.57 9.03 -10.11
CA GLY A 44 15.10 8.11 -11.10
C GLY A 44 14.13 7.00 -11.44
N ASN A 45 14.57 5.74 -11.36
CA ASN A 45 13.70 4.61 -11.62
C ASN A 45 13.09 4.10 -10.33
N LYS A 46 13.08 4.96 -9.32
CA LYS A 46 12.53 4.60 -8.02
C LYS A 46 11.58 5.66 -7.51
N PHE A 47 10.82 5.33 -6.47
CA PHE A 47 9.87 6.25 -5.87
C PHE A 47 9.99 6.25 -4.35
N THR A 48 9.30 7.21 -3.72
CA THR A 48 9.33 7.33 -2.28
C THR A 48 7.91 7.33 -1.71
N VAL A 49 7.64 6.40 -0.79
CA VAL A 49 6.31 6.31 -0.19
C VAL A 49 6.25 7.08 1.13
N LYS A 50 5.38 8.07 1.18
CA LYS A 50 5.22 8.88 2.37
C LYS A 50 3.80 8.76 2.91
N GLU A 51 3.66 8.14 4.08
CA GLU A 51 2.35 7.95 4.69
C GLU A 51 2.10 9.00 5.78
N SER A 52 0.84 9.37 5.96
CA SER A 52 0.47 10.35 6.95
C SER A 52 -0.80 9.93 7.68
N SER A 53 -0.84 10.18 8.99
CA SER A 53 -1.99 9.83 9.81
C SER A 53 -2.16 10.81 10.97
N ALA A 54 -3.10 10.52 11.86
CA ALA A 54 -3.35 11.37 13.01
C ALA A 54 -2.71 10.81 14.28
N PHE A 55 -2.27 9.55 14.22
CA PHE A 55 -1.65 8.91 15.37
C PHE A 55 -0.14 8.73 15.14
N ARG A 56 0.26 8.63 13.88
CA ARG A 56 1.67 8.44 13.56
C ARG A 56 1.93 8.73 12.08
N ASN A 57 3.13 8.42 11.62
CA ASN A 57 3.51 8.65 10.23
C ASN A 57 4.38 7.51 9.70
N ILE A 58 4.05 7.02 8.50
CA ILE A 58 4.80 5.94 7.88
C ILE A 58 5.45 6.41 6.59
N GLU A 59 6.45 5.66 6.12
CA GLU A 59 7.15 6.02 4.89
C GLU A 59 8.08 4.91 4.44
N VAL A 60 8.27 4.80 3.13
CA VAL A 60 9.14 3.77 2.58
C VAL A 60 9.48 4.05 1.11
N VAL A 61 10.77 4.10 0.80
CA VAL A 61 11.21 4.35 -0.57
C VAL A 61 11.27 3.03 -1.34
N PHE A 62 11.09 3.09 -2.65
CA PHE A 62 11.11 1.87 -3.45
C PHE A 62 11.61 2.13 -4.86
N GLU A 63 11.91 1.04 -5.56
CA GLU A 63 12.40 1.12 -6.93
C GLU A 63 11.68 0.14 -7.83
N LEU A 64 11.37 0.58 -9.04
CA LEU A 64 10.68 -0.25 -10.01
C LEU A 64 11.51 -1.50 -10.32
N GLY A 65 11.02 -2.66 -9.90
CA GLY A 65 11.73 -3.90 -10.13
C GLY A 65 12.56 -4.31 -8.94
N VAL A 66 12.18 -3.82 -7.78
CA VAL A 66 12.88 -4.13 -6.55
C VAL A 66 11.89 -4.57 -5.47
N THR A 67 12.32 -5.54 -4.68
CA THR A 67 11.49 -6.10 -3.63
C THR A 67 10.97 -5.03 -2.66
N PHE A 68 9.73 -5.22 -2.24
CA PHE A 68 9.08 -4.33 -1.29
C PHE A 68 9.51 -4.71 0.13
N ASN A 69 9.32 -3.81 1.08
CA ASN A 69 9.71 -4.09 2.46
C ASN A 69 8.72 -3.53 3.46
N TYR A 70 8.46 -4.31 4.51
CA TYR A 70 7.53 -3.91 5.56
C TYR A 70 7.55 -4.93 6.69
N ASN A 71 8.45 -4.74 7.66
CA ASN A 71 8.56 -5.64 8.79
C ASN A 71 9.04 -4.92 10.04
N LEU A 72 8.39 -5.21 11.17
CA LEU A 72 8.74 -4.59 12.45
C LEU A 72 7.73 -4.99 13.52
N ALA A 73 8.05 -4.66 14.78
CA ALA A 73 7.16 -4.98 15.89
C ALA A 73 5.72 -4.58 15.59
N ASP A 74 5.56 -3.36 15.10
CA ASP A 74 4.25 -2.84 14.74
C ASP A 74 4.20 -2.53 13.25
N GLY A 75 3.86 -3.53 12.45
CA GLY A 75 3.81 -3.36 11.01
C GLY A 75 3.76 -4.69 10.30
N THR A 76 4.16 -5.74 11.00
CA THR A 76 4.15 -7.08 10.47
C THR A 76 5.06 -7.19 9.26
N GLU A 77 5.73 -8.34 9.13
CA GLU A 77 6.65 -8.58 8.03
C GLU A 77 5.93 -8.81 6.71
N LEU A 78 6.45 -8.21 5.66
CA LEU A 78 5.89 -8.35 4.32
C LEU A 78 6.93 -7.95 3.28
N ARG A 79 7.39 -8.92 2.51
CA ARG A 79 8.40 -8.68 1.48
C ARG A 79 7.92 -9.15 0.11
N GLY A 80 7.86 -8.22 -0.85
CA GLY A 80 7.42 -8.58 -2.19
C GLY A 80 8.18 -7.79 -3.26
N THR A 81 7.45 -7.04 -4.08
CA THR A 81 8.06 -6.21 -5.13
C THR A 81 7.12 -5.09 -5.55
N TRP A 82 7.61 -4.21 -6.42
CA TRP A 82 6.81 -3.09 -6.92
C TRP A 82 7.20 -2.77 -8.36
N SER A 83 6.21 -2.71 -9.23
CA SER A 83 6.44 -2.41 -10.64
C SER A 83 5.37 -1.47 -11.17
N LEU A 84 5.81 -0.33 -11.69
CA LEU A 84 4.88 0.65 -12.24
C LEU A 84 4.85 0.57 -13.76
N GLU A 85 3.63 0.53 -14.30
CA GLU A 85 3.44 0.44 -15.74
C GLU A 85 2.60 1.60 -16.26
N GLY A 86 3.26 2.66 -16.71
CA GLY A 86 2.55 3.82 -17.21
C GLY A 86 1.80 4.56 -16.12
N ASN A 87 0.49 4.39 -16.08
CA ASN A 87 -0.34 5.05 -15.08
C ASN A 87 -0.87 4.05 -14.05
N LYS A 88 -0.19 2.91 -13.93
CA LYS A 88 -0.61 1.87 -12.99
C LYS A 88 0.58 1.34 -12.19
N LEU A 89 0.38 1.16 -10.90
CA LEU A 89 1.44 0.65 -10.02
C LEU A 89 1.03 -0.69 -9.42
N ILE A 90 1.89 -1.70 -9.60
CA ILE A 90 1.60 -3.03 -9.06
C ILE A 90 2.61 -3.44 -8.00
N GLY A 91 2.20 -3.32 -6.74
CA GLY A 91 3.07 -3.68 -5.63
C GLY A 91 2.76 -5.06 -5.11
N LYS A 92 3.70 -5.63 -4.36
CA LYS A 92 3.52 -6.96 -3.80
C LYS A 92 4.30 -7.14 -2.51
N PHE A 93 3.87 -8.10 -1.70
CA PHE A 93 4.53 -8.42 -0.44
C PHE A 93 4.49 -9.92 -0.19
N LYS A 94 5.20 -10.34 0.84
CA LYS A 94 5.22 -11.75 1.24
C LYS A 94 5.49 -11.84 2.73
N ARG A 95 4.68 -12.62 3.41
CA ARG A 95 4.83 -12.79 4.85
C ARG A 95 6.05 -13.63 5.18
N THR A 96 6.90 -13.10 6.06
CA THR A 96 8.12 -13.78 6.48
C THR A 96 7.81 -15.14 7.11
N ASP A 97 6.57 -15.32 7.56
CA ASP A 97 6.16 -16.58 8.18
C ASP A 97 6.60 -17.78 7.35
N ASN A 98 6.74 -17.55 6.04
CA ASN A 98 7.16 -18.60 5.11
C ASN A 98 7.21 -18.05 3.69
N GLY A 99 6.29 -17.16 3.39
CA GLY A 99 6.22 -16.56 2.07
C GLY A 99 4.82 -16.55 1.52
N ASN A 100 3.92 -15.86 2.22
CA ASN A 100 2.52 -15.78 1.78
C ASN A 100 2.39 -14.78 0.64
N GLU A 101 1.50 -15.10 -0.30
CA GLU A 101 1.29 -14.25 -1.46
C GLU A 101 0.42 -13.05 -1.16
N LEU A 102 0.94 -11.90 -1.55
CA LEU A 102 0.28 -10.61 -1.37
C LEU A 102 0.36 -9.83 -2.67
N ASN A 103 -0.80 -9.51 -3.24
CA ASN A 103 -0.85 -8.79 -4.50
C ASN A 103 -1.44 -7.39 -4.36
N THR A 104 -0.96 -6.47 -5.18
CA THR A 104 -1.44 -5.10 -5.15
C THR A 104 -1.40 -4.50 -6.56
N VAL A 105 -2.57 -4.14 -7.08
CA VAL A 105 -2.67 -3.56 -8.40
C VAL A 105 -3.32 -2.18 -8.34
N ARG A 106 -2.58 -1.17 -8.80
CA ARG A 106 -3.07 0.20 -8.79
C ARG A 106 -3.23 0.75 -10.20
N GLU A 107 -4.43 1.27 -10.49
CA GLU A 107 -4.71 1.83 -11.81
C GLU A 107 -5.35 3.20 -11.68
N ILE A 108 -5.05 4.08 -12.62
CA ILE A 108 -5.61 5.44 -12.61
C ILE A 108 -7.00 5.46 -13.24
N ILE A 109 -8.01 5.14 -12.45
CA ILE A 109 -9.37 5.16 -12.93
C ILE A 109 -9.90 6.59 -12.93
N GLY A 110 -10.28 7.09 -14.11
CA GLY A 110 -10.75 8.45 -14.19
C GLY A 110 -9.80 9.41 -13.52
N ASP A 111 -10.32 10.17 -12.57
CA ASP A 111 -9.51 11.12 -11.82
C ASP A 111 -9.14 10.54 -10.45
N GLU A 112 -9.38 9.24 -10.29
CA GLU A 112 -9.09 8.54 -9.04
C GLU A 112 -8.27 7.29 -9.30
N LEU A 113 -7.89 6.60 -8.23
CA LEU A 113 -7.11 5.38 -8.35
C LEU A 113 -7.84 4.19 -7.77
N VAL A 114 -7.93 3.11 -8.54
CA VAL A 114 -8.59 1.89 -8.08
C VAL A 114 -7.54 0.86 -7.70
N GLN A 115 -7.41 0.62 -6.40
CA GLN A 115 -6.41 -0.33 -5.90
C GLN A 115 -7.05 -1.62 -5.41
N THR A 116 -6.67 -2.73 -6.05
CA THR A 116 -7.18 -4.05 -5.67
C THR A 116 -6.03 -4.93 -5.19
N TYR A 117 -6.11 -5.34 -3.92
CA TYR A 117 -5.08 -6.19 -3.34
C TYR A 117 -5.64 -7.56 -3.03
N VAL A 118 -4.78 -8.57 -2.95
CA VAL A 118 -5.20 -9.92 -2.62
C VAL A 118 -4.09 -10.69 -1.92
N TYR A 119 -4.44 -11.42 -0.86
CA TYR A 119 -3.47 -12.20 -0.10
C TYR A 119 -4.13 -13.40 0.56
N GLU A 120 -3.65 -14.59 0.20
CA GLU A 120 -4.19 -15.85 0.73
C GLU A 120 -5.63 -15.71 1.21
N GLY A 121 -6.57 -15.92 0.30
CA GLY A 121 -7.99 -15.82 0.66
C GLY A 121 -8.45 -14.41 0.94
N VAL A 122 -7.53 -13.45 0.93
CA VAL A 122 -7.88 -12.05 1.19
C VAL A 122 -7.83 -11.22 -0.06
N GLU A 123 -8.73 -10.25 -0.15
CA GLU A 123 -8.79 -9.36 -1.29
C GLU A 123 -9.46 -8.04 -0.91
N ALA A 124 -8.69 -6.96 -0.93
CA ALA A 124 -9.20 -5.66 -0.56
C ALA A 124 -9.09 -4.66 -1.70
N LYS A 125 -10.12 -3.86 -1.86
CA LYS A 125 -10.15 -2.84 -2.89
C LYS A 125 -10.01 -1.47 -2.23
N ARG A 126 -9.62 -0.46 -3.00
CA ARG A 126 -9.43 0.86 -2.43
C ARG A 126 -9.53 1.97 -3.46
N ILE A 127 -10.55 2.82 -3.32
CA ILE A 127 -10.73 3.96 -4.20
C ILE A 127 -9.83 5.07 -3.72
N PHE A 128 -9.36 5.91 -4.64
CA PHE A 128 -8.46 6.98 -4.26
C PHE A 128 -8.86 8.35 -4.82
N LYS A 129 -8.43 9.39 -4.11
CA LYS A 129 -8.68 10.76 -4.51
C LYS A 129 -7.47 11.62 -4.16
N LYS A 130 -7.32 12.75 -4.82
CA LYS A 130 -6.17 13.62 -4.56
C LYS A 130 -6.59 14.89 -3.83
N ASP A 131 -5.66 15.42 -3.04
CA ASP A 131 -5.91 16.63 -2.26
C ASP A 131 -5.94 17.86 -3.18
N ALA A 1 1.90 12.27 -13.65
CA ALA A 1 1.37 13.07 -12.52
C ALA A 1 1.15 12.22 -11.29
N PHE A 2 2.09 11.32 -11.02
CA PHE A 2 1.99 10.44 -9.86
C PHE A 2 2.60 11.08 -8.62
N ASP A 3 3.79 11.65 -8.77
CA ASP A 3 4.48 12.31 -7.67
C ASP A 3 3.61 13.43 -7.10
N SER A 4 3.12 13.24 -5.88
CA SER A 4 2.26 14.23 -5.22
C SER A 4 1.70 13.68 -3.91
N THR A 5 0.78 14.43 -3.31
CA THR A 5 0.15 14.00 -2.06
C THR A 5 -1.09 13.20 -2.38
N TRP A 6 -1.12 11.95 -1.93
CA TRP A 6 -2.26 11.08 -2.18
C TRP A 6 -2.96 10.68 -0.90
N LYS A 7 -4.25 10.94 -0.86
CA LYS A 7 -5.06 10.61 0.30
C LYS A 7 -6.20 9.67 -0.08
N VAL A 8 -6.15 8.47 0.45
CA VAL A 8 -7.15 7.46 0.18
C VAL A 8 -8.54 7.91 0.62
N ASP A 9 -9.51 7.80 -0.29
CA ASP A 9 -10.89 8.21 0.01
C ASP A 9 -11.65 7.09 0.72
N ARG A 10 -11.83 5.96 0.02
CA ARG A 10 -12.54 4.83 0.60
C ARG A 10 -11.72 3.56 0.46
N SER A 11 -12.16 2.50 1.13
CA SER A 11 -11.47 1.21 1.09
C SER A 11 -12.46 0.05 1.12
N GLU A 12 -11.96 -1.14 0.80
CA GLU A 12 -12.78 -2.33 0.79
C GLU A 12 -11.95 -3.57 1.11
N ASN A 13 -12.43 -4.39 2.04
CA ASN A 13 -11.73 -5.60 2.44
C ASN A 13 -10.37 -5.28 3.05
N TYR A 14 -10.16 -4.00 3.37
CA TYR A 14 -8.91 -3.58 3.98
C TYR A 14 -8.68 -4.41 5.25
N ASP A 15 -9.72 -4.51 6.07
CA ASP A 15 -9.66 -5.30 7.30
C ASP A 15 -9.20 -6.72 6.99
N LYS A 16 -9.56 -7.19 5.80
CA LYS A 16 -9.20 -8.52 5.34
C LYS A 16 -7.70 -8.72 5.47
N PHE A 17 -6.95 -7.69 5.12
CA PHE A 17 -5.50 -7.73 5.20
C PHE A 17 -5.02 -7.65 6.64
N MET A 18 -5.86 -7.07 7.50
CA MET A 18 -5.53 -6.94 8.91
C MET A 18 -5.59 -8.29 9.62
N GLU A 19 -6.48 -9.17 9.16
CA GLU A 19 -6.64 -10.47 9.79
C GLU A 19 -5.69 -11.54 9.25
N LYS A 20 -5.77 -11.82 7.96
CA LYS A 20 -4.92 -12.84 7.35
C LYS A 20 -3.44 -12.55 7.56
N MET A 21 -3.02 -11.31 7.31
CA MET A 21 -1.62 -10.93 7.47
C MET A 21 -1.30 -10.62 8.92
N GLY A 22 -2.30 -10.16 9.66
CA GLY A 22 -2.10 -9.82 11.06
C GLY A 22 -1.65 -8.39 11.25
N VAL A 23 -2.44 -7.45 10.75
CA VAL A 23 -2.12 -6.03 10.87
C VAL A 23 -2.88 -5.43 12.05
N ASN A 24 -2.20 -5.29 13.18
CA ASN A 24 -2.81 -4.75 14.38
C ASN A 24 -3.54 -3.44 14.13
N ILE A 25 -4.14 -2.91 15.19
CA ILE A 25 -4.89 -1.67 15.12
C ILE A 25 -3.98 -0.46 15.32
N VAL A 26 -2.95 -0.65 16.12
CA VAL A 26 -1.99 0.41 16.41
C VAL A 26 -1.60 1.18 15.15
N LYS A 27 -1.08 0.47 14.16
CA LYS A 27 -0.66 1.08 12.91
C LYS A 27 -1.83 1.19 11.93
N ARG A 28 -2.77 0.26 12.04
CA ARG A 28 -3.95 0.24 11.18
C ARG A 28 -4.93 1.35 11.52
N LYS A 29 -4.84 1.88 12.75
CA LYS A 29 -5.73 2.94 13.20
C LYS A 29 -5.91 4.01 12.13
N LEU A 30 -4.80 4.48 11.57
CA LEU A 30 -4.83 5.49 10.54
C LEU A 30 -4.66 4.87 9.16
N ALA A 31 -3.88 3.78 9.11
CA ALA A 31 -3.63 3.08 7.86
C ALA A 31 -4.88 2.35 7.36
N ALA A 32 -5.88 2.23 8.22
CA ALA A 32 -7.11 1.53 7.86
C ALA A 32 -7.74 2.12 6.60
N HIS A 33 -7.85 3.44 6.53
CA HIS A 33 -8.45 4.11 5.38
C HIS A 33 -8.82 5.56 5.69
N ASP A 34 -9.54 5.76 6.78
CA ASP A 34 -9.98 7.08 7.18
C ASP A 34 -8.82 8.06 7.28
N ASN A 35 -7.81 7.71 8.07
CA ASN A 35 -6.65 8.58 8.25
C ASN A 35 -5.42 7.99 7.55
N LEU A 36 -5.61 7.53 6.32
CA LEU A 36 -4.51 6.96 5.55
C LEU A 36 -4.04 7.94 4.49
N LYS A 37 -2.77 8.34 4.59
CA LYS A 37 -2.17 9.26 3.64
C LYS A 37 -1.04 8.58 2.89
N LEU A 38 -1.23 8.45 1.59
CA LEU A 38 -0.24 7.82 0.74
C LEU A 38 0.45 8.90 -0.10
N THR A 39 1.73 9.12 0.16
CA THR A 39 2.47 10.16 -0.55
C THR A 39 3.31 9.58 -1.68
N ILE A 40 3.37 10.32 -2.79
CA ILE A 40 4.14 9.90 -3.96
C ILE A 40 5.19 10.95 -4.31
N THR A 41 6.41 10.50 -4.56
CA THR A 41 7.50 11.41 -4.91
C THR A 41 8.39 10.83 -6.00
N GLN A 42 9.03 11.72 -6.76
CA GLN A 42 9.91 11.30 -7.84
C GLN A 42 11.33 11.09 -7.33
N GLU A 43 11.83 9.87 -7.50
CA GLU A 43 13.18 9.53 -7.05
C GLU A 43 13.89 8.65 -8.05
N GLY A 44 13.72 8.98 -9.31
CA GLY A 44 14.35 8.22 -10.37
C GLY A 44 13.57 6.98 -10.74
N ASN A 45 14.22 5.81 -10.70
CA ASN A 45 13.55 4.56 -11.01
C ASN A 45 12.72 4.08 -9.83
N LYS A 46 12.71 4.85 -8.75
CA LYS A 46 11.96 4.47 -7.57
C LYS A 46 11.09 5.62 -7.07
N PHE A 47 10.03 5.25 -6.36
CA PHE A 47 9.08 6.21 -5.83
C PHE A 47 9.15 6.28 -4.30
N THR A 48 9.18 7.51 -3.78
CA THR A 48 9.23 7.72 -2.34
C THR A 48 7.82 7.75 -1.76
N VAL A 49 7.54 6.83 -0.84
CA VAL A 49 6.22 6.75 -0.22
C VAL A 49 6.29 7.21 1.23
N LYS A 50 5.46 8.18 1.57
CA LYS A 50 5.41 8.71 2.94
C LYS A 50 4.01 8.59 3.51
N GLU A 51 3.86 7.78 4.56
CA GLU A 51 2.57 7.59 5.20
C GLU A 51 2.30 8.67 6.24
N SER A 52 1.26 9.46 6.01
CA SER A 52 0.90 10.52 6.93
C SER A 52 -0.34 10.16 7.75
N SER A 53 -0.35 10.59 9.00
CA SER A 53 -1.48 10.33 9.88
C SER A 53 -1.66 11.44 10.90
N ALA A 54 -2.53 11.21 11.88
CA ALA A 54 -2.79 12.21 12.92
C ALA A 54 -1.63 12.26 13.91
N PHE A 55 -1.36 11.14 14.56
CA PHE A 55 -0.28 11.06 15.54
C PHE A 55 0.82 10.11 15.08
N ARG A 56 0.45 9.13 14.26
CA ARG A 56 1.41 8.16 13.76
C ARG A 56 1.99 8.61 12.42
N ASN A 57 3.24 8.21 12.16
CA ASN A 57 3.90 8.57 10.91
C ASN A 57 4.75 7.41 10.40
N ILE A 58 4.68 7.17 9.08
CA ILE A 58 5.44 6.10 8.46
C ILE A 58 6.01 6.55 7.12
N GLU A 59 7.02 5.85 6.63
CA GLU A 59 7.63 6.19 5.36
C GLU A 59 8.28 4.97 4.71
N VAL A 60 8.55 5.08 3.41
CA VAL A 60 9.16 3.98 2.67
C VAL A 60 9.38 4.38 1.21
N VAL A 61 10.19 3.61 0.49
CA VAL A 61 10.49 3.87 -0.90
C VAL A 61 10.46 2.58 -1.72
N PHE A 62 10.03 2.65 -2.97
CA PHE A 62 9.98 1.46 -3.81
C PHE A 62 10.51 1.76 -5.21
N GLU A 63 11.41 0.90 -5.66
CA GLU A 63 12.03 1.04 -6.96
C GLU A 63 11.51 0.01 -7.93
N LEU A 64 11.26 0.43 -9.16
CA LEU A 64 10.75 -0.46 -10.19
C LEU A 64 11.72 -1.60 -10.44
N GLY A 65 11.41 -2.77 -9.87
CA GLY A 65 12.27 -3.92 -10.02
C GLY A 65 13.03 -4.24 -8.74
N VAL A 66 12.57 -3.64 -7.63
CA VAL A 66 13.20 -3.85 -6.34
C VAL A 66 12.15 -4.16 -5.28
N THR A 67 12.52 -5.02 -4.35
CA THR A 67 11.61 -5.43 -3.29
C THR A 67 11.12 -4.24 -2.47
N PHE A 68 9.95 -4.42 -1.87
CA PHE A 68 9.33 -3.41 -1.03
C PHE A 68 9.54 -3.76 0.44
N ASN A 69 9.46 -2.77 1.32
CA ASN A 69 9.67 -3.02 2.74
C ASN A 69 8.54 -2.44 3.59
N TYR A 70 7.84 -3.30 4.30
CA TYR A 70 6.75 -2.87 5.18
C TYR A 70 6.77 -3.64 6.49
N ASN A 71 7.96 -3.72 7.09
CA ASN A 71 8.14 -4.44 8.35
C ASN A 71 7.77 -3.55 9.53
N LEU A 72 6.89 -4.06 10.39
CA LEU A 72 6.47 -3.32 11.57
C LEU A 72 5.99 -4.27 12.67
N ALA A 73 6.82 -4.42 13.70
CA ALA A 73 6.50 -5.31 14.82
C ALA A 73 5.14 -4.95 15.42
N ASP A 74 4.76 -3.69 15.31
CA ASP A 74 3.48 -3.24 15.85
C ASP A 74 2.31 -3.99 15.20
N GLY A 75 2.50 -4.40 13.95
CA GLY A 75 1.46 -5.13 13.26
C GLY A 75 1.98 -6.39 12.59
N THR A 76 2.71 -6.21 11.50
CA THR A 76 3.25 -7.35 10.76
C THR A 76 4.43 -6.92 9.88
N GLU A 77 4.85 -7.82 9.00
CA GLU A 77 5.96 -7.55 8.09
C GLU A 77 5.73 -8.26 6.76
N LEU A 78 5.64 -7.48 5.69
CA LEU A 78 5.42 -8.04 4.35
C LEU A 78 6.56 -7.68 3.40
N ARG A 79 6.99 -8.67 2.63
CA ARG A 79 8.07 -8.51 1.66
C ARG A 79 7.52 -8.60 0.25
N GLY A 80 7.75 -7.57 -0.57
CA GLY A 80 7.23 -7.60 -1.91
C GLY A 80 8.09 -6.89 -2.93
N THR A 81 7.45 -6.49 -4.03
CA THR A 81 8.13 -5.79 -5.12
C THR A 81 7.14 -4.88 -5.83
N TRP A 82 7.59 -3.68 -6.18
CA TRP A 82 6.74 -2.71 -6.87
C TRP A 82 7.22 -2.51 -8.30
N SER A 83 6.28 -2.35 -9.22
CA SER A 83 6.61 -2.15 -10.63
C SER A 83 5.50 -1.39 -11.34
N LEU A 84 5.89 -0.54 -12.28
CA LEU A 84 4.91 0.24 -13.03
C LEU A 84 4.84 -0.23 -14.48
N GLU A 85 3.64 -0.52 -14.93
CA GLU A 85 3.42 -0.97 -16.29
C GLU A 85 2.63 0.06 -17.08
N GLY A 86 3.34 0.94 -17.78
CA GLY A 86 2.69 1.98 -18.55
C GLY A 86 2.03 3.00 -17.66
N ASN A 87 0.72 2.90 -17.51
CA ASN A 87 -0.03 3.83 -16.67
C ASN A 87 -0.64 3.12 -15.47
N LYS A 88 -0.09 1.96 -15.11
CA LYS A 88 -0.60 1.19 -13.99
C LYS A 88 0.50 0.90 -12.97
N LEU A 89 0.10 0.84 -11.70
CA LEU A 89 1.03 0.56 -10.60
C LEU A 89 0.80 -0.85 -10.06
N ILE A 90 1.87 -1.64 -9.97
CA ILE A 90 1.74 -3.00 -9.46
C ILE A 90 2.76 -3.31 -8.37
N GLY A 91 2.27 -3.98 -7.33
CA GLY A 91 3.10 -4.37 -6.22
C GLY A 91 2.69 -5.75 -5.72
N LYS A 92 3.61 -6.48 -5.12
CA LYS A 92 3.30 -7.82 -4.63
C LYS A 92 4.09 -8.14 -3.36
N PHE A 93 3.39 -8.36 -2.24
CA PHE A 93 4.05 -8.66 -0.97
C PHE A 93 3.99 -10.15 -0.64
N LYS A 94 4.70 -10.51 0.42
CA LYS A 94 4.75 -11.88 0.90
C LYS A 94 5.15 -11.92 2.38
N ARG A 95 4.40 -12.65 3.18
CA ARG A 95 4.69 -12.75 4.61
C ARG A 95 5.92 -13.62 4.84
N THR A 96 6.72 -13.20 5.82
CA THR A 96 7.92 -13.92 6.18
C THR A 96 7.57 -15.20 6.93
N ASP A 97 6.34 -15.28 7.42
CA ASP A 97 5.87 -16.45 8.17
C ASP A 97 6.21 -17.73 7.43
N ASN A 98 5.73 -17.87 6.20
CA ASN A 98 6.00 -19.06 5.41
C ASN A 98 5.90 -18.77 3.91
N GLY A 99 6.11 -17.51 3.54
CA GLY A 99 6.04 -17.13 2.15
C GLY A 99 4.62 -17.15 1.63
N ASN A 100 3.90 -16.06 1.88
CA ASN A 100 2.52 -15.93 1.43
C ASN A 100 2.41 -14.83 0.37
N GLU A 101 2.16 -15.25 -0.85
CA GLU A 101 2.06 -14.35 -1.99
C GLU A 101 0.96 -13.32 -1.81
N LEU A 102 1.25 -12.12 -2.29
CA LEU A 102 0.34 -11.00 -2.19
C LEU A 102 0.45 -10.15 -3.46
N ASN A 103 -0.68 -9.90 -4.11
CA ASN A 103 -0.69 -9.11 -5.34
C ASN A 103 -1.34 -7.75 -5.12
N THR A 104 -0.90 -6.77 -5.90
CA THR A 104 -1.43 -5.41 -5.81
C THR A 104 -1.44 -4.74 -7.18
N VAL A 105 -2.64 -4.41 -7.64
CA VAL A 105 -2.81 -3.76 -8.93
C VAL A 105 -3.68 -2.51 -8.81
N ARG A 106 -3.09 -1.35 -9.05
CA ARG A 106 -3.81 -0.09 -8.97
C ARG A 106 -3.59 0.75 -10.23
N GLU A 107 -4.66 1.00 -10.96
CA GLU A 107 -4.58 1.79 -12.18
C GLU A 107 -5.29 3.13 -12.01
N ILE A 108 -4.93 4.10 -12.85
CA ILE A 108 -5.53 5.42 -12.78
C ILE A 108 -6.93 5.41 -13.38
N ILE A 109 -7.90 4.99 -12.59
CA ILE A 109 -9.28 4.95 -13.05
C ILE A 109 -9.86 6.36 -13.06
N GLY A 110 -10.31 6.82 -14.21
CA GLY A 110 -10.84 8.16 -14.31
C GLY A 110 -9.89 9.19 -13.74
N ASP A 111 -10.38 9.96 -12.79
CA ASP A 111 -9.57 10.98 -12.13
C ASP A 111 -9.12 10.50 -10.75
N GLU A 112 -9.21 9.20 -10.52
CA GLU A 112 -8.82 8.60 -9.26
C GLU A 112 -8.07 7.30 -9.46
N LEU A 113 -7.63 6.69 -8.37
CA LEU A 113 -6.89 5.43 -8.44
C LEU A 113 -7.69 4.30 -7.83
N VAL A 114 -7.81 3.20 -8.57
CA VAL A 114 -8.54 2.02 -8.09
C VAL A 114 -7.55 0.91 -7.78
N GLN A 115 -7.37 0.63 -6.50
CA GLN A 115 -6.43 -0.39 -6.07
C GLN A 115 -7.12 -1.70 -5.70
N THR A 116 -6.49 -2.81 -6.07
CA THR A 116 -6.99 -4.14 -5.78
C THR A 116 -5.84 -5.04 -5.34
N TYR A 117 -5.85 -5.41 -4.07
CA TYR A 117 -4.80 -6.27 -3.52
C TYR A 117 -5.35 -7.64 -3.19
N VAL A 118 -4.48 -8.64 -3.13
CA VAL A 118 -4.90 -9.99 -2.80
C VAL A 118 -3.78 -10.75 -2.08
N TYR A 119 -4.14 -11.45 -1.01
CA TYR A 119 -3.17 -12.22 -0.22
C TYR A 119 -3.82 -13.48 0.32
N GLU A 120 -3.31 -14.64 -0.11
CA GLU A 120 -3.83 -15.95 0.31
C GLU A 120 -5.27 -15.86 0.83
N GLY A 121 -6.23 -16.01 -0.08
CA GLY A 121 -7.62 -15.96 0.30
C GLY A 121 -8.13 -14.56 0.64
N VAL A 122 -7.21 -13.59 0.68
CA VAL A 122 -7.57 -12.22 1.00
C VAL A 122 -7.51 -11.33 -0.23
N GLU A 123 -8.41 -10.35 -0.29
CA GLU A 123 -8.45 -9.43 -1.40
C GLU A 123 -9.11 -8.12 -0.98
N ALA A 124 -8.34 -7.04 -1.02
CA ALA A 124 -8.85 -5.74 -0.61
C ALA A 124 -8.75 -4.73 -1.75
N LYS A 125 -9.83 -3.97 -1.95
CA LYS A 125 -9.88 -2.94 -2.97
C LYS A 125 -9.84 -1.58 -2.31
N ARG A 126 -9.04 -0.68 -2.86
CA ARG A 126 -8.90 0.65 -2.27
C ARG A 126 -9.05 1.77 -3.30
N ILE A 127 -10.11 2.56 -3.14
CA ILE A 127 -10.35 3.70 -4.01
C ILE A 127 -9.51 4.88 -3.55
N PHE A 128 -8.85 5.54 -4.48
CA PHE A 128 -7.99 6.66 -4.14
C PHE A 128 -8.59 8.02 -4.53
N LYS A 129 -8.24 9.02 -3.73
CA LYS A 129 -8.68 10.40 -3.98
C LYS A 129 -7.54 11.33 -3.62
N LYS A 130 -7.58 12.53 -4.16
CA LYS A 130 -6.51 13.49 -3.89
C LYS A 130 -6.98 14.62 -2.97
N ASP A 131 -6.04 15.12 -2.17
CA ASP A 131 -6.32 16.20 -1.25
C ASP A 131 -6.60 17.51 -1.99
N ALA A 1 1.65 11.85 -13.30
CA ALA A 1 1.07 12.67 -12.20
C ALA A 1 0.99 11.88 -10.90
N PHE A 2 1.87 10.90 -10.75
CA PHE A 2 1.90 10.08 -9.55
C PHE A 2 2.52 10.84 -8.38
N ASP A 3 3.70 11.40 -8.61
CA ASP A 3 4.40 12.16 -7.57
C ASP A 3 3.51 13.29 -7.02
N SER A 4 2.99 13.09 -5.81
CA SER A 4 2.13 14.09 -5.17
C SER A 4 1.59 13.57 -3.85
N THR A 5 0.72 14.36 -3.21
CA THR A 5 0.11 13.96 -1.95
C THR A 5 -1.17 13.20 -2.23
N TRP A 6 -1.20 11.93 -1.85
CA TRP A 6 -2.37 11.10 -2.10
C TRP A 6 -3.03 10.66 -0.81
N LYS A 7 -4.33 10.92 -0.73
CA LYS A 7 -5.13 10.55 0.43
C LYS A 7 -6.23 9.59 0.03
N VAL A 8 -6.23 8.42 0.64
CA VAL A 8 -7.20 7.40 0.36
C VAL A 8 -8.61 7.85 0.77
N ASP A 9 -9.59 7.62 -0.10
CA ASP A 9 -10.96 8.02 0.18
C ASP A 9 -11.74 6.87 0.81
N ARG A 10 -12.06 5.86 0.01
CA ARG A 10 -12.80 4.70 0.51
C ARG A 10 -11.98 3.43 0.36
N SER A 11 -12.41 2.38 1.03
CA SER A 11 -11.71 1.11 0.98
C SER A 11 -12.69 -0.06 0.93
N GLU A 12 -12.21 -1.20 0.41
CA GLU A 12 -13.02 -2.40 0.30
C GLU A 12 -12.23 -3.62 0.73
N ASN A 13 -12.75 -4.35 1.71
CA ASN A 13 -12.09 -5.54 2.21
C ASN A 13 -10.74 -5.20 2.83
N TYR A 14 -10.51 -3.91 3.09
CA TYR A 14 -9.25 -3.49 3.70
C TYR A 14 -9.07 -4.23 5.02
N ASP A 15 -10.12 -4.21 5.85
CA ASP A 15 -10.09 -4.90 7.13
C ASP A 15 -9.64 -6.34 6.93
N LYS A 16 -9.99 -6.89 5.77
CA LYS A 16 -9.62 -8.26 5.42
C LYS A 16 -8.13 -8.45 5.56
N PHE A 17 -7.38 -7.46 5.13
CA PHE A 17 -5.93 -7.52 5.20
C PHE A 17 -5.44 -7.39 6.63
N MET A 18 -6.24 -6.76 7.48
CA MET A 18 -5.89 -6.59 8.88
C MET A 18 -5.95 -7.92 9.63
N GLU A 19 -6.83 -8.82 9.18
CA GLU A 19 -6.99 -10.10 9.84
C GLU A 19 -6.00 -11.16 9.35
N LYS A 20 -6.06 -11.49 8.05
CA LYS A 20 -5.17 -12.51 7.49
C LYS A 20 -3.72 -12.16 7.74
N MET A 21 -3.34 -10.91 7.45
CA MET A 21 -1.97 -10.48 7.66
C MET A 21 -1.63 -10.50 9.15
N GLY A 22 -2.59 -10.08 9.97
CA GLY A 22 -2.37 -10.06 11.41
C GLY A 22 -1.80 -8.75 11.89
N VAL A 23 -2.48 -7.65 11.57
CA VAL A 23 -2.02 -6.33 11.99
C VAL A 23 -2.73 -5.89 13.26
N ASN A 24 -2.11 -4.99 14.01
CA ASN A 24 -2.68 -4.50 15.24
C ASN A 24 -3.72 -3.41 14.97
N ILE A 25 -4.22 -2.79 16.03
CA ILE A 25 -5.22 -1.74 15.89
C ILE A 25 -4.57 -0.37 15.73
N VAL A 26 -3.48 -0.15 16.47
CA VAL A 26 -2.75 1.12 16.41
C VAL A 26 -2.42 1.52 14.98
N LYS A 27 -1.92 0.56 14.20
CA LYS A 27 -1.58 0.82 12.81
C LYS A 27 -2.82 0.74 11.93
N ARG A 28 -3.74 -0.15 12.31
CA ARG A 28 -4.97 -0.32 11.57
C ARG A 28 -5.83 0.93 11.63
N LYS A 29 -5.76 1.64 12.75
CA LYS A 29 -6.53 2.86 12.94
C LYS A 29 -6.28 3.86 11.81
N LEU A 30 -5.01 4.00 11.42
CA LEU A 30 -4.64 4.93 10.36
C LEU A 30 -4.39 4.18 9.04
N ALA A 31 -4.27 2.86 9.13
CA ALA A 31 -4.02 2.04 7.94
C ALA A 31 -5.32 1.50 7.35
N ALA A 32 -6.39 1.53 8.12
CA ALA A 32 -7.68 1.01 7.66
C ALA A 32 -8.17 1.72 6.40
N HIS A 33 -8.17 3.05 6.41
CA HIS A 33 -8.61 3.84 5.26
C HIS A 33 -8.97 5.27 5.67
N ASP A 34 -9.70 5.40 6.77
CA ASP A 34 -10.13 6.69 7.27
C ASP A 34 -8.97 7.67 7.41
N ASN A 35 -7.97 7.29 8.20
CA ASN A 35 -6.81 8.14 8.41
C ASN A 35 -5.57 7.56 7.77
N LEU A 36 -5.56 7.50 6.45
CA LEU A 36 -4.42 6.96 5.71
C LEU A 36 -3.95 7.94 4.63
N LYS A 37 -2.67 8.26 4.65
CA LYS A 37 -2.08 9.17 3.68
C LYS A 37 -1.01 8.45 2.89
N LEU A 38 -1.25 8.34 1.60
CA LEU A 38 -0.34 7.67 0.69
C LEU A 38 0.36 8.72 -0.18
N THR A 39 1.67 8.89 -0.01
CA THR A 39 2.40 9.89 -0.78
C THR A 39 3.26 9.25 -1.86
N ILE A 40 3.52 10.02 -2.92
CA ILE A 40 4.34 9.56 -4.03
C ILE A 40 5.40 10.61 -4.39
N THR A 41 6.62 10.16 -4.64
CA THR A 41 7.71 11.06 -4.99
C THR A 41 8.44 10.57 -6.24
N GLN A 42 9.20 11.47 -6.87
CA GLN A 42 9.95 11.12 -8.07
C GLN A 42 11.44 11.10 -7.80
N GLU A 43 12.09 10.01 -8.20
CA GLU A 43 13.53 9.85 -8.00
C GLU A 43 14.08 8.80 -8.96
N GLY A 44 14.48 9.24 -10.15
CA GLY A 44 15.02 8.32 -11.14
C GLY A 44 14.06 7.17 -11.41
N ASN A 45 14.57 5.94 -11.46
CA ASN A 45 13.72 4.78 -11.69
C ASN A 45 13.05 4.33 -10.41
N LYS A 46 13.22 5.11 -9.34
CA LYS A 46 12.63 4.75 -8.06
C LYS A 46 11.72 5.85 -7.53
N PHE A 47 10.74 5.44 -6.73
CA PHE A 47 9.79 6.36 -6.12
C PHE A 47 10.00 6.41 -4.61
N THR A 48 9.38 7.40 -3.97
CA THR A 48 9.48 7.54 -2.52
C THR A 48 8.09 7.57 -1.90
N VAL A 49 7.82 6.61 -1.03
CA VAL A 49 6.51 6.53 -0.38
C VAL A 49 6.52 7.19 1.00
N LYS A 50 5.69 8.21 1.15
CA LYS A 50 5.58 8.92 2.42
C LYS A 50 4.18 8.76 2.99
N GLU A 51 4.07 8.04 4.10
CA GLU A 51 2.79 7.81 4.73
C GLU A 51 2.62 8.66 5.98
N SER A 52 1.52 9.39 6.04
CA SER A 52 1.24 10.26 7.17
C SER A 52 -0.04 9.82 7.89
N SER A 53 -0.10 10.07 9.19
CA SER A 53 -1.26 9.70 10.00
C SER A 53 -1.46 10.68 11.15
N ALA A 54 -2.37 10.35 12.05
CA ALA A 54 -2.65 11.19 13.20
C ALA A 54 -1.40 11.43 14.03
N PHE A 55 -0.97 10.40 14.78
CA PHE A 55 0.22 10.50 15.61
C PHE A 55 1.24 9.43 15.24
N ARG A 56 1.07 8.82 14.08
CA ARG A 56 1.99 7.78 13.62
C ARG A 56 2.74 8.22 12.38
N ASN A 57 3.83 7.53 12.08
CA ASN A 57 4.65 7.86 10.90
C ASN A 57 5.01 6.59 10.12
N ILE A 58 4.86 6.65 8.81
CA ILE A 58 5.18 5.51 7.95
C ILE A 58 5.65 5.98 6.58
N GLU A 59 6.49 5.17 5.94
CA GLU A 59 7.03 5.50 4.63
C GLU A 59 7.95 4.39 4.12
N VAL A 60 8.08 4.29 2.79
CA VAL A 60 8.93 3.26 2.21
C VAL A 60 9.30 3.59 0.76
N VAL A 61 10.55 4.00 0.54
CA VAL A 61 11.03 4.31 -0.80
C VAL A 61 10.98 3.04 -1.65
N PHE A 62 10.81 3.18 -2.97
CA PHE A 62 10.74 2.00 -3.82
C PHE A 62 11.32 2.25 -5.20
N GLU A 63 11.56 1.16 -5.91
CA GLU A 63 12.13 1.22 -7.26
C GLU A 63 11.44 0.21 -8.17
N LEU A 64 11.40 0.55 -9.46
CA LEU A 64 10.77 -0.32 -10.44
C LEU A 64 11.60 -1.58 -10.65
N GLY A 65 11.12 -2.70 -10.09
CA GLY A 65 11.85 -3.95 -10.22
C GLY A 65 12.61 -4.29 -8.96
N VAL A 66 12.14 -3.77 -7.83
CA VAL A 66 12.77 -4.02 -6.55
C VAL A 66 11.73 -4.43 -5.51
N THR A 67 12.14 -5.31 -4.62
CA THR A 67 11.26 -5.83 -3.58
C THR A 67 10.64 -4.72 -2.73
N PHE A 68 9.58 -5.07 -2.02
CA PHE A 68 8.86 -4.16 -1.16
C PHE A 68 9.26 -4.43 0.30
N ASN A 69 9.03 -3.46 1.17
CA ASN A 69 9.38 -3.63 2.58
C ASN A 69 8.38 -2.94 3.49
N TYR A 70 8.15 -3.53 4.66
CA TYR A 70 7.22 -2.98 5.64
C TYR A 70 7.39 -3.66 6.99
N ASN A 71 8.62 -3.63 7.52
CA ASN A 71 8.91 -4.25 8.80
C ASN A 71 8.30 -3.45 9.94
N LEU A 72 7.63 -4.15 10.86
CA LEU A 72 7.00 -3.51 12.00
C LEU A 72 6.29 -4.55 12.88
N ALA A 73 6.41 -4.39 14.19
CA ALA A 73 5.78 -5.31 15.13
C ALA A 73 4.27 -5.35 14.92
N ASP A 74 3.60 -4.26 15.28
CA ASP A 74 2.15 -4.17 15.13
C ASP A 74 1.77 -4.10 13.65
N GLY A 75 1.95 -5.22 12.95
CA GLY A 75 1.64 -5.27 11.53
C GLY A 75 2.44 -6.35 10.85
N THR A 76 3.55 -6.73 11.47
CA THR A 76 4.42 -7.76 10.96
C THR A 76 5.02 -7.35 9.62
N GLU A 77 6.29 -7.70 9.43
CA GLU A 77 7.01 -7.36 8.21
C GLU A 77 6.40 -7.98 6.97
N LEU A 78 6.34 -7.18 5.90
CA LEU A 78 5.80 -7.62 4.62
C LEU A 78 6.73 -7.16 3.51
N ARG A 79 7.17 -8.09 2.66
CA ARG A 79 8.09 -7.76 1.57
C ARG A 79 7.66 -8.39 0.25
N GLY A 80 7.55 -7.57 -0.79
CA GLY A 80 7.17 -8.07 -2.11
C GLY A 80 7.90 -7.33 -3.22
N THR A 81 7.16 -6.59 -4.05
CA THR A 81 7.77 -5.81 -5.14
C THR A 81 6.85 -4.68 -5.59
N TRP A 82 7.37 -3.86 -6.50
CA TRP A 82 6.62 -2.72 -7.06
C TRP A 82 7.05 -2.49 -8.50
N SER A 83 6.09 -2.27 -9.38
CA SER A 83 6.40 -2.04 -10.79
C SER A 83 5.34 -1.19 -11.47
N LEU A 84 5.77 -0.42 -12.47
CA LEU A 84 4.87 0.45 -13.21
C LEU A 84 4.81 0.01 -14.67
N GLU A 85 3.60 -0.06 -15.22
CA GLU A 85 3.42 -0.47 -16.61
C GLU A 85 2.45 0.46 -17.33
N GLY A 86 2.99 1.47 -18.01
CA GLY A 86 2.16 2.41 -18.75
C GLY A 86 1.26 3.20 -17.83
N ASN A 87 -0.04 2.90 -17.87
CA ASN A 87 -1.01 3.61 -17.04
C ASN A 87 -1.51 2.74 -15.90
N LYS A 88 -0.73 1.71 -15.55
CA LYS A 88 -1.11 0.81 -14.47
C LYS A 88 0.12 0.45 -13.62
N LEU A 89 -0.04 0.55 -12.31
CA LEU A 89 1.06 0.24 -11.39
C LEU A 89 0.73 -1.00 -10.55
N ILE A 90 1.74 -1.82 -10.29
CA ILE A 90 1.55 -3.03 -9.50
C ILE A 90 2.54 -3.12 -8.34
N GLY A 91 2.02 -3.52 -7.19
CA GLY A 91 2.82 -3.68 -6.01
C GLY A 91 2.49 -4.97 -5.28
N LYS A 92 3.41 -5.47 -4.48
CA LYS A 92 3.17 -6.71 -3.76
C LYS A 92 4.02 -6.81 -2.50
N PHE A 93 3.58 -7.66 -1.57
CA PHE A 93 4.29 -7.90 -0.32
C PHE A 93 4.39 -9.40 -0.05
N LYS A 94 5.13 -9.74 0.99
CA LYS A 94 5.27 -11.14 1.40
C LYS A 94 5.54 -11.23 2.90
N ARG A 95 4.88 -12.18 3.55
CA ARG A 95 5.06 -12.37 4.99
C ARG A 95 6.32 -13.17 5.29
N THR A 96 6.91 -12.89 6.45
CA THR A 96 8.11 -13.57 6.88
C THR A 96 7.81 -14.97 7.42
N ASP A 97 6.58 -15.17 7.89
CA ASP A 97 6.16 -16.46 8.43
C ASP A 97 6.53 -17.60 7.48
N ASN A 98 6.41 -17.35 6.19
CA ASN A 98 6.72 -18.35 5.17
C ASN A 98 6.53 -17.77 3.77
N GLY A 99 6.91 -16.50 3.61
CA GLY A 99 6.78 -15.84 2.32
C GLY A 99 5.39 -15.98 1.74
N ASN A 100 4.40 -15.41 2.42
CA ASN A 100 3.02 -15.47 1.95
C ASN A 100 2.83 -14.47 0.81
N GLU A 101 2.12 -14.87 -0.23
CA GLU A 101 1.90 -14.03 -1.39
C GLU A 101 0.92 -12.90 -1.12
N LEU A 102 1.29 -11.71 -1.58
CA LEU A 102 0.48 -10.53 -1.43
C LEU A 102 0.60 -9.64 -2.67
N ASN A 103 -0.47 -9.56 -3.44
CA ASN A 103 -0.48 -8.77 -4.67
C ASN A 103 -1.25 -7.48 -4.51
N THR A 104 -0.88 -6.49 -5.32
CA THR A 104 -1.54 -5.19 -5.31
C THR A 104 -1.56 -4.59 -6.71
N VAL A 105 -2.77 -4.41 -7.23
CA VAL A 105 -2.94 -3.84 -8.56
C VAL A 105 -3.48 -2.42 -8.48
N ARG A 106 -2.73 -1.47 -9.02
CA ARG A 106 -3.14 -0.07 -8.99
C ARG A 106 -3.37 0.45 -10.41
N GLU A 107 -4.61 0.82 -10.71
CA GLU A 107 -4.96 1.34 -12.03
C GLU A 107 -5.39 2.80 -11.92
N ILE A 108 -4.89 3.62 -12.83
CA ILE A 108 -5.23 5.03 -12.84
C ILE A 108 -6.57 5.27 -13.53
N ILE A 109 -7.62 5.38 -12.73
CA ILE A 109 -8.96 5.60 -13.25
C ILE A 109 -9.25 7.09 -13.36
N GLY A 110 -8.38 7.77 -14.08
CA GLY A 110 -8.53 9.19 -14.24
C GLY A 110 -7.87 9.93 -13.11
N ASP A 111 -8.62 10.81 -12.47
CA ASP A 111 -8.12 11.57 -11.35
C ASP A 111 -8.13 10.72 -10.07
N GLU A 112 -8.76 9.55 -10.15
CA GLU A 112 -8.84 8.65 -9.00
C GLU A 112 -8.02 7.39 -9.23
N LEU A 113 -7.77 6.64 -8.15
CA LEU A 113 -7.01 5.41 -8.25
C LEU A 113 -7.82 4.22 -7.75
N VAL A 114 -7.89 3.17 -8.57
CA VAL A 114 -8.60 1.96 -8.20
C VAL A 114 -7.58 0.87 -7.87
N GLN A 115 -7.46 0.55 -6.58
CA GLN A 115 -6.51 -0.46 -6.13
C GLN A 115 -7.18 -1.77 -5.75
N THR A 116 -6.51 -2.86 -6.11
CA THR A 116 -6.98 -4.21 -5.81
C THR A 116 -5.83 -5.03 -5.26
N TYR A 117 -5.91 -5.40 -3.99
CA TYR A 117 -4.87 -6.17 -3.36
C TYR A 117 -5.36 -7.58 -3.06
N VAL A 118 -4.44 -8.52 -2.94
CA VAL A 118 -4.79 -9.89 -2.64
C VAL A 118 -3.69 -10.60 -1.86
N TYR A 119 -4.06 -11.31 -0.81
CA TYR A 119 -3.09 -12.04 0.01
C TYR A 119 -3.71 -13.31 0.56
N GLU A 120 -3.16 -14.46 0.13
CA GLU A 120 -3.63 -15.79 0.56
C GLU A 120 -5.09 -15.76 1.00
N GLY A 121 -5.99 -15.98 0.05
CA GLY A 121 -7.41 -15.99 0.38
C GLY A 121 -7.99 -14.62 0.65
N VAL A 122 -7.14 -13.61 0.72
CA VAL A 122 -7.60 -12.25 0.99
C VAL A 122 -7.51 -11.38 -0.25
N GLU A 123 -8.47 -10.48 -0.41
CA GLU A 123 -8.50 -9.57 -1.53
C GLU A 123 -9.26 -8.31 -1.18
N ALA A 124 -8.56 -7.17 -1.17
CA ALA A 124 -9.18 -5.90 -0.83
C ALA A 124 -9.05 -4.89 -1.96
N LYS A 125 -10.10 -4.09 -2.14
CA LYS A 125 -10.11 -3.06 -3.16
C LYS A 125 -10.00 -1.71 -2.48
N ARG A 126 -9.68 -0.66 -3.25
CA ARG A 126 -9.53 0.65 -2.65
C ARG A 126 -9.60 1.79 -3.67
N ILE A 127 -10.55 2.70 -3.44
CA ILE A 127 -10.72 3.87 -4.29
C ILE A 127 -9.89 5.01 -3.72
N PHE A 128 -9.26 5.79 -4.59
CA PHE A 128 -8.41 6.87 -4.14
C PHE A 128 -8.88 8.25 -4.61
N LYS A 129 -8.50 9.26 -3.82
CA LYS A 129 -8.82 10.65 -4.12
C LYS A 129 -7.65 11.52 -3.68
N LYS A 130 -7.55 12.72 -4.22
CA LYS A 130 -6.45 13.61 -3.88
C LYS A 130 -6.92 14.79 -3.03
N ASP A 131 -6.01 15.29 -2.20
CA ASP A 131 -6.30 16.41 -1.32
C ASP A 131 -6.69 17.65 -2.12
N ALA A 1 1.17 11.04 -14.03
CA ALA A 1 1.14 11.98 -12.88
C ALA A 1 0.97 11.23 -11.56
N PHE A 2 1.99 10.47 -11.18
CA PHE A 2 1.95 9.70 -9.95
C PHE A 2 2.50 10.52 -8.78
N ASP A 3 3.64 11.18 -9.01
CA ASP A 3 4.27 12.00 -7.99
C ASP A 3 3.30 13.07 -7.49
N SER A 4 2.86 12.94 -6.24
CA SER A 4 1.93 13.90 -5.66
C SER A 4 1.44 13.43 -4.29
N THR A 5 0.59 14.23 -3.65
CA THR A 5 0.02 13.88 -2.36
C THR A 5 -1.26 13.08 -2.59
N TRP A 6 -1.33 11.89 -2.01
CA TRP A 6 -2.51 11.05 -2.21
C TRP A 6 -3.26 10.81 -0.91
N LYS A 7 -4.55 11.10 -0.95
CA LYS A 7 -5.42 10.89 0.19
C LYS A 7 -6.51 9.90 -0.17
N VAL A 8 -6.51 8.77 0.52
CA VAL A 8 -7.47 7.72 0.27
C VAL A 8 -8.88 8.13 0.68
N ASP A 9 -9.86 7.73 -0.12
CA ASP A 9 -11.26 8.07 0.16
C ASP A 9 -11.97 6.91 0.84
N ARG A 10 -12.29 5.87 0.07
CA ARG A 10 -12.98 4.72 0.62
C ARG A 10 -12.13 3.46 0.50
N SER A 11 -12.50 2.42 1.24
CA SER A 11 -11.76 1.17 1.22
C SER A 11 -12.71 -0.03 1.30
N GLU A 12 -12.19 -1.20 0.96
CA GLU A 12 -12.99 -2.42 0.99
C GLU A 12 -12.12 -3.62 1.36
N ASN A 13 -12.56 -4.37 2.37
CA ASN A 13 -11.82 -5.52 2.83
C ASN A 13 -10.44 -5.13 3.35
N TYR A 14 -10.25 -3.84 3.61
CA TYR A 14 -8.97 -3.38 4.13
C TYR A 14 -8.65 -4.15 5.40
N ASP A 15 -9.67 -4.35 6.23
CA ASP A 15 -9.51 -5.12 7.46
C ASP A 15 -9.01 -6.51 7.12
N LYS A 16 -9.48 -7.02 5.99
CA LYS A 16 -9.10 -8.34 5.50
C LYS A 16 -7.59 -8.51 5.56
N PHE A 17 -6.88 -7.46 5.21
CA PHE A 17 -5.42 -7.49 5.23
C PHE A 17 -4.89 -7.37 6.64
N MET A 18 -5.67 -6.75 7.52
CA MET A 18 -5.27 -6.59 8.90
C MET A 18 -5.38 -7.91 9.68
N GLU A 19 -6.30 -8.78 9.28
CA GLU A 19 -6.50 -10.05 9.98
C GLU A 19 -5.58 -11.17 9.45
N LYS A 20 -5.72 -11.50 8.18
CA LYS A 20 -4.93 -12.56 7.56
C LYS A 20 -3.44 -12.34 7.77
N MET A 21 -2.98 -11.12 7.51
CA MET A 21 -1.56 -10.80 7.67
C MET A 21 -1.21 -10.54 9.14
N GLY A 22 -2.20 -10.11 9.92
CA GLY A 22 -1.97 -9.83 11.31
C GLY A 22 -1.45 -8.43 11.55
N VAL A 23 -2.07 -7.46 10.86
CA VAL A 23 -1.68 -6.06 10.98
C VAL A 23 -2.26 -5.45 12.25
N ASN A 24 -1.40 -4.86 13.07
CA ASN A 24 -1.84 -4.25 14.31
C ASN A 24 -2.94 -3.23 14.07
N ILE A 25 -4.11 -3.50 14.65
CA ILE A 25 -5.27 -2.62 14.51
C ILE A 25 -4.89 -1.17 14.84
N VAL A 26 -4.00 -0.99 15.81
CA VAL A 26 -3.56 0.34 16.20
C VAL A 26 -3.13 1.16 14.97
N LYS A 27 -2.15 0.64 14.24
CA LYS A 27 -1.67 1.31 13.04
C LYS A 27 -2.68 1.13 11.90
N ARG A 28 -3.41 0.02 11.94
CA ARG A 28 -4.42 -0.26 10.94
C ARG A 28 -5.49 0.83 10.94
N LYS A 29 -5.74 1.40 12.12
CA LYS A 29 -6.73 2.46 12.26
C LYS A 29 -6.49 3.61 11.29
N LEU A 30 -5.24 4.08 11.26
CA LEU A 30 -4.88 5.19 10.38
C LEU A 30 -4.71 4.71 8.94
N ALA A 31 -4.49 3.42 8.77
CA ALA A 31 -4.30 2.85 7.44
C ALA A 31 -5.62 2.32 6.87
N ALA A 32 -6.64 2.20 7.72
CA ALA A 32 -7.93 1.69 7.28
C ALA A 32 -8.50 2.47 6.10
N HIS A 33 -8.49 3.81 6.18
CA HIS A 33 -9.00 4.64 5.09
C HIS A 33 -9.29 6.06 5.55
N ASP A 34 -9.84 6.20 6.75
CA ASP A 34 -10.20 7.51 7.29
C ASP A 34 -8.97 8.39 7.52
N ASN A 35 -7.99 7.87 8.24
CA ASN A 35 -6.78 8.63 8.53
C ASN A 35 -5.59 8.06 7.77
N LEU A 36 -5.79 7.71 6.51
CA LEU A 36 -4.73 7.17 5.69
C LEU A 36 -4.33 8.13 4.58
N LYS A 37 -3.07 8.55 4.60
CA LYS A 37 -2.53 9.46 3.61
C LYS A 37 -1.35 8.82 2.91
N LEU A 38 -1.50 8.59 1.62
CA LEU A 38 -0.46 7.99 0.82
C LEU A 38 0.18 9.06 -0.05
N THR A 39 1.50 9.20 0.02
CA THR A 39 2.19 10.24 -0.75
C THR A 39 3.09 9.64 -1.83
N ILE A 40 3.29 10.41 -2.89
CA ILE A 40 4.13 9.96 -4.01
C ILE A 40 5.04 11.10 -4.49
N THR A 41 6.27 10.74 -4.86
CA THR A 41 7.23 11.73 -5.37
C THR A 41 8.18 11.07 -6.37
N GLN A 42 8.70 11.87 -7.29
CA GLN A 42 9.60 11.35 -8.32
C GLN A 42 11.07 11.45 -7.89
N GLU A 43 11.78 10.33 -8.02
CA GLU A 43 13.19 10.27 -7.68
C GLU A 43 13.87 9.13 -8.43
N GLY A 44 14.36 9.43 -9.63
CA GLY A 44 15.01 8.41 -10.44
C GLY A 44 14.09 7.22 -10.67
N ASN A 45 14.66 6.02 -10.69
CA ASN A 45 13.86 4.82 -10.88
C ASN A 45 13.14 4.43 -9.59
N LYS A 46 13.35 5.22 -8.54
CA LYS A 46 12.72 4.95 -7.25
C LYS A 46 11.64 5.97 -6.92
N PHE A 47 10.62 5.50 -6.21
CA PHE A 47 9.51 6.34 -5.80
C PHE A 47 9.54 6.54 -4.29
N THR A 48 9.18 7.73 -3.84
CA THR A 48 9.17 8.02 -2.41
C THR A 48 7.73 8.07 -1.91
N VAL A 49 7.40 7.19 -0.98
CA VAL A 49 6.06 7.14 -0.42
C VAL A 49 6.06 7.53 1.05
N LYS A 50 5.23 8.50 1.39
CA LYS A 50 5.13 8.97 2.77
C LYS A 50 3.72 8.75 3.33
N GLU A 51 3.61 7.85 4.29
CA GLU A 51 2.32 7.55 4.91
C GLU A 51 2.08 8.45 6.11
N SER A 52 1.05 9.28 6.04
CA SER A 52 0.73 10.19 7.13
C SER A 52 -0.44 9.66 7.97
N SER A 53 -0.33 9.84 9.28
CA SER A 53 -1.36 9.39 10.20
C SER A 53 -1.42 10.29 11.43
N ALA A 54 -2.54 10.24 12.15
CA ALA A 54 -2.73 11.05 13.35
C ALA A 54 -2.28 10.31 14.60
N PHE A 55 -1.51 9.24 14.42
CA PHE A 55 -1.02 8.45 15.55
C PHE A 55 0.50 8.43 15.60
N ARG A 56 1.13 8.59 14.44
CA ARG A 56 2.59 8.60 14.35
C ARG A 56 3.05 8.87 12.93
N ASN A 57 4.35 8.67 12.69
CA ASN A 57 4.92 8.90 11.36
C ASN A 57 5.09 7.59 10.60
N ILE A 58 4.92 7.64 9.28
CA ILE A 58 5.05 6.46 8.45
C ILE A 58 5.53 6.82 7.05
N GLU A 59 6.35 5.96 6.45
CA GLU A 59 6.87 6.20 5.11
C GLU A 59 7.82 5.08 4.69
N VAL A 60 8.30 5.14 3.44
CA VAL A 60 9.21 4.14 2.93
C VAL A 60 9.62 4.45 1.49
N VAL A 61 10.72 3.84 1.05
CA VAL A 61 11.23 4.05 -0.30
C VAL A 61 10.66 3.00 -1.28
N PHE A 62 10.46 3.41 -2.52
CA PHE A 62 9.94 2.52 -3.55
C PHE A 62 10.89 2.50 -4.74
N GLU A 63 10.99 1.35 -5.38
CA GLU A 63 11.89 1.22 -6.52
C GLU A 63 11.38 0.18 -7.49
N LEU A 64 11.35 0.54 -8.77
CA LEU A 64 10.88 -0.36 -9.82
C LEU A 64 11.89 -1.47 -10.06
N GLY A 65 11.57 -2.67 -9.58
CA GLY A 65 12.46 -3.80 -9.75
C GLY A 65 13.16 -4.17 -8.47
N VAL A 66 12.64 -3.68 -7.34
CA VAL A 66 13.21 -3.98 -6.04
C VAL A 66 12.13 -4.47 -5.09
N THR A 67 12.56 -5.16 -4.05
CA THR A 67 11.63 -5.71 -3.09
C THR A 67 11.25 -4.68 -2.02
N PHE A 68 10.01 -4.75 -1.56
CA PHE A 68 9.51 -3.85 -0.54
C PHE A 68 9.92 -4.37 0.83
N ASN A 69 10.07 -3.46 1.78
CA ASN A 69 10.49 -3.83 3.13
C ASN A 69 9.48 -3.39 4.18
N TYR A 70 8.93 -4.36 4.89
CA TYR A 70 7.96 -4.09 5.94
C TYR A 70 8.15 -5.06 7.11
N ASN A 71 9.41 -5.44 7.34
CA ASN A 71 9.74 -6.37 8.42
C ASN A 71 9.96 -5.62 9.72
N LEU A 72 8.88 -5.39 10.46
CA LEU A 72 8.96 -4.68 11.73
C LEU A 72 7.82 -5.09 12.65
N ALA A 73 8.17 -5.67 13.79
CA ALA A 73 7.17 -6.11 14.77
C ALA A 73 6.22 -4.98 15.12
N ASP A 74 6.68 -3.75 14.98
CA ASP A 74 5.87 -2.57 15.28
C ASP A 74 4.65 -2.51 14.37
N GLY A 75 4.78 -3.05 13.16
CA GLY A 75 3.68 -3.04 12.21
C GLY A 75 3.35 -4.42 11.68
N THR A 76 4.23 -4.95 10.83
CA THR A 76 4.02 -6.26 10.24
C THR A 76 5.33 -6.83 9.71
N GLU A 77 5.22 -7.82 8.82
CA GLU A 77 6.40 -8.45 8.23
C GLU A 77 6.08 -8.95 6.82
N LEU A 78 5.92 -8.02 5.89
CA LEU A 78 5.61 -8.37 4.50
C LEU A 78 6.75 -7.95 3.57
N ARG A 79 7.05 -8.82 2.61
CA ARG A 79 8.11 -8.57 1.64
C ARG A 79 7.55 -8.67 0.23
N GLY A 80 7.68 -7.61 -0.55
CA GLY A 80 7.14 -7.63 -1.90
C GLY A 80 8.02 -6.94 -2.93
N THR A 81 7.38 -6.46 -3.99
CA THR A 81 8.08 -5.76 -5.07
C THR A 81 7.12 -4.82 -5.80
N TRP A 82 7.60 -3.61 -6.08
CA TRP A 82 6.79 -2.63 -6.80
C TRP A 82 7.38 -2.38 -8.19
N SER A 83 6.53 -2.49 -9.20
CA SER A 83 6.97 -2.28 -10.57
C SER A 83 5.95 -1.43 -11.33
N LEU A 84 6.44 -0.65 -12.30
CA LEU A 84 5.56 0.21 -13.08
C LEU A 84 5.60 -0.18 -14.55
N GLU A 85 4.42 -0.37 -15.12
CA GLU A 85 4.28 -0.73 -16.53
C GLU A 85 3.42 0.29 -17.26
N GLY A 86 4.06 1.16 -18.02
CA GLY A 86 3.32 2.17 -18.76
C GLY A 86 2.85 3.30 -17.86
N ASN A 87 1.55 3.35 -17.61
CA ASN A 87 0.98 4.39 -16.76
C ASN A 87 0.39 3.81 -15.48
N LYS A 88 0.84 2.61 -15.11
CA LYS A 88 0.34 1.95 -13.91
C LYS A 88 1.46 1.24 -13.16
N LEU A 89 1.24 1.01 -11.87
CA LEU A 89 2.23 0.33 -11.04
C LEU A 89 1.61 -0.85 -10.30
N ILE A 90 2.39 -1.92 -10.13
CA ILE A 90 1.90 -3.11 -9.44
C ILE A 90 2.82 -3.55 -8.31
N GLY A 91 2.25 -3.67 -7.13
CA GLY A 91 2.99 -4.11 -5.97
C GLY A 91 2.46 -5.42 -5.44
N LYS A 92 3.32 -6.22 -4.83
CA LYS A 92 2.90 -7.52 -4.30
C LYS A 92 3.80 -7.92 -3.14
N PHE A 93 3.20 -8.20 -1.98
CA PHE A 93 3.97 -8.59 -0.80
C PHE A 93 3.96 -10.10 -0.58
N LYS A 94 4.75 -10.53 0.38
CA LYS A 94 4.86 -11.93 0.73
C LYS A 94 5.19 -12.07 2.22
N ARG A 95 4.37 -12.79 2.95
CA ARG A 95 4.56 -12.98 4.38
C ARG A 95 5.72 -13.93 4.66
N THR A 96 6.49 -13.59 5.68
CA THR A 96 7.63 -14.40 6.08
C THR A 96 7.18 -15.66 6.82
N ASP A 97 5.97 -15.63 7.36
CA ASP A 97 5.41 -16.77 8.08
C ASP A 97 5.52 -18.05 7.27
N ASN A 98 5.08 -17.99 6.01
CA ASN A 98 5.13 -19.15 5.13
C ASN A 98 5.15 -18.71 3.66
N GLY A 99 5.73 -17.54 3.41
CA GLY A 99 5.80 -17.03 2.06
C GLY A 99 4.45 -16.94 1.39
N ASN A 100 3.50 -16.30 2.07
CA ASN A 100 2.16 -16.14 1.52
C ASN A 100 2.16 -15.07 0.43
N GLU A 101 1.38 -15.29 -0.62
CA GLU A 101 1.32 -14.36 -1.73
C GLU A 101 0.37 -13.20 -1.47
N LEU A 102 0.83 -12.02 -1.82
CA LEU A 102 0.05 -10.79 -1.65
C LEU A 102 0.19 -9.91 -2.89
N ASN A 103 -0.92 -9.74 -3.61
CA ASN A 103 -0.91 -8.95 -4.83
C ASN A 103 -1.56 -7.58 -4.65
N THR A 104 -1.08 -6.61 -5.40
CA THR A 104 -1.62 -5.25 -5.35
C THR A 104 -1.54 -4.59 -6.73
N VAL A 105 -2.70 -4.25 -7.27
CA VAL A 105 -2.77 -3.62 -8.58
C VAL A 105 -3.27 -2.19 -8.48
N ARG A 106 -2.53 -1.26 -9.08
CA ARG A 106 -2.88 0.14 -9.06
C ARG A 106 -3.10 0.68 -10.48
N GLU A 107 -4.33 1.08 -10.78
CA GLU A 107 -4.65 1.61 -12.10
C GLU A 107 -5.35 2.96 -11.97
N ILE A 108 -5.14 3.83 -12.96
CA ILE A 108 -5.74 5.15 -12.93
C ILE A 108 -7.15 5.14 -13.53
N ILE A 109 -8.14 4.98 -12.68
CA ILE A 109 -9.52 4.97 -13.11
C ILE A 109 -10.03 6.41 -13.21
N GLY A 110 -10.36 6.86 -14.41
CA GLY A 110 -10.82 8.22 -14.57
C GLY A 110 -9.87 9.21 -13.96
N ASP A 111 -10.39 10.06 -13.09
CA ASP A 111 -9.57 11.06 -12.42
C ASP A 111 -9.23 10.60 -10.99
N GLU A 112 -9.46 9.31 -10.74
CA GLU A 112 -9.19 8.72 -9.43
C GLU A 112 -8.44 7.40 -9.60
N LEU A 113 -8.10 6.77 -8.48
CA LEU A 113 -7.37 5.51 -8.53
C LEU A 113 -8.16 4.38 -7.88
N VAL A 114 -8.26 3.27 -8.61
CA VAL A 114 -8.96 2.09 -8.10
C VAL A 114 -7.93 1.04 -7.69
N GLN A 115 -8.00 0.62 -6.43
CA GLN A 115 -7.05 -0.35 -5.91
C GLN A 115 -7.70 -1.68 -5.58
N THR A 116 -6.99 -2.76 -5.94
CA THR A 116 -7.44 -4.12 -5.68
C THR A 116 -6.27 -4.96 -5.19
N TYR A 117 -6.31 -5.35 -3.93
CA TYR A 117 -5.26 -6.15 -3.34
C TYR A 117 -5.77 -7.55 -3.03
N VAL A 118 -4.87 -8.51 -2.93
CA VAL A 118 -5.25 -9.88 -2.61
C VAL A 118 -4.12 -10.61 -1.88
N TYR A 119 -4.48 -11.43 -0.90
CA TYR A 119 -3.50 -12.18 -0.13
C TYR A 119 -4.13 -13.43 0.48
N GLU A 120 -3.77 -14.59 -0.06
CA GLU A 120 -4.30 -15.88 0.40
C GLU A 120 -5.70 -15.73 0.98
N GLY A 121 -6.72 -15.84 0.13
CA GLY A 121 -8.08 -15.70 0.60
C GLY A 121 -8.50 -14.25 0.78
N VAL A 122 -7.53 -13.41 1.13
CA VAL A 122 -7.78 -12.00 1.36
C VAL A 122 -7.78 -11.21 0.07
N GLU A 123 -8.62 -10.17 0.03
CA GLU A 123 -8.72 -9.31 -1.13
C GLU A 123 -9.40 -8.01 -0.72
N ALA A 124 -8.66 -6.91 -0.82
CA ALA A 124 -9.18 -5.61 -0.44
C ALA A 124 -9.20 -4.65 -1.61
N LYS A 125 -10.31 -3.94 -1.75
CA LYS A 125 -10.46 -2.96 -2.83
C LYS A 125 -10.37 -1.57 -2.20
N ARG A 126 -10.04 -0.56 -3.00
CA ARG A 126 -9.92 0.77 -2.44
C ARG A 126 -9.95 1.87 -3.50
N ILE A 127 -10.90 2.79 -3.35
CA ILE A 127 -11.04 3.93 -4.25
C ILE A 127 -10.19 5.07 -3.70
N PHE A 128 -9.57 5.83 -4.58
CA PHE A 128 -8.71 6.92 -4.14
C PHE A 128 -9.00 8.25 -4.82
N LYS A 129 -8.63 9.33 -4.13
CA LYS A 129 -8.78 10.68 -4.65
C LYS A 129 -7.60 11.53 -4.19
N LYS A 130 -7.38 12.64 -4.85
CA LYS A 130 -6.26 13.51 -4.50
C LYS A 130 -6.74 14.80 -3.85
N ASP A 131 -5.89 15.36 -2.99
CA ASP A 131 -6.21 16.60 -2.29
C ASP A 131 -6.27 17.78 -3.26
N ALA A 1 1.27 11.28 -13.53
CA ALA A 1 1.04 12.22 -12.40
C ALA A 1 0.96 11.48 -11.08
N PHE A 2 1.79 10.45 -10.92
CA PHE A 2 1.82 9.66 -9.69
C PHE A 2 2.41 10.45 -8.54
N ASP A 3 3.63 10.97 -8.74
CA ASP A 3 4.32 11.75 -7.72
C ASP A 3 3.42 12.89 -7.23
N SER A 4 2.86 12.73 -6.03
CA SER A 4 1.99 13.75 -5.45
C SER A 4 1.42 13.29 -4.12
N THR A 5 0.58 14.13 -3.51
CA THR A 5 -0.05 13.80 -2.25
C THR A 5 -1.36 13.08 -2.51
N TRP A 6 -1.45 11.83 -2.07
CA TRP A 6 -2.64 11.02 -2.30
C TRP A 6 -3.38 10.72 -1.00
N LYS A 7 -4.67 10.96 -1.01
CA LYS A 7 -5.52 10.69 0.14
C LYS A 7 -6.57 9.65 -0.20
N VAL A 8 -6.58 8.58 0.57
CA VAL A 8 -7.53 7.50 0.35
C VAL A 8 -8.94 7.91 0.76
N ASP A 9 -9.91 7.66 -0.11
CA ASP A 9 -11.30 8.01 0.17
C ASP A 9 -12.01 6.89 0.89
N ARG A 10 -12.10 5.74 0.25
CA ARG A 10 -12.77 4.58 0.84
C ARG A 10 -11.98 3.30 0.58
N SER A 11 -12.23 2.28 1.37
CA SER A 11 -11.54 1.00 1.22
C SER A 11 -12.49 -0.16 1.49
N GLU A 12 -12.40 -1.18 0.65
CA GLU A 12 -13.21 -2.37 0.79
C GLU A 12 -12.31 -3.57 1.05
N ASN A 13 -12.61 -4.31 2.11
CA ASN A 13 -11.82 -5.47 2.48
C ASN A 13 -10.42 -5.05 2.95
N TYR A 14 -10.20 -3.75 3.11
CA TYR A 14 -8.92 -3.26 3.58
C TYR A 14 -8.59 -3.95 4.90
N ASP A 15 -9.57 -3.98 5.80
CA ASP A 15 -9.41 -4.65 7.08
C ASP A 15 -8.99 -6.10 6.86
N LYS A 16 -9.54 -6.70 5.80
CA LYS A 16 -9.26 -8.08 5.43
C LYS A 16 -7.75 -8.33 5.42
N PHE A 17 -7.01 -7.35 4.94
CA PHE A 17 -5.56 -7.46 4.88
C PHE A 17 -4.98 -7.33 6.26
N MET A 18 -5.59 -6.49 7.08
CA MET A 18 -5.19 -6.31 8.44
C MET A 18 -5.56 -7.57 9.23
N GLU A 19 -6.54 -8.30 8.69
CA GLU A 19 -7.06 -9.50 9.30
C GLU A 19 -6.25 -10.76 8.95
N LYS A 20 -6.16 -11.08 7.65
CA LYS A 20 -5.43 -12.27 7.22
C LYS A 20 -3.94 -12.14 7.55
N MET A 21 -3.40 -10.94 7.39
CA MET A 21 -1.99 -10.70 7.67
C MET A 21 -1.78 -10.39 9.15
N GLY A 22 -2.85 -10.04 9.85
CA GLY A 22 -2.74 -9.71 11.26
C GLY A 22 -1.97 -8.43 11.46
N VAL A 23 -2.46 -7.35 10.88
CA VAL A 23 -1.80 -6.05 10.98
C VAL A 23 -2.15 -5.37 12.29
N ASN A 24 -1.12 -4.89 12.99
CA ASN A 24 -1.30 -4.22 14.28
C ASN A 24 -2.47 -3.25 14.25
N ILE A 25 -2.95 -2.87 15.42
CA ILE A 25 -4.08 -1.97 15.54
C ILE A 25 -3.66 -0.50 15.51
N VAL A 26 -2.62 -0.17 16.28
CA VAL A 26 -2.13 1.20 16.35
C VAL A 26 -1.88 1.79 14.95
N LYS A 27 -1.16 1.05 14.12
CA LYS A 27 -0.86 1.51 12.77
C LYS A 27 -2.08 1.35 11.86
N ARG A 28 -2.88 0.33 12.14
CA ARG A 28 -4.08 0.05 11.37
C ARG A 28 -5.19 1.06 11.69
N LYS A 29 -5.10 1.69 12.85
CA LYS A 29 -6.08 2.67 13.28
C LYS A 29 -6.47 3.63 12.16
N LEU A 30 -5.48 4.33 11.63
CA LEU A 30 -5.70 5.28 10.55
C LEU A 30 -5.48 4.62 9.19
N ALA A 31 -4.55 3.67 9.17
CA ALA A 31 -4.21 2.96 7.94
C ALA A 31 -5.35 2.04 7.50
N ALA A 32 -6.32 1.79 8.37
CA ALA A 32 -7.43 0.90 8.04
C ALA A 32 -8.15 1.31 6.76
N HIS A 33 -8.46 2.59 6.61
CA HIS A 33 -9.16 3.08 5.40
C HIS A 33 -9.77 4.46 5.60
N ASP A 34 -10.28 4.72 6.80
CA ASP A 34 -10.92 6.00 7.10
C ASP A 34 -9.94 7.16 7.09
N ASN A 35 -8.84 7.03 7.82
CA ASN A 35 -7.85 8.10 7.90
C ASN A 35 -6.48 7.63 7.43
N LEU A 36 -6.29 7.58 6.11
CA LEU A 36 -5.02 7.16 5.55
C LEU A 36 -4.59 8.09 4.42
N LYS A 37 -3.31 8.38 4.36
CA LYS A 37 -2.76 9.25 3.32
C LYS A 37 -1.59 8.57 2.63
N LEU A 38 -1.74 8.35 1.34
CA LEU A 38 -0.71 7.70 0.54
C LEU A 38 -0.01 8.76 -0.30
N THR A 39 1.31 8.71 -0.35
CA THR A 39 2.08 9.70 -1.11
C THR A 39 2.99 9.04 -2.14
N ILE A 40 3.41 9.83 -3.12
CA ILE A 40 4.29 9.34 -4.17
C ILE A 40 5.37 10.36 -4.52
N THR A 41 6.55 9.88 -4.87
CA THR A 41 7.66 10.75 -5.22
C THR A 41 8.39 10.25 -6.47
N GLN A 42 9.19 11.12 -7.07
CA GLN A 42 9.95 10.76 -8.27
C GLN A 42 11.45 10.88 -8.03
N GLU A 43 12.17 9.79 -8.28
CA GLU A 43 13.62 9.78 -8.10
C GLU A 43 14.25 8.65 -8.91
N GLY A 44 14.66 8.96 -10.13
CA GLY A 44 15.26 7.96 -10.99
C GLY A 44 14.31 6.80 -11.25
N ASN A 45 14.83 5.58 -11.25
CA ASN A 45 13.99 4.41 -11.49
C ASN A 45 13.30 3.97 -10.20
N LYS A 46 13.46 4.76 -9.14
CA LYS A 46 12.84 4.43 -7.87
C LYS A 46 11.93 5.55 -7.39
N PHE A 47 10.83 5.16 -6.74
CA PHE A 47 9.86 6.11 -6.23
C PHE A 47 9.87 6.12 -4.70
N THR A 48 9.25 7.14 -4.12
CA THR A 48 9.16 7.26 -2.67
C THR A 48 7.71 7.39 -2.22
N VAL A 49 7.25 6.45 -1.40
CA VAL A 49 5.88 6.47 -0.91
C VAL A 49 5.83 6.92 0.55
N LYS A 50 5.15 8.02 0.79
CA LYS A 50 5.02 8.57 2.14
C LYS A 50 3.61 8.37 2.68
N GLU A 51 3.48 7.63 3.77
CA GLU A 51 2.19 7.38 4.38
C GLU A 51 2.02 8.16 5.68
N SER A 52 1.04 9.06 5.71
CA SER A 52 0.80 9.87 6.88
C SER A 52 -0.68 9.88 7.26
N SER A 53 -0.96 9.89 8.56
CA SER A 53 -2.34 9.90 9.05
C SER A 53 -2.42 10.62 10.39
N ALA A 54 -3.55 11.30 10.62
CA ALA A 54 -3.78 12.03 11.87
C ALA A 54 -2.51 12.72 12.36
N PHE A 55 -1.77 12.05 13.25
CA PHE A 55 -0.52 12.61 13.79
C PHE A 55 0.66 11.69 13.53
N ARG A 56 0.39 10.38 13.39
CA ARG A 56 1.43 9.40 13.15
C ARG A 56 2.22 9.73 11.88
N ASN A 57 3.29 8.98 11.63
CA ASN A 57 4.12 9.20 10.46
C ASN A 57 4.59 7.87 9.88
N ILE A 58 4.43 7.71 8.57
CA ILE A 58 4.84 6.50 7.88
C ILE A 58 5.41 6.81 6.51
N GLU A 59 6.31 5.94 6.02
CA GLU A 59 6.92 6.14 4.72
C GLU A 59 7.76 4.92 4.34
N VAL A 60 8.10 4.82 3.05
CA VAL A 60 8.89 3.69 2.57
C VAL A 60 9.30 3.87 1.10
N VAL A 61 10.52 4.35 0.88
CA VAL A 61 11.01 4.54 -0.49
C VAL A 61 11.01 3.21 -1.22
N PHE A 62 10.93 3.23 -2.55
CA PHE A 62 10.90 1.99 -3.32
C PHE A 62 11.45 2.17 -4.73
N GLU A 63 11.75 1.04 -5.36
CA GLU A 63 12.28 1.04 -6.72
C GLU A 63 11.47 0.13 -7.63
N LEU A 64 11.45 0.45 -8.91
CA LEU A 64 10.72 -0.34 -9.90
C LEU A 64 11.48 -1.61 -10.23
N GLY A 65 11.00 -2.74 -9.70
CA GLY A 65 11.67 -4.01 -9.96
C GLY A 65 12.50 -4.45 -8.77
N VAL A 66 12.15 -3.94 -7.60
CA VAL A 66 12.86 -4.27 -6.38
C VAL A 66 11.89 -4.68 -5.29
N THR A 67 12.27 -5.70 -4.54
CA THR A 67 11.43 -6.24 -3.47
C THR A 67 10.92 -5.15 -2.53
N PHE A 68 9.69 -5.36 -2.04
CA PHE A 68 9.05 -4.46 -1.11
C PHE A 68 9.52 -4.77 0.30
N ASN A 69 9.37 -3.82 1.22
CA ASN A 69 9.81 -4.01 2.58
C ASN A 69 8.85 -3.39 3.59
N TYR A 70 8.63 -4.09 4.69
CA TYR A 70 7.75 -3.61 5.76
C TYR A 70 7.88 -4.51 6.98
N ASN A 71 9.11 -4.89 7.29
CA ASN A 71 9.39 -5.75 8.44
C ASN A 71 8.75 -5.22 9.72
N LEU A 72 8.50 -6.11 10.66
CA LEU A 72 7.90 -5.74 11.93
C LEU A 72 7.75 -6.96 12.84
N ALA A 73 8.83 -7.29 13.55
CA ALA A 73 8.83 -8.44 14.44
C ALA A 73 7.61 -8.43 15.38
N ASP A 74 7.11 -7.23 15.65
CA ASP A 74 5.95 -7.08 16.53
C ASP A 74 4.77 -6.45 15.79
N GLY A 75 4.73 -6.65 14.48
CA GLY A 75 3.65 -6.10 13.68
C GLY A 75 3.09 -7.09 12.69
N THR A 76 3.81 -7.30 11.59
CA THR A 76 3.38 -8.23 10.56
C THR A 76 4.54 -8.65 9.65
N GLU A 77 5.34 -7.67 9.23
CA GLU A 77 6.48 -7.93 8.35
C GLU A 77 5.99 -8.40 6.99
N LEU A 78 6.15 -7.54 5.98
CA LEU A 78 5.72 -7.86 4.63
C LEU A 78 6.78 -7.47 3.61
N ARG A 79 7.21 -8.43 2.78
CA ARG A 79 8.22 -8.20 1.76
C ARG A 79 7.80 -8.78 0.41
N GLY A 80 7.72 -7.93 -0.62
CA GLY A 80 7.32 -8.40 -1.94
C GLY A 80 8.09 -7.72 -3.05
N THR A 81 7.41 -6.89 -3.83
CA THR A 81 8.04 -6.14 -4.92
C THR A 81 7.23 -4.91 -5.31
N TRP A 82 7.76 -4.13 -6.23
CA TRP A 82 7.10 -2.91 -6.70
C TRP A 82 7.60 -2.54 -8.09
N SER A 83 6.67 -2.34 -9.02
CA SER A 83 7.03 -1.98 -10.39
C SER A 83 5.98 -1.06 -11.01
N LEU A 84 6.42 -0.19 -11.91
CA LEU A 84 5.52 0.74 -12.57
C LEU A 84 5.24 0.29 -14.01
N GLU A 85 3.97 0.31 -14.39
CA GLU A 85 3.56 -0.11 -15.72
C GLU A 85 2.76 1.00 -16.42
N GLY A 86 3.47 1.82 -17.21
CA GLY A 86 2.82 2.89 -17.92
C GLY A 86 2.25 3.94 -16.98
N ASN A 87 0.92 4.00 -16.89
CA ASN A 87 0.26 4.97 -16.01
C ASN A 87 -0.24 4.29 -14.74
N LYS A 88 0.34 3.13 -14.41
CA LYS A 88 -0.06 2.40 -13.23
C LYS A 88 1.18 1.88 -12.49
N LEU A 89 1.03 1.62 -11.19
CA LEU A 89 2.13 1.13 -10.38
C LEU A 89 1.70 -0.11 -9.59
N ILE A 90 2.44 -1.20 -9.78
CA ILE A 90 2.14 -2.45 -9.08
C ILE A 90 3.07 -2.66 -7.90
N GLY A 91 2.49 -3.12 -6.80
CA GLY A 91 3.25 -3.40 -5.60
C GLY A 91 2.81 -4.70 -4.97
N LYS A 92 3.70 -5.35 -4.25
CA LYS A 92 3.38 -6.62 -3.62
C LYS A 92 4.23 -6.85 -2.37
N PHE A 93 3.73 -7.69 -1.48
CA PHE A 93 4.42 -8.02 -0.25
C PHE A 93 4.38 -9.52 0.02
N LYS A 94 5.11 -9.93 1.05
CA LYS A 94 5.13 -11.33 1.47
C LYS A 94 5.33 -11.41 2.97
N ARG A 95 4.52 -12.23 3.63
CA ARG A 95 4.61 -12.39 5.07
C ARG A 95 5.75 -13.32 5.45
N THR A 96 6.28 -13.10 6.65
CA THR A 96 7.39 -13.90 7.17
C THR A 96 6.89 -15.25 7.68
N ASP A 97 5.62 -15.32 8.04
CA ASP A 97 5.02 -16.56 8.55
C ASP A 97 5.39 -17.75 7.66
N ASN A 98 5.45 -17.49 6.35
CA ASN A 98 5.77 -18.53 5.39
C ASN A 98 5.75 -17.97 3.97
N GLY A 99 6.25 -16.75 3.81
CA GLY A 99 6.28 -16.10 2.53
C GLY A 99 4.94 -16.17 1.82
N ASN A 100 3.94 -15.50 2.38
CA ASN A 100 2.61 -15.47 1.80
C ASN A 100 2.53 -14.40 0.71
N GLU A 101 1.94 -14.75 -0.42
CA GLU A 101 1.81 -13.84 -1.55
C GLU A 101 0.83 -12.70 -1.26
N LEU A 102 1.24 -11.51 -1.64
CA LEU A 102 0.43 -10.31 -1.45
C LEU A 102 0.60 -9.38 -2.65
N ASN A 103 -0.46 -9.23 -3.44
CA ASN A 103 -0.42 -8.39 -4.63
C ASN A 103 -1.13 -7.06 -4.43
N THR A 104 -0.66 -6.05 -5.15
CA THR A 104 -1.25 -4.72 -5.09
C THR A 104 -1.14 -4.04 -6.46
N VAL A 105 -2.30 -3.74 -7.05
CA VAL A 105 -2.34 -3.11 -8.36
C VAL A 105 -3.05 -1.76 -8.30
N ARG A 106 -2.35 -0.72 -8.76
CA ARG A 106 -2.92 0.63 -8.76
C ARG A 106 -3.28 1.06 -10.18
N GLU A 107 -4.56 1.27 -10.43
CA GLU A 107 -5.03 1.68 -11.74
C GLU A 107 -5.63 3.09 -11.69
N ILE A 108 -5.40 3.86 -12.75
CA ILE A 108 -5.93 5.21 -12.81
C ILE A 108 -7.32 5.24 -13.42
N ILE A 109 -8.34 5.20 -12.56
CA ILE A 109 -9.71 5.22 -13.01
C ILE A 109 -10.20 6.64 -13.21
N GLY A 110 -9.51 7.35 -14.07
CA GLY A 110 -9.86 8.72 -14.33
C GLY A 110 -9.23 9.66 -13.34
N ASP A 111 -10.05 10.51 -12.75
CA ASP A 111 -9.57 11.45 -11.77
C ASP A 111 -9.32 10.77 -10.43
N GLU A 112 -9.66 9.48 -10.34
CA GLU A 112 -9.47 8.72 -9.11
C GLU A 112 -8.65 7.47 -9.35
N LEU A 113 -8.31 6.77 -8.28
CA LEU A 113 -7.53 5.55 -8.38
C LEU A 113 -8.29 4.37 -7.78
N VAL A 114 -8.35 3.28 -8.54
CA VAL A 114 -9.03 2.07 -8.08
C VAL A 114 -7.99 1.03 -7.70
N GLN A 115 -7.82 0.80 -6.41
CA GLN A 115 -6.84 -0.15 -5.92
C GLN A 115 -7.45 -1.53 -5.66
N THR A 116 -6.68 -2.55 -6.00
CA THR A 116 -7.10 -3.94 -5.80
C THR A 116 -5.93 -4.77 -5.29
N TYR A 117 -6.00 -5.17 -4.03
CA TYR A 117 -4.94 -5.96 -3.41
C TYR A 117 -5.41 -7.38 -3.18
N VAL A 118 -4.47 -8.30 -3.02
CA VAL A 118 -4.81 -9.69 -2.76
C VAL A 118 -3.71 -10.39 -1.96
N TYR A 119 -4.11 -11.22 -1.00
CA TYR A 119 -3.15 -11.94 -0.16
C TYR A 119 -3.78 -13.21 0.39
N GLU A 120 -3.24 -14.36 -0.04
CA GLU A 120 -3.71 -15.68 0.37
C GLU A 120 -5.18 -15.66 0.77
N GLY A 121 -6.06 -15.89 -0.20
CA GLY A 121 -7.48 -15.91 0.09
C GLY A 121 -8.07 -14.53 0.36
N VAL A 122 -7.21 -13.52 0.44
CA VAL A 122 -7.66 -12.17 0.72
C VAL A 122 -7.57 -11.29 -0.51
N GLU A 123 -8.53 -10.39 -0.66
CA GLU A 123 -8.56 -9.47 -1.78
C GLU A 123 -9.35 -8.22 -1.40
N ALA A 124 -8.67 -7.10 -1.32
CA ALA A 124 -9.30 -5.84 -0.94
C ALA A 124 -9.18 -4.79 -2.03
N LYS A 125 -10.25 -4.02 -2.20
CA LYS A 125 -10.26 -2.96 -3.20
C LYS A 125 -10.21 -1.61 -2.48
N ARG A 126 -9.90 -0.54 -3.21
CA ARG A 126 -9.80 0.76 -2.57
C ARG A 126 -9.94 1.92 -3.55
N ILE A 127 -10.90 2.80 -3.28
CA ILE A 127 -11.12 3.98 -4.09
C ILE A 127 -10.19 5.09 -3.63
N PHE A 128 -9.76 5.95 -4.54
CA PHE A 128 -8.83 7.01 -4.19
C PHE A 128 -9.28 8.38 -4.67
N LYS A 129 -8.83 9.40 -3.95
CA LYS A 129 -9.10 10.79 -4.29
C LYS A 129 -7.87 11.64 -3.98
N LYS A 130 -7.75 12.79 -4.60
CA LYS A 130 -6.61 13.66 -4.37
C LYS A 130 -6.99 14.90 -3.56
N ASP A 131 -6.03 15.41 -2.80
CA ASP A 131 -6.25 16.59 -1.98
C ASP A 131 -6.49 17.83 -2.84
N ALA A 1 0.45 11.10 -13.94
CA ALA A 1 0.59 12.02 -12.79
C ALA A 1 0.62 11.26 -11.48
N PHE A 2 1.73 10.57 -11.23
CA PHE A 2 1.90 9.79 -10.01
C PHE A 2 2.50 10.65 -8.89
N ASP A 3 3.59 11.34 -9.21
CA ASP A 3 4.27 12.19 -8.24
C ASP A 3 3.31 13.23 -7.67
N SER A 4 2.92 13.03 -6.41
CA SER A 4 2.00 13.96 -5.75
C SER A 4 1.57 13.44 -4.38
N THR A 5 0.75 14.22 -3.69
CA THR A 5 0.23 13.84 -2.38
C THR A 5 -1.04 13.05 -2.57
N TRP A 6 -1.11 11.85 -2.01
CA TRP A 6 -2.28 11.00 -2.20
C TRP A 6 -3.00 10.70 -0.89
N LYS A 7 -4.29 10.96 -0.90
CA LYS A 7 -5.15 10.70 0.25
C LYS A 7 -6.19 9.65 -0.09
N VAL A 8 -6.18 8.57 0.67
CA VAL A 8 -7.10 7.48 0.45
C VAL A 8 -8.54 7.91 0.76
N ASP A 9 -9.45 7.63 -0.17
CA ASP A 9 -10.85 8.00 0.00
C ASP A 9 -11.63 6.91 0.71
N ARG A 10 -12.02 5.88 -0.03
CA ARG A 10 -12.78 4.78 0.54
C ARG A 10 -11.97 3.49 0.51
N SER A 11 -12.31 2.58 1.40
CA SER A 11 -11.61 1.30 1.49
C SER A 11 -12.60 0.15 1.50
N GLU A 12 -12.22 -0.96 0.88
CA GLU A 12 -13.06 -2.14 0.82
C GLU A 12 -12.23 -3.40 1.05
N ASN A 13 -12.72 -4.27 1.94
CA ASN A 13 -12.04 -5.50 2.26
C ASN A 13 -10.68 -5.21 2.91
N TYR A 14 -10.46 -3.95 3.29
CA TYR A 14 -9.22 -3.57 3.94
C TYR A 14 -9.07 -4.39 5.21
N ASP A 15 -10.15 -4.44 5.99
CA ASP A 15 -10.18 -5.23 7.23
C ASP A 15 -9.78 -6.67 6.93
N LYS A 16 -10.04 -7.09 5.68
CA LYS A 16 -9.70 -8.43 5.23
C LYS A 16 -8.22 -8.71 5.46
N PHE A 17 -7.40 -7.73 5.11
CA PHE A 17 -5.96 -7.88 5.26
C PHE A 17 -5.56 -7.85 6.72
N MET A 18 -6.40 -7.21 7.55
CA MET A 18 -6.13 -7.15 8.98
C MET A 18 -6.25 -8.52 9.61
N GLU A 19 -7.12 -9.37 9.03
CA GLU A 19 -7.32 -10.71 9.56
C GLU A 19 -6.36 -11.74 8.96
N LYS A 20 -6.42 -11.91 7.63
CA LYS A 20 -5.56 -12.88 6.95
C LYS A 20 -4.10 -12.71 7.36
N MET A 21 -3.62 -11.47 7.33
CA MET A 21 -2.23 -11.19 7.69
C MET A 21 -2.08 -10.96 9.19
N GLY A 22 -3.16 -10.51 9.82
CA GLY A 22 -3.12 -10.26 11.25
C GLY A 22 -2.58 -8.88 11.57
N VAL A 23 -3.20 -7.86 10.99
CA VAL A 23 -2.77 -6.48 11.22
C VAL A 23 -3.48 -5.90 12.43
N ASN A 24 -2.70 -5.46 13.41
CA ASN A 24 -3.24 -4.89 14.63
C ASN A 24 -4.04 -3.63 14.36
N ILE A 25 -4.60 -3.07 15.41
CA ILE A 25 -5.40 -1.85 15.32
C ILE A 25 -4.52 -0.61 15.50
N VAL A 26 -3.48 -0.75 16.31
CA VAL A 26 -2.57 0.35 16.58
C VAL A 26 -2.08 1.00 15.29
N LYS A 27 -1.59 0.18 14.37
CA LYS A 27 -1.09 0.67 13.09
C LYS A 27 -2.23 0.81 12.08
N ARG A 28 -3.22 -0.06 12.20
CA ARG A 28 -4.38 -0.05 11.31
C ARG A 28 -5.32 1.11 11.62
N LYS A 29 -5.24 1.65 12.83
CA LYS A 29 -6.09 2.76 13.25
C LYS A 29 -6.13 3.86 12.19
N LEU A 30 -4.97 4.23 11.68
CA LEU A 30 -4.88 5.27 10.66
C LEU A 30 -4.74 4.65 9.27
N ALA A 31 -4.04 3.53 9.21
CA ALA A 31 -3.82 2.83 7.96
C ALA A 31 -5.11 2.20 7.43
N ALA A 32 -6.13 2.11 8.28
CA ALA A 32 -7.40 1.52 7.87
C ALA A 32 -7.99 2.21 6.65
N HIS A 33 -8.03 3.55 6.67
CA HIS A 33 -8.57 4.33 5.55
C HIS A 33 -8.86 5.76 5.94
N ASP A 34 -9.55 5.93 7.06
CA ASP A 34 -9.92 7.26 7.56
C ASP A 34 -8.72 8.17 7.67
N ASN A 35 -7.71 7.74 8.42
CA ASN A 35 -6.52 8.55 8.61
C ASN A 35 -5.31 7.92 7.94
N LEU A 36 -5.31 7.91 6.61
CA LEU A 36 -4.21 7.34 5.85
C LEU A 36 -3.79 8.26 4.71
N LYS A 37 -2.54 8.69 4.74
CA LYS A 37 -1.99 9.57 3.70
C LYS A 37 -0.88 8.87 2.96
N LEU A 38 -1.11 8.64 1.68
CA LEU A 38 -0.15 7.97 0.82
C LEU A 38 0.44 9.02 -0.12
N THR A 39 1.76 9.17 -0.12
CA THR A 39 2.39 10.18 -0.98
C THR A 39 3.34 9.56 -2.00
N ILE A 40 3.52 10.26 -3.12
CA ILE A 40 4.40 9.81 -4.18
C ILE A 40 5.34 10.93 -4.63
N THR A 41 6.65 10.70 -4.50
CA THR A 41 7.64 11.69 -4.89
C THR A 41 8.41 11.22 -6.12
N GLN A 42 9.30 12.09 -6.62
CA GLN A 42 10.09 11.76 -7.80
C GLN A 42 11.57 11.65 -7.46
N GLU A 43 12.15 10.50 -7.77
CA GLU A 43 13.57 10.25 -7.51
C GLU A 43 14.12 9.20 -8.47
N GLY A 44 14.60 9.65 -9.62
CA GLY A 44 15.14 8.73 -10.61
C GLY A 44 14.15 7.63 -10.95
N ASN A 45 14.64 6.39 -11.08
CA ASN A 45 13.76 5.26 -11.38
C ASN A 45 13.00 4.82 -10.14
N LYS A 46 13.21 5.51 -9.02
CA LYS A 46 12.54 5.15 -7.78
C LYS A 46 11.57 6.24 -7.34
N PHE A 47 10.51 5.82 -6.67
CA PHE A 47 9.50 6.73 -6.17
C PHE A 47 9.56 6.84 -4.65
N THR A 48 9.54 8.06 -4.14
CA THR A 48 9.60 8.26 -2.69
C THR A 48 8.20 8.32 -2.10
N VAL A 49 7.96 7.53 -1.07
CA VAL A 49 6.64 7.49 -0.43
C VAL A 49 6.66 8.18 0.93
N LYS A 50 5.77 9.15 1.09
CA LYS A 50 5.66 9.89 2.33
C LYS A 50 4.28 9.68 2.95
N GLU A 51 4.24 9.00 4.08
CA GLU A 51 2.98 8.71 4.76
C GLU A 51 2.73 9.71 5.90
N SER A 52 1.47 10.09 6.07
CA SER A 52 1.11 11.04 7.12
C SER A 52 -0.07 10.51 7.94
N SER A 53 -0.05 10.78 9.23
CA SER A 53 -1.11 10.34 10.13
C SER A 53 -1.32 11.35 11.25
N ALA A 54 -2.25 11.03 12.15
CA ALA A 54 -2.56 11.92 13.28
C ALA A 54 -1.95 11.39 14.58
N PHE A 55 -1.57 10.12 14.59
CA PHE A 55 -0.97 9.52 15.78
C PHE A 55 0.50 9.20 15.57
N ARG A 56 0.89 8.98 14.32
CA ARG A 56 2.28 8.68 14.00
C ARG A 56 2.59 9.00 12.53
N ASN A 57 3.73 8.51 12.06
CA ASN A 57 4.14 8.74 10.68
C ASN A 57 4.66 7.45 10.04
N ILE A 58 4.67 7.42 8.72
CA ILE A 58 5.15 6.25 7.98
C ILE A 58 5.72 6.65 6.64
N GLU A 59 6.51 5.76 6.04
CA GLU A 59 7.12 6.03 4.75
C GLU A 59 7.88 4.82 4.22
N VAL A 60 8.31 4.91 2.96
CA VAL A 60 9.04 3.82 2.33
C VAL A 60 9.36 4.15 0.87
N VAL A 61 10.64 4.08 0.51
CA VAL A 61 11.05 4.38 -0.85
C VAL A 61 10.69 3.23 -1.77
N PHE A 62 10.27 3.56 -2.99
CA PHE A 62 9.90 2.56 -3.98
C PHE A 62 10.74 2.71 -5.22
N GLU A 63 10.89 1.61 -5.93
CA GLU A 63 11.65 1.60 -7.16
C GLU A 63 11.09 0.55 -8.11
N LEU A 64 11.30 0.75 -9.38
CA LEU A 64 10.80 -0.19 -10.35
C LEU A 64 11.77 -1.36 -10.46
N GLY A 65 11.43 -2.46 -9.79
CA GLY A 65 12.28 -3.63 -9.81
C GLY A 65 12.94 -3.91 -8.47
N VAL A 66 12.32 -3.45 -7.41
CA VAL A 66 12.85 -3.63 -6.06
C VAL A 66 11.83 -4.34 -5.19
N THR A 67 12.31 -4.90 -4.10
CA THR A 67 11.45 -5.61 -3.17
C THR A 67 10.85 -4.65 -2.15
N PHE A 68 9.60 -4.91 -1.77
CA PHE A 68 8.90 -4.08 -0.81
C PHE A 68 9.27 -4.46 0.61
N ASN A 69 9.10 -3.53 1.53
CA ASN A 69 9.42 -3.76 2.93
C ASN A 69 8.41 -3.07 3.85
N TYR A 70 7.71 -3.86 4.64
CA TYR A 70 6.72 -3.33 5.58
C TYR A 70 6.48 -4.32 6.72
N ASN A 71 7.51 -4.54 7.51
CA ASN A 71 7.43 -5.47 8.64
C ASN A 71 6.96 -4.76 9.90
N LEU A 72 7.72 -3.74 10.32
CA LEU A 72 7.37 -2.98 11.52
C LEU A 72 7.41 -3.87 12.75
N ALA A 73 8.25 -3.51 13.71
CA ALA A 73 8.39 -4.27 14.94
C ALA A 73 7.04 -4.49 15.61
N ASP A 74 6.80 -5.72 16.05
CA ASP A 74 5.54 -6.07 16.70
C ASP A 74 4.35 -5.83 15.78
N GLY A 75 4.59 -5.92 14.48
CA GLY A 75 3.53 -5.73 13.51
C GLY A 75 3.40 -6.88 12.54
N THR A 76 4.25 -6.88 11.51
CA THR A 76 4.21 -7.93 10.51
C THR A 76 5.55 -8.04 9.78
N GLU A 77 5.54 -8.75 8.66
CA GLU A 77 6.75 -8.95 7.86
C GLU A 77 6.38 -9.23 6.41
N LEU A 78 5.96 -8.19 5.69
CA LEU A 78 5.56 -8.34 4.30
C LEU A 78 6.65 -7.85 3.35
N ARG A 79 7.16 -8.76 2.52
CA ARG A 79 8.21 -8.44 1.57
C ARG A 79 7.79 -8.82 0.15
N GLY A 80 7.68 -7.85 -0.74
CA GLY A 80 7.29 -8.15 -2.11
C GLY A 80 8.03 -7.31 -3.13
N THR A 81 7.28 -6.63 -4.01
CA THR A 81 7.89 -5.76 -5.02
C THR A 81 6.91 -4.70 -5.52
N TRP A 82 7.40 -3.82 -6.37
CA TRP A 82 6.59 -2.75 -6.94
C TRP A 82 7.05 -2.47 -8.37
N SER A 83 6.12 -2.47 -9.32
CA SER A 83 6.47 -2.22 -10.72
C SER A 83 5.44 -1.32 -11.38
N LEU A 84 5.90 -0.54 -12.35
CA LEU A 84 5.03 0.37 -13.08
C LEU A 84 5.06 0.06 -14.58
N GLU A 85 3.88 -0.17 -15.14
CA GLU A 85 3.75 -0.48 -16.55
C GLU A 85 3.01 0.63 -17.30
N GLY A 86 3.78 1.56 -17.87
CA GLY A 86 3.17 2.66 -18.59
C GLY A 86 2.28 3.50 -17.70
N ASN A 87 0.97 3.28 -17.81
CA ASN A 87 0.02 4.02 -17.00
C ASN A 87 -0.56 3.13 -15.91
N LYS A 88 0.16 2.05 -15.57
CA LYS A 88 -0.28 1.13 -14.54
C LYS A 88 0.77 0.96 -13.46
N LEU A 89 0.32 0.71 -12.23
CA LEU A 89 1.21 0.53 -11.10
C LEU A 89 0.87 -0.75 -10.34
N ILE A 90 1.86 -1.60 -10.10
CA ILE A 90 1.64 -2.86 -9.39
C ILE A 90 2.57 -3.01 -8.20
N GLY A 91 2.01 -3.47 -7.09
CA GLY A 91 2.77 -3.69 -5.88
C GLY A 91 2.50 -5.06 -5.31
N LYS A 92 3.43 -5.58 -4.53
CA LYS A 92 3.27 -6.90 -3.94
C LYS A 92 4.02 -7.04 -2.62
N PHE A 93 3.60 -8.01 -1.82
CA PHE A 93 4.24 -8.29 -0.54
C PHE A 93 4.29 -9.80 -0.30
N LYS A 94 5.01 -10.21 0.74
CA LYS A 94 5.11 -11.61 1.11
C LYS A 94 5.36 -11.74 2.61
N ARG A 95 4.49 -12.47 3.29
CA ARG A 95 4.62 -12.67 4.73
C ARG A 95 5.73 -13.66 5.06
N THR A 96 6.41 -13.41 6.16
CA THR A 96 7.50 -14.28 6.61
C THR A 96 6.95 -15.51 7.32
N ASP A 97 5.72 -15.41 7.82
CA ASP A 97 5.08 -16.52 8.52
C ASP A 97 5.17 -17.81 7.71
N ASN A 98 5.01 -17.69 6.39
CA ASN A 98 5.07 -18.84 5.50
C ASN A 98 5.23 -18.41 4.06
N GLY A 99 5.91 -17.27 3.85
CA GLY A 99 6.13 -16.76 2.52
C GLY A 99 4.82 -16.56 1.76
N ASN A 100 3.79 -16.13 2.46
CA ASN A 100 2.49 -15.90 1.83
C ASN A 100 2.62 -14.78 0.79
N GLU A 101 2.01 -14.99 -0.37
CA GLU A 101 2.06 -14.01 -1.45
C GLU A 101 1.02 -12.93 -1.27
N LEU A 102 1.35 -11.74 -1.75
CA LEU A 102 0.46 -10.60 -1.67
C LEU A 102 0.58 -9.74 -2.92
N ASN A 103 -0.47 -9.71 -3.71
CA ASN A 103 -0.50 -8.94 -4.95
C ASN A 103 -1.29 -7.65 -4.78
N THR A 104 -0.90 -6.65 -5.55
CA THR A 104 -1.56 -5.35 -5.52
C THR A 104 -1.55 -4.71 -6.91
N VAL A 105 -2.74 -4.50 -7.47
CA VAL A 105 -2.87 -3.89 -8.79
C VAL A 105 -3.53 -2.52 -8.71
N ARG A 106 -2.78 -1.50 -9.14
CA ARG A 106 -3.30 -0.13 -9.12
C ARG A 106 -3.45 0.41 -10.53
N GLU A 107 -4.70 0.69 -10.90
CA GLU A 107 -5.00 1.22 -12.24
C GLU A 107 -5.54 2.65 -12.14
N ILE A 108 -5.07 3.51 -13.03
CA ILE A 108 -5.52 4.90 -13.03
C ILE A 108 -6.93 5.02 -13.61
N ILE A 109 -7.93 4.77 -12.78
CA ILE A 109 -9.32 4.86 -13.22
C ILE A 109 -9.71 6.32 -13.34
N GLY A 110 -10.08 6.75 -14.55
CA GLY A 110 -10.46 8.13 -14.75
C GLY A 110 -9.44 9.09 -14.16
N ASP A 111 -9.92 9.91 -13.24
CA ASP A 111 -9.06 10.87 -12.55
C ASP A 111 -8.77 10.39 -11.13
N GLU A 112 -9.02 9.11 -10.88
CA GLU A 112 -8.79 8.51 -9.58
C GLU A 112 -8.04 7.19 -9.72
N LEU A 113 -7.72 6.57 -8.59
CA LEU A 113 -7.01 5.30 -8.60
C LEU A 113 -7.81 4.19 -7.94
N VAL A 114 -7.91 3.07 -8.64
CA VAL A 114 -8.62 1.90 -8.11
C VAL A 114 -7.61 0.84 -7.68
N GLN A 115 -7.46 0.67 -6.37
CA GLN A 115 -6.51 -0.28 -5.84
C GLN A 115 -7.14 -1.65 -5.55
N THR A 116 -6.40 -2.70 -5.88
CA THR A 116 -6.85 -4.07 -5.66
C THR A 116 -5.69 -4.91 -5.13
N TYR A 117 -5.82 -5.37 -3.90
CA TYR A 117 -4.78 -6.17 -3.27
C TYR A 117 -5.30 -7.57 -2.98
N VAL A 118 -4.39 -8.53 -2.87
CA VAL A 118 -4.77 -9.91 -2.57
C VAL A 118 -3.65 -10.65 -1.82
N TYR A 119 -4.02 -11.29 -0.72
CA TYR A 119 -3.07 -12.04 0.09
C TYR A 119 -3.70 -13.34 0.58
N GLU A 120 -3.13 -14.46 0.13
CA GLU A 120 -3.60 -15.79 0.50
C GLU A 120 -5.08 -15.81 0.91
N GLY A 121 -5.96 -16.02 -0.06
CA GLY A 121 -7.38 -16.09 0.24
C GLY A 121 -8.08 -14.75 0.31
N VAL A 122 -7.41 -13.74 0.85
CA VAL A 122 -8.01 -12.42 0.99
C VAL A 122 -7.67 -11.48 -0.16
N GLU A 123 -8.66 -10.65 -0.51
CA GLU A 123 -8.51 -9.65 -1.58
C GLU A 123 -9.21 -8.38 -1.17
N ALA A 124 -8.45 -7.29 -1.04
CA ALA A 124 -9.02 -6.01 -0.63
C ALA A 124 -8.79 -4.94 -1.68
N LYS A 125 -9.83 -4.17 -1.95
CA LYS A 125 -9.76 -3.08 -2.93
C LYS A 125 -9.77 -1.75 -2.21
N ARG A 126 -9.40 -0.68 -2.91
CA ARG A 126 -9.36 0.63 -2.30
C ARG A 126 -9.41 1.75 -3.33
N ILE A 127 -10.48 2.55 -3.27
CA ILE A 127 -10.62 3.68 -4.17
C ILE A 127 -9.80 4.85 -3.64
N PHE A 128 -9.12 5.55 -4.53
CA PHE A 128 -8.28 6.65 -4.11
C PHE A 128 -8.72 8.00 -4.69
N LYS A 129 -8.38 9.06 -3.98
CA LYS A 129 -8.68 10.43 -4.39
C LYS A 129 -7.53 11.33 -4.00
N LYS A 130 -7.45 12.51 -4.60
CA LYS A 130 -6.36 13.43 -4.29
C LYS A 130 -6.82 14.56 -3.39
N ASP A 131 -5.88 15.09 -2.60
CA ASP A 131 -6.16 16.18 -1.69
C ASP A 131 -6.41 17.48 -2.45
#